data_4WBF
# 
_entry.id   4WBF 
# 
_audit_conform.dict_name       mmcif_pdbx.dic 
_audit_conform.dict_version    5.380 
_audit_conform.dict_location   http://mmcif.pdb.org/dictionaries/ascii/mmcif_pdbx.dic 
# 
loop_
_database_2.database_id 
_database_2.database_code 
_database_2.pdbx_database_accession 
_database_2.pdbx_DOI 
PDB   4WBF         pdb_00004wbf 10.2210/pdb4wbf/pdb 
WWPDB D_1000203524 ?            ?                   
# 
_pdbx_database_related.db_name        PDB 
_pdbx_database_related.details        '4W98 is wild type of NDK' 
_pdbx_database_related.db_id          4W98 
_pdbx_database_related.content_type   unspecified 
# 
_pdbx_database_status.status_code                     REL 
_pdbx_database_status.status_code_sf                  REL 
_pdbx_database_status.status_code_mr                  ? 
_pdbx_database_status.entry_id                        4WBF 
_pdbx_database_status.recvd_initial_deposition_date   2014-09-03 
_pdbx_database_status.SG_entry                        N 
_pdbx_database_status.deposit_site                    RCSB 
_pdbx_database_status.process_site                    PDBJ 
_pdbx_database_status.status_code_cs                  ? 
_pdbx_database_status.methods_development_category    ? 
_pdbx_database_status.status_code_nmr_data            ? 
_pdbx_database_status.pdb_format_compatible           Y 
# 
loop_
_audit_author.name 
_audit_author.pdbx_ordinal 
'Hu, Y.'  1 
'Liu, Y.' 2 
# 
_citation.abstract                  ? 
_citation.abstract_id_CAS           ? 
_citation.book_id_ISBN              ? 
_citation.book_publisher            ? 
_citation.book_publisher_city       ? 
_citation.book_title                ? 
_citation.coordinate_linkage        ? 
_citation.country                   CN 
_citation.database_id_Medline       ? 
_citation.details                   ? 
_citation.id                        primary 
_citation.journal_abbrev            Prog.Biochem.Biophys. 
_citation.journal_id_ASTM           ? 
_citation.journal_id_CSD            ? 
_citation.journal_id_ISSN           1000-3282 
_citation.journal_full              ? 
_citation.journal_issue             ? 
_citation.journal_volume            42 
_citation.language                  ? 
_citation.page_first                260 
_citation.page_last                 267 
_citation.title                     
'Structural and Functional Characterization of Acinetobacter baumannii Nucleoside Diphosphate Kinase' 
_citation.year                      2015 
_citation.database_id_CSD           ? 
_citation.pdbx_database_id_DOI      10.16476/j.pibb.2014.0319 
_citation.pdbx_database_id_PubMed   ? 
_citation.unpublished_flag          ? 
# 
loop_
_citation_author.citation_id 
_citation_author.name 
_citation_author.ordinal 
_citation_author.identifier_ORCID 
primary 'Hu, Y.'   1 ? 
primary 'Feng, F.' 2 ? 
primary 'Liu, Y.'  3 ? 
# 
_cell.entry_id           4WBF 
_cell.length_a           60.330 
_cell.length_b           75.400 
_cell.length_c           82.120 
_cell.angle_alpha        90.00 
_cell.angle_beta         90.00 
_cell.angle_gamma        90.00 
_cell.Z_PDB              8 
_cell.pdbx_unique_axis   ? 
# 
_symmetry.entry_id                         4WBF 
_symmetry.cell_setting                     ? 
_symmetry.Int_Tables_number                23 
_symmetry.space_group_name_Hall            ? 
_symmetry.space_group_name_H-M             'I 2 2 2' 
_symmetry.pdbx_full_space_group_name_H-M   ? 
# 
loop_
_entity.id 
_entity.type 
_entity.src_method 
_entity.pdbx_description 
_entity.formula_weight 
_entity.pdbx_number_of_molecules 
_entity.pdbx_ec 
_entity.pdbx_mutation 
_entity.pdbx_fragment 
_entity.details 
1 polymer man 'Nucleoside diphosphate kinase' 15344.276 1  2.7.4.6 ? 'UNP residues 1-140' ? 
2 water   nat water                           18.015    34 ?       ? ?                    ? 
# 
_entity_name_com.entity_id   1 
_entity_name_com.name        'NDP kinase,Nucleoside-2-P kinase' 
# 
_entity_poly.entity_id                      1 
_entity_poly.type                           'polypeptide(L)' 
_entity_poly.nstd_linkage                   no 
_entity_poly.nstd_monomer                   no 
_entity_poly.pdbx_seq_one_letter_code       
;EFMAIERTLSIVKPDAVSKNHIGEIFARFEKAGLKIVATKMKHLSQADAEGFYAEHKERGFFGDLVAFMTSGPVVVSVLE
GENAVLAHREILGATNPKEAAPGTIRADFAVSIDENAAHGSDSVASAEREIAYFFADNEICP
;
_entity_poly.pdbx_seq_one_letter_code_can   
;EFMAIERTLSIVKPDAVSKNHIGEIFARFEKAGLKIVATKMKHLSQADAEGFYAEHKERGFFGDLVAFMTSGPVVVSVLE
GENAVLAHREILGATNPKEAAPGTIRADFAVSIDENAAHGSDSVASAEREIAYFFADNEICP
;
_entity_poly.pdbx_strand_id                 A 
_entity_poly.pdbx_target_identifier         ? 
# 
loop_
_entity_poly_seq.entity_id 
_entity_poly_seq.num 
_entity_poly_seq.mon_id 
_entity_poly_seq.hetero 
1 1   GLU n 
1 2   PHE n 
1 3   MET n 
1 4   ALA n 
1 5   ILE n 
1 6   GLU n 
1 7   ARG n 
1 8   THR n 
1 9   LEU n 
1 10  SER n 
1 11  ILE n 
1 12  VAL n 
1 13  LYS n 
1 14  PRO n 
1 15  ASP n 
1 16  ALA n 
1 17  VAL n 
1 18  SER n 
1 19  LYS n 
1 20  ASN n 
1 21  HIS n 
1 22  ILE n 
1 23  GLY n 
1 24  GLU n 
1 25  ILE n 
1 26  PHE n 
1 27  ALA n 
1 28  ARG n 
1 29  PHE n 
1 30  GLU n 
1 31  LYS n 
1 32  ALA n 
1 33  GLY n 
1 34  LEU n 
1 35  LYS n 
1 36  ILE n 
1 37  VAL n 
1 38  ALA n 
1 39  THR n 
1 40  LYS n 
1 41  MET n 
1 42  LYS n 
1 43  HIS n 
1 44  LEU n 
1 45  SER n 
1 46  GLN n 
1 47  ALA n 
1 48  ASP n 
1 49  ALA n 
1 50  GLU n 
1 51  GLY n 
1 52  PHE n 
1 53  TYR n 
1 54  ALA n 
1 55  GLU n 
1 56  HIS n 
1 57  LYS n 
1 58  GLU n 
1 59  ARG n 
1 60  GLY n 
1 61  PHE n 
1 62  PHE n 
1 63  GLY n 
1 64  ASP n 
1 65  LEU n 
1 66  VAL n 
1 67  ALA n 
1 68  PHE n 
1 69  MET n 
1 70  THR n 
1 71  SER n 
1 72  GLY n 
1 73  PRO n 
1 74  VAL n 
1 75  VAL n 
1 76  VAL n 
1 77  SER n 
1 78  VAL n 
1 79  LEU n 
1 80  GLU n 
1 81  GLY n 
1 82  GLU n 
1 83  ASN n 
1 84  ALA n 
1 85  VAL n 
1 86  LEU n 
1 87  ALA n 
1 88  HIS n 
1 89  ARG n 
1 90  GLU n 
1 91  ILE n 
1 92  LEU n 
1 93  GLY n 
1 94  ALA n 
1 95  THR n 
1 96  ASN n 
1 97  PRO n 
1 98  LYS n 
1 99  GLU n 
1 100 ALA n 
1 101 ALA n 
1 102 PRO n 
1 103 GLY n 
1 104 THR n 
1 105 ILE n 
1 106 ARG n 
1 107 ALA n 
1 108 ASP n 
1 109 PHE n 
1 110 ALA n 
1 111 VAL n 
1 112 SER n 
1 113 ILE n 
1 114 ASP n 
1 115 GLU n 
1 116 ASN n 
1 117 ALA n 
1 118 ALA n 
1 119 HIS n 
1 120 GLY n 
1 121 SER n 
1 122 ASP n 
1 123 SER n 
1 124 VAL n 
1 125 ALA n 
1 126 SER n 
1 127 ALA n 
1 128 GLU n 
1 129 ARG n 
1 130 GLU n 
1 131 ILE n 
1 132 ALA n 
1 133 TYR n 
1 134 PHE n 
1 135 PHE n 
1 136 ALA n 
1 137 ASP n 
1 138 ASN n 
1 139 GLU n 
1 140 ILE n 
1 141 CYS n 
1 142 PRO n 
# 
_entity_src_gen.entity_id                          1 
_entity_src_gen.pdbx_src_id                        1 
_entity_src_gen.pdbx_alt_source_flag               sample 
_entity_src_gen.pdbx_seq_type                      'Biological sequence' 
_entity_src_gen.pdbx_beg_seq_num                   1 
_entity_src_gen.pdbx_end_seq_num                   142 
_entity_src_gen.gene_src_common_name               ? 
_entity_src_gen.gene_src_genus                     ? 
_entity_src_gen.pdbx_gene_src_gene                 'ndk, ABSDF3006' 
_entity_src_gen.gene_src_species                   ? 
_entity_src_gen.gene_src_strain                    SDF 
_entity_src_gen.gene_src_tissue                    ? 
_entity_src_gen.gene_src_tissue_fraction           ? 
_entity_src_gen.gene_src_details                   ? 
_entity_src_gen.pdbx_gene_src_fragment             ? 
_entity_src_gen.pdbx_gene_src_scientific_name      'Acinetobacter baumannii' 
_entity_src_gen.pdbx_gene_src_ncbi_taxonomy_id     509170 
_entity_src_gen.pdbx_gene_src_variant              ? 
_entity_src_gen.pdbx_gene_src_cell_line            ? 
_entity_src_gen.pdbx_gene_src_atcc                 ? 
_entity_src_gen.pdbx_gene_src_organ                ? 
_entity_src_gen.pdbx_gene_src_organelle            ? 
_entity_src_gen.pdbx_gene_src_cell                 ? 
_entity_src_gen.pdbx_gene_src_cellular_location    ? 
_entity_src_gen.host_org_common_name               ? 
_entity_src_gen.pdbx_host_org_scientific_name      'Escherichia coli' 
_entity_src_gen.pdbx_host_org_ncbi_taxonomy_id     562 
_entity_src_gen.host_org_genus                     ? 
_entity_src_gen.pdbx_host_org_gene                 ? 
_entity_src_gen.pdbx_host_org_organ                ? 
_entity_src_gen.host_org_species                   ? 
_entity_src_gen.pdbx_host_org_tissue               ? 
_entity_src_gen.pdbx_host_org_tissue_fraction      ? 
_entity_src_gen.pdbx_host_org_strain               ? 
_entity_src_gen.pdbx_host_org_variant              ? 
_entity_src_gen.pdbx_host_org_cell_line            ? 
_entity_src_gen.pdbx_host_org_atcc                 ? 
_entity_src_gen.pdbx_host_org_culture_collection   ? 
_entity_src_gen.pdbx_host_org_cell                 ? 
_entity_src_gen.pdbx_host_org_organelle            ? 
_entity_src_gen.pdbx_host_org_cellular_location    ? 
_entity_src_gen.pdbx_host_org_vector_type          plasmid 
_entity_src_gen.pdbx_host_org_vector               ? 
_entity_src_gen.host_org_details                   ? 
_entity_src_gen.expression_system_id               ? 
_entity_src_gen.plasmid_name                       ? 
_entity_src_gen.plasmid_details                    ? 
_entity_src_gen.pdbx_description                   ? 
# 
_struct_ref.id                         1 
_struct_ref.db_name                    UNP 
_struct_ref.db_code                    NDK_ACIBS 
_struct_ref.pdbx_db_accession          B0VKS3 
_struct_ref.pdbx_db_isoform            ? 
_struct_ref.entity_id                  1 
_struct_ref.pdbx_seq_one_letter_code   
;MAIERTLSIVKPDAVSKNHIGEIFARFEKAGLKIVATKMKHLSQADAEGFYAEHKERGFFGDLVAFMTSGPVVVSVLEGE
NAVLAHREILGATNPKEAAPGTIRADFAVSIDENAAHGSDSVASAEREIAYFFADNEICP
;
_struct_ref.pdbx_align_begin           1 
# 
_struct_ref_seq.align_id                      1 
_struct_ref_seq.ref_id                        1 
_struct_ref_seq.pdbx_PDB_id_code              4WBF 
_struct_ref_seq.pdbx_strand_id                A 
_struct_ref_seq.seq_align_beg                 3 
_struct_ref_seq.pdbx_seq_align_beg_ins_code   ? 
_struct_ref_seq.seq_align_end                 142 
_struct_ref_seq.pdbx_seq_align_end_ins_code   ? 
_struct_ref_seq.pdbx_db_accession             B0VKS3 
_struct_ref_seq.db_align_beg                  1 
_struct_ref_seq.pdbx_db_align_beg_ins_code    ? 
_struct_ref_seq.db_align_end                  140 
_struct_ref_seq.pdbx_db_align_end_ins_code    ? 
_struct_ref_seq.pdbx_auth_seq_align_beg       1 
_struct_ref_seq.pdbx_auth_seq_align_end       140 
# 
loop_
_struct_ref_seq_dif.align_id 
_struct_ref_seq_dif.pdbx_pdb_id_code 
_struct_ref_seq_dif.mon_id 
_struct_ref_seq_dif.pdbx_pdb_strand_id 
_struct_ref_seq_dif.seq_num 
_struct_ref_seq_dif.pdbx_pdb_ins_code 
_struct_ref_seq_dif.pdbx_seq_db_name 
_struct_ref_seq_dif.pdbx_seq_db_accession_code 
_struct_ref_seq_dif.db_mon_id 
_struct_ref_seq_dif.pdbx_seq_db_seq_num 
_struct_ref_seq_dif.details 
_struct_ref_seq_dif.pdbx_auth_seq_num 
_struct_ref_seq_dif.pdbx_ordinal 
1 4WBF GLU A 1 ? UNP B0VKS3 ? ? 'expression tag' -1 1 
1 4WBF PHE A 2 ? UNP B0VKS3 ? ? 'expression tag' 0  2 
# 
loop_
_chem_comp.id 
_chem_comp.type 
_chem_comp.mon_nstd_flag 
_chem_comp.name 
_chem_comp.pdbx_synonyms 
_chem_comp.formula 
_chem_comp.formula_weight 
ALA 'L-peptide linking' y ALANINE         ? 'C3 H7 N O2'     89.093  
ARG 'L-peptide linking' y ARGININE        ? 'C6 H15 N4 O2 1' 175.209 
ASN 'L-peptide linking' y ASPARAGINE      ? 'C4 H8 N2 O3'    132.118 
ASP 'L-peptide linking' y 'ASPARTIC ACID' ? 'C4 H7 N O4'     133.103 
CYS 'L-peptide linking' y CYSTEINE        ? 'C3 H7 N O2 S'   121.158 
GLN 'L-peptide linking' y GLUTAMINE       ? 'C5 H10 N2 O3'   146.144 
GLU 'L-peptide linking' y 'GLUTAMIC ACID' ? 'C5 H9 N O4'     147.129 
GLY 'peptide linking'   y GLYCINE         ? 'C2 H5 N O2'     75.067  
HIS 'L-peptide linking' y HISTIDINE       ? 'C6 H10 N3 O2 1' 156.162 
HOH non-polymer         . WATER           ? 'H2 O'           18.015  
ILE 'L-peptide linking' y ISOLEUCINE      ? 'C6 H13 N O2'    131.173 
LEU 'L-peptide linking' y LEUCINE         ? 'C6 H13 N O2'    131.173 
LYS 'L-peptide linking' y LYSINE          ? 'C6 H15 N2 O2 1' 147.195 
MET 'L-peptide linking' y METHIONINE      ? 'C5 H11 N O2 S'  149.211 
PHE 'L-peptide linking' y PHENYLALANINE   ? 'C9 H11 N O2'    165.189 
PRO 'L-peptide linking' y PROLINE         ? 'C5 H9 N O2'     115.130 
SER 'L-peptide linking' y SERINE          ? 'C3 H7 N O3'     105.093 
THR 'L-peptide linking' y THREONINE       ? 'C4 H9 N O3'     119.119 
TYR 'L-peptide linking' y TYROSINE        ? 'C9 H11 N O3'    181.189 
VAL 'L-peptide linking' y VALINE          ? 'C5 H11 N O2'    117.146 
# 
_exptl.absorpt_coefficient_mu     ? 
_exptl.absorpt_correction_T_max   ? 
_exptl.absorpt_correction_T_min   ? 
_exptl.absorpt_correction_type    ? 
_exptl.absorpt_process_details    ? 
_exptl.entry_id                   4WBF 
_exptl.crystals_number            1 
_exptl.details                    ? 
_exptl.method                     'X-RAY DIFFRACTION' 
_exptl.method_details             ? 
# 
_exptl_crystal.colour                      ? 
_exptl_crystal.density_diffrn              ? 
_exptl_crystal.density_Matthews            3.08 
_exptl_crystal.density_method              ? 
_exptl_crystal.density_percent_sol         60.11 
_exptl_crystal.description                 ? 
_exptl_crystal.F_000                       ? 
_exptl_crystal.id                          1 
_exptl_crystal.preparation                 ? 
_exptl_crystal.size_max                    ? 
_exptl_crystal.size_mid                    ? 
_exptl_crystal.size_min                    ? 
_exptl_crystal.size_rad                    ? 
_exptl_crystal.colour_lustre               ? 
_exptl_crystal.colour_modifier             ? 
_exptl_crystal.colour_primary              ? 
_exptl_crystal.density_meas                ? 
_exptl_crystal.density_meas_esd            ? 
_exptl_crystal.density_meas_gt             ? 
_exptl_crystal.density_meas_lt             ? 
_exptl_crystal.density_meas_temp           ? 
_exptl_crystal.density_meas_temp_esd       ? 
_exptl_crystal.density_meas_temp_gt        ? 
_exptl_crystal.density_meas_temp_lt        ? 
_exptl_crystal.pdbx_crystal_image_url      ? 
_exptl_crystal.pdbx_crystal_image_format   ? 
_exptl_crystal.pdbx_mosaicity              ? 
_exptl_crystal.pdbx_mosaicity_esd          ? 
# 
_exptl_crystal_grow.apparatus       ? 
_exptl_crystal_grow.atmosphere      ? 
_exptl_crystal_grow.crystal_id      1 
_exptl_crystal_grow.details         ? 
_exptl_crystal_grow.method          'VAPOR DIFFUSION, HANGING DROP' 
_exptl_crystal_grow.method_ref      ? 
_exptl_crystal_grow.pH              7.0 
_exptl_crystal_grow.pressure        ? 
_exptl_crystal_grow.pressure_esd    ? 
_exptl_crystal_grow.seeding         ? 
_exptl_crystal_grow.seeding_ref     ? 
_exptl_crystal_grow.temp            289 
_exptl_crystal_grow.temp_details    ? 
_exptl_crystal_grow.temp_esd        ? 
_exptl_crystal_grow.time            ? 
_exptl_crystal_grow.pdbx_details    'Sodium malonate, HEPES, Jeffamine ED-2001' 
_exptl_crystal_grow.pdbx_pH_range   ? 
# 
_diffrn.ambient_environment    ? 
_diffrn.ambient_temp           180 
_diffrn.ambient_temp_details   ? 
_diffrn.ambient_temp_esd       ? 
_diffrn.crystal_id             1 
_diffrn.crystal_support        ? 
_diffrn.crystal_treatment      ? 
_diffrn.details                ? 
_diffrn.id                     1 
_diffrn.ambient_pressure       ? 
_diffrn.ambient_pressure_esd   ? 
_diffrn.ambient_pressure_gt    ? 
_diffrn.ambient_pressure_lt    ? 
_diffrn.ambient_temp_gt        ? 
_diffrn.ambient_temp_lt        ? 
# 
_diffrn_detector.details                      ? 
_diffrn_detector.detector                     CCD 
_diffrn_detector.diffrn_id                    1 
_diffrn_detector.type                         'RIGAKU SATURN 944' 
_diffrn_detector.area_resol_mean              ? 
_diffrn_detector.dtime                        ? 
_diffrn_detector.pdbx_frames_total            ? 
_diffrn_detector.pdbx_collection_time_total   ? 
_diffrn_detector.pdbx_collection_date         2014-09-01 
# 
_diffrn_radiation.collimation                      ? 
_diffrn_radiation.diffrn_id                        1 
_diffrn_radiation.filter_edge                      ? 
_diffrn_radiation.inhomogeneity                    ? 
_diffrn_radiation.monochromator                    ? 
_diffrn_radiation.polarisn_norm                    ? 
_diffrn_radiation.polarisn_ratio                   ? 
_diffrn_radiation.probe                            ? 
_diffrn_radiation.type                             ? 
_diffrn_radiation.xray_symbol                      ? 
_diffrn_radiation.wavelength_id                    1 
_diffrn_radiation.pdbx_monochromatic_or_laue_m_l   M 
_diffrn_radiation.pdbx_wavelength_list             ? 
_diffrn_radiation.pdbx_wavelength                  ? 
_diffrn_radiation.pdbx_diffrn_protocol             'SINGLE WAVELENGTH' 
_diffrn_radiation.pdbx_analyzer                    ? 
_diffrn_radiation.pdbx_scattering_type             x-ray 
# 
_diffrn_radiation_wavelength.id           1 
_diffrn_radiation_wavelength.wavelength   1.5419 
_diffrn_radiation_wavelength.wt           1.0 
# 
_diffrn_source.current                     ? 
_diffrn_source.details                     ? 
_diffrn_source.diffrn_id                   1 
_diffrn_source.power                       ? 
_diffrn_source.size                        ? 
_diffrn_source.source                      'ROTATING ANODE' 
_diffrn_source.target                      ? 
_diffrn_source.type                        'RIGAKU MICROMAX-007 HF' 
_diffrn_source.voltage                     ? 
_diffrn_source.take-off_angle              ? 
_diffrn_source.pdbx_wavelength_list        1.5419 
_diffrn_source.pdbx_wavelength             ? 
_diffrn_source.pdbx_synchrotron_beamline   ? 
_diffrn_source.pdbx_synchrotron_site       ? 
# 
_reflns.B_iso_Wilson_estimate            ? 
_reflns.entry_id                         4WBF 
_reflns.data_reduction_details           ? 
_reflns.data_reduction_method            ? 
_reflns.d_resolution_high                2.49 
_reflns.d_resolution_low                 47.11 
_reflns.details                          ? 
_reflns.limit_h_max                      ? 
_reflns.limit_h_min                      ? 
_reflns.limit_k_max                      ? 
_reflns.limit_k_min                      ? 
_reflns.limit_l_max                      ? 
_reflns.limit_l_min                      ? 
_reflns.number_all                       ? 
_reflns.number_obs                       6880 
_reflns.observed_criterion               ? 
_reflns.observed_criterion_F_max         ? 
_reflns.observed_criterion_F_min         ? 
_reflns.observed_criterion_I_max         ? 
_reflns.observed_criterion_I_min         ? 
_reflns.observed_criterion_sigma_F       ? 
_reflns.observed_criterion_sigma_I       ? 
_reflns.percent_possible_obs             100.0 
_reflns.R_free_details                   ? 
_reflns.Rmerge_F_all                     ? 
_reflns.Rmerge_F_obs                     ? 
_reflns.Friedel_coverage                 ? 
_reflns.number_gt                        ? 
_reflns.threshold_expression             ? 
_reflns.pdbx_redundancy                  6.2 
_reflns.pdbx_Rmerge_I_obs                ? 
_reflns.pdbx_Rmerge_I_all                ? 
_reflns.pdbx_Rsym_value                  ? 
_reflns.pdbx_netI_over_av_sigmaI         ? 
_reflns.pdbx_netI_over_sigmaI            7.3 
_reflns.pdbx_res_netI_over_av_sigmaI_2   ? 
_reflns.pdbx_res_netI_over_sigmaI_2      ? 
_reflns.pdbx_chi_squared                 ? 
_reflns.pdbx_scaling_rejects             ? 
_reflns.pdbx_d_res_high_opt              ? 
_reflns.pdbx_d_res_low_opt               ? 
_reflns.pdbx_d_res_opt_method            ? 
_reflns.phase_calculation_details        ? 
_reflns.pdbx_Rrim_I_all                  ? 
_reflns.pdbx_Rpim_I_all                  ? 
_reflns.pdbx_d_opt                       ? 
_reflns.pdbx_number_measured_all         ? 
_reflns.pdbx_diffrn_id                   1 
_reflns.pdbx_ordinal                     1 
_reflns.pdbx_CC_half                     ? 
_reflns.pdbx_R_split                     ? 
# 
_refine.aniso_B[1][1]                            ? 
_refine.aniso_B[1][2]                            ? 
_refine.aniso_B[1][3]                            ? 
_refine.aniso_B[2][2]                            ? 
_refine.aniso_B[2][3]                            ? 
_refine.aniso_B[3][3]                            ? 
_refine.B_iso_max                                ? 
_refine.B_iso_mean                               ? 
_refine.B_iso_min                                ? 
_refine.correlation_coeff_Fo_to_Fc               ? 
_refine.correlation_coeff_Fo_to_Fc_free          ? 
_refine.details                                  ? 
_refine.diff_density_max                         ? 
_refine.diff_density_max_esd                     ? 
_refine.diff_density_min                         ? 
_refine.diff_density_min_esd                     ? 
_refine.diff_density_rms                         ? 
_refine.diff_density_rms_esd                     ? 
_refine.entry_id                                 4WBF 
_refine.pdbx_refine_id                           'X-RAY DIFFRACTION' 
_refine.ls_abs_structure_details                 ? 
_refine.ls_abs_structure_Flack                   ? 
_refine.ls_abs_structure_Flack_esd               ? 
_refine.ls_abs_structure_Rogers                  ? 
_refine.ls_abs_structure_Rogers_esd              ? 
_refine.ls_d_res_high                            2.640 
_refine.ls_d_res_low                             47.107 
_refine.ls_extinction_coef                       ? 
_refine.ls_extinction_coef_esd                   ? 
_refine.ls_extinction_expression                 ? 
_refine.ls_extinction_method                     ? 
_refine.ls_goodness_of_fit_all                   ? 
_refine.ls_goodness_of_fit_all_esd               ? 
_refine.ls_goodness_of_fit_obs                   ? 
_refine.ls_goodness_of_fit_obs_esd               ? 
_refine.ls_hydrogen_treatment                    ? 
_refine.ls_matrix_type                           ? 
_refine.ls_number_constraints                    ? 
_refine.ls_number_parameters                     ? 
_refine.ls_number_reflns_all                     ? 
_refine.ls_number_reflns_obs                     5655 
_refine.ls_number_reflns_R_free                  550 
_refine.ls_number_reflns_R_work                  ? 
_refine.ls_number_restraints                     ? 
_refine.ls_percent_reflns_obs                    98.30 
_refine.ls_percent_reflns_R_free                 9.73 
_refine.ls_R_factor_all                          ? 
_refine.ls_R_factor_obs                          0.2068 
_refine.ls_R_factor_R_free                       0.2581 
_refine.ls_R_factor_R_free_error                 ? 
_refine.ls_R_factor_R_free_error_details         ? 
_refine.ls_R_factor_R_work                       0.2010 
_refine.ls_R_Fsqd_factor_obs                     ? 
_refine.ls_R_I_factor_obs                        ? 
_refine.ls_redundancy_reflns_all                 ? 
_refine.ls_redundancy_reflns_obs                 ? 
_refine.ls_restrained_S_all                      ? 
_refine.ls_restrained_S_obs                      ? 
_refine.ls_shift_over_esd_max                    ? 
_refine.ls_shift_over_esd_mean                   ? 
_refine.ls_structure_factor_coef                 ? 
_refine.ls_weighting_details                     ? 
_refine.ls_weighting_scheme                      ? 
_refine.ls_wR_factor_all                         ? 
_refine.ls_wR_factor_obs                         ? 
_refine.ls_wR_factor_R_free                      ? 
_refine.ls_wR_factor_R_work                      ? 
_refine.occupancy_max                            ? 
_refine.occupancy_min                            ? 
_refine.solvent_model_details                    'FLAT BULK SOLVENT MODEL' 
_refine.solvent_model_param_bsol                 ? 
_refine.solvent_model_param_ksol                 ? 
_refine.ls_R_factor_gt                           ? 
_refine.ls_goodness_of_fit_gt                    ? 
_refine.ls_goodness_of_fit_ref                   ? 
_refine.ls_shift_over_su_max                     ? 
_refine.ls_shift_over_su_max_lt                  ? 
_refine.ls_shift_over_su_mean                    ? 
_refine.ls_shift_over_su_mean_lt                 ? 
_refine.pdbx_ls_sigma_I                          ? 
_refine.pdbx_ls_sigma_F                          0.00 
_refine.pdbx_ls_sigma_Fsqd                       ? 
_refine.pdbx_data_cutoff_high_absF               ? 
_refine.pdbx_data_cutoff_high_rms_absF           ? 
_refine.pdbx_data_cutoff_low_absF                ? 
_refine.pdbx_isotropic_thermal_model             ? 
_refine.pdbx_ls_cross_valid_method               'FREE R-VALUE' 
_refine.pdbx_method_to_determine_struct          'MOLECULAR REPLACEMENT' 
_refine.pdbx_starting_model                      4W98 
_refine.pdbx_stereochemistry_target_values       ML 
_refine.pdbx_R_Free_selection_details            ? 
_refine.pdbx_stereochem_target_val_spec_case     ? 
_refine.pdbx_overall_ESU_R                       ? 
_refine.pdbx_overall_ESU_R_Free                  ? 
_refine.pdbx_solvent_vdw_probe_radii             1.11 
_refine.pdbx_solvent_ion_probe_radii             ? 
_refine.pdbx_solvent_shrinkage_radii             0.90 
_refine.pdbx_real_space_R                        ? 
_refine.pdbx_density_correlation                 ? 
_refine.pdbx_pd_number_of_powder_patterns        ? 
_refine.pdbx_pd_number_of_points                 ? 
_refine.pdbx_pd_meas_number_of_points            ? 
_refine.pdbx_pd_proc_ls_prof_R_factor            ? 
_refine.pdbx_pd_proc_ls_prof_wR_factor           ? 
_refine.pdbx_pd_Marquardt_correlation_coeff      ? 
_refine.pdbx_pd_Fsqrd_R_factor                   ? 
_refine.pdbx_pd_ls_matrix_band_width             ? 
_refine.pdbx_overall_phase_error                 23.88 
_refine.pdbx_overall_SU_R_free_Cruickshank_DPI   ? 
_refine.pdbx_overall_SU_R_free_Blow_DPI          ? 
_refine.pdbx_overall_SU_R_Blow_DPI               ? 
_refine.pdbx_TLS_residual_ADP_flag               ? 
_refine.pdbx_diffrn_id                           1 
_refine.overall_SU_B                             ? 
_refine.overall_SU_ML                            0.34 
_refine.overall_SU_R_Cruickshank_DPI             ? 
_refine.overall_SU_R_free                        ? 
_refine.overall_FOM_free_R_set                   ? 
_refine.overall_FOM_work_R_set                   ? 
# 
_refine_hist.pdbx_refine_id                   'X-RAY DIFFRACTION' 
_refine_hist.cycle_id                         LAST 
_refine_hist.pdbx_number_atoms_protein        1066 
_refine_hist.pdbx_number_atoms_nucleic_acid   0 
_refine_hist.pdbx_number_atoms_ligand         0 
_refine_hist.number_atoms_solvent             34 
_refine_hist.number_atoms_total               1100 
_refine_hist.d_res_high                       2.640 
_refine_hist.d_res_low                        47.107 
# 
loop_
_refine_ls_restr.pdbx_refine_id 
_refine_ls_restr.criterion 
_refine_ls_restr.dev_ideal 
_refine_ls_restr.dev_ideal_target 
_refine_ls_restr.number 
_refine_ls_restr.rejects 
_refine_ls_restr.type 
_refine_ls_restr.weight 
_refine_ls_restr.pdbx_restraint_function 
'X-RAY DIFFRACTION' ? 0.009  ? 1086 ? f_bond_d           ? ? 
'X-RAY DIFFRACTION' ? 1.102  ? 1465 ? f_angle_d          ? ? 
'X-RAY DIFFRACTION' ? 15.058 ? 389  ? f_dihedral_angle_d ? ? 
'X-RAY DIFFRACTION' ? 0.042  ? 163  ? f_chiral_restr     ? ? 
'X-RAY DIFFRACTION' ? 0.004  ? 194  ? f_plane_restr      ? ? 
# 
loop_
_refine_ls_shell.pdbx_refine_id 
_refine_ls_shell.d_res_high 
_refine_ls_shell.d_res_low 
_refine_ls_shell.number_reflns_all 
_refine_ls_shell.number_reflns_obs 
_refine_ls_shell.number_reflns_R_free 
_refine_ls_shell.number_reflns_R_work 
_refine_ls_shell.percent_reflns_obs 
_refine_ls_shell.percent_reflns_R_free 
_refine_ls_shell.R_factor_all 
_refine_ls_shell.R_factor_obs 
_refine_ls_shell.R_factor_R_free 
_refine_ls_shell.R_factor_R_free_error 
_refine_ls_shell.R_factor_R_work 
_refine_ls_shell.redundancy_reflns_all 
_refine_ls_shell.redundancy_reflns_obs 
_refine_ls_shell.wR_factor_all 
_refine_ls_shell.wR_factor_obs 
_refine_ls_shell.wR_factor_R_free 
_refine_ls_shell.wR_factor_R_work 
_refine_ls_shell.pdbx_total_number_of_bins_used 
_refine_ls_shell.pdbx_phase_error 
'X-RAY DIFFRACTION' 2.6404 2.9061  . . 128 1213 97.00 . . . 0.3149 . 0.2539 . . . . . . . . 
'X-RAY DIFFRACTION' 2.9061 3.3265  . . 138 1271 99.00 . . . 0.3317 . 0.2304 . . . . . . . . 
'X-RAY DIFFRACTION' 3.3265 4.1906  . . 134 1269 99.00 . . . 0.2402 . 0.1742 . . . . . . . . 
'X-RAY DIFFRACTION' 4.1906 47.1142 . . 150 1352 99.00 . . . 0.2018 . 0.1785 . . . . . . . . 
# 
_struct.entry_id                     4WBF 
_struct.title                        'Acinetobacter baumannii SDF NDK' 
_struct.pdbx_model_details           ? 
_struct.pdbx_formula_weight          ? 
_struct.pdbx_formula_weight_method   ? 
_struct.pdbx_model_type_details      ? 
_struct.pdbx_CASP_flag               ? 
# 
_struct_keywords.entry_id        4WBF 
_struct_keywords.text            'kinase, TRANSFERASE' 
_struct_keywords.pdbx_keywords   TRANSFERASE 
# 
loop_
_struct_asym.id 
_struct_asym.pdbx_blank_PDB_chainid_flag 
_struct_asym.pdbx_modified 
_struct_asym.entity_id 
_struct_asym.details 
A N N 1 ? 
B N N 2 ? 
# 
loop_
_struct_conf.conf_type_id 
_struct_conf.id 
_struct_conf.pdbx_PDB_helix_id 
_struct_conf.beg_label_comp_id 
_struct_conf.beg_label_asym_id 
_struct_conf.beg_label_seq_id 
_struct_conf.pdbx_beg_PDB_ins_code 
_struct_conf.end_label_comp_id 
_struct_conf.end_label_asym_id 
_struct_conf.end_label_seq_id 
_struct_conf.pdbx_end_PDB_ins_code 
_struct_conf.beg_auth_comp_id 
_struct_conf.beg_auth_asym_id 
_struct_conf.beg_auth_seq_id 
_struct_conf.end_auth_comp_id 
_struct_conf.end_auth_asym_id 
_struct_conf.end_auth_seq_id 
_struct_conf.pdbx_PDB_helix_class 
_struct_conf.details 
_struct_conf.pdbx_PDB_helix_length 
HELX_P HELX_P1  AA1 LYS A 13  ? LYS A 19  ? LYS A 11  LYS A 17  1 ? 7  
HELX_P HELX_P2  AA2 HIS A 21  ? ALA A 32  ? HIS A 19  ALA A 30  1 ? 12 
HELX_P HELX_P3  AA3 SER A 45  ? TYR A 53  ? SER A 43  TYR A 51  1 ? 9  
HELX_P HELX_P4  AA4 ALA A 54  ? LYS A 57  ? ALA A 52  LYS A 55  5 ? 4  
HELX_P HELX_P5  AA5 PHE A 61  ? THR A 70  ? PHE A 59  THR A 68  1 ? 10 
HELX_P HELX_P6  AA6 ASN A 83  ? GLY A 93  ? ASN A 81  GLY A 91  1 ? 11 
HELX_P HELX_P7  AA7 ASN A 96  ? ALA A 100 ? ASN A 94  ALA A 98  5 ? 5  
HELX_P HELX_P8  AA8 THR A 104 ? ALA A 110 ? THR A 102 ALA A 108 1 ? 7  
HELX_P HELX_P9  AA9 SER A 123 ? PHE A 135 ? SER A 121 PHE A 133 1 ? 13 
HELX_P HELX_P10 AB1 ALA A 136 ? ILE A 140 ? ALA A 134 ILE A 138 5 ? 5  
# 
_struct_conf_type.id          HELX_P 
_struct_conf_type.criteria    ? 
_struct_conf_type.reference   ? 
# 
_struct_sheet.id               AA1 
_struct_sheet.type             ? 
_struct_sheet.number_strands   4 
_struct_sheet.details          ? 
# 
loop_
_struct_sheet_order.sheet_id 
_struct_sheet_order.range_id_1 
_struct_sheet_order.range_id_2 
_struct_sheet_order.offset 
_struct_sheet_order.sense 
AA1 1 2 ? anti-parallel 
AA1 2 3 ? anti-parallel 
AA1 3 4 ? anti-parallel 
# 
loop_
_struct_sheet_range.sheet_id 
_struct_sheet_range.id 
_struct_sheet_range.beg_label_comp_id 
_struct_sheet_range.beg_label_asym_id 
_struct_sheet_range.beg_label_seq_id 
_struct_sheet_range.pdbx_beg_PDB_ins_code 
_struct_sheet_range.end_label_comp_id 
_struct_sheet_range.end_label_asym_id 
_struct_sheet_range.end_label_seq_id 
_struct_sheet_range.pdbx_end_PDB_ins_code 
_struct_sheet_range.beg_auth_comp_id 
_struct_sheet_range.beg_auth_asym_id 
_struct_sheet_range.beg_auth_seq_id 
_struct_sheet_range.end_auth_comp_id 
_struct_sheet_range.end_auth_asym_id 
_struct_sheet_range.end_auth_seq_id 
AA1 1 LYS A 35  ? LYS A 42  ? LYS A 33  LYS A 40  
AA1 2 VAL A 74  ? GLU A 82  ? VAL A 72  GLU A 80  
AA1 3 ILE A 5   ? VAL A 12  ? ILE A 3   VAL A 10  
AA1 4 ALA A 118 ? GLY A 120 ? ALA A 116 GLY A 118 
# 
loop_
_pdbx_struct_sheet_hbond.sheet_id 
_pdbx_struct_sheet_hbond.range_id_1 
_pdbx_struct_sheet_hbond.range_id_2 
_pdbx_struct_sheet_hbond.range_1_label_atom_id 
_pdbx_struct_sheet_hbond.range_1_label_comp_id 
_pdbx_struct_sheet_hbond.range_1_label_asym_id 
_pdbx_struct_sheet_hbond.range_1_label_seq_id 
_pdbx_struct_sheet_hbond.range_1_PDB_ins_code 
_pdbx_struct_sheet_hbond.range_1_auth_atom_id 
_pdbx_struct_sheet_hbond.range_1_auth_comp_id 
_pdbx_struct_sheet_hbond.range_1_auth_asym_id 
_pdbx_struct_sheet_hbond.range_1_auth_seq_id 
_pdbx_struct_sheet_hbond.range_2_label_atom_id 
_pdbx_struct_sheet_hbond.range_2_label_comp_id 
_pdbx_struct_sheet_hbond.range_2_label_asym_id 
_pdbx_struct_sheet_hbond.range_2_label_seq_id 
_pdbx_struct_sheet_hbond.range_2_PDB_ins_code 
_pdbx_struct_sheet_hbond.range_2_auth_atom_id 
_pdbx_struct_sheet_hbond.range_2_auth_comp_id 
_pdbx_struct_sheet_hbond.range_2_auth_asym_id 
_pdbx_struct_sheet_hbond.range_2_auth_seq_id 
AA1 1 2 N LYS A 42 ? N LYS A 40 O VAL A 74  ? O VAL A 72  
AA1 2 3 O SER A 77 ? O SER A 75 N SER A 10  ? N SER A 8   
AA1 3 4 N ILE A 11 ? N ILE A 9  O HIS A 119 ? O HIS A 117 
# 
_atom_sites.entry_id                    4WBF 
_atom_sites.fract_transf_matrix[1][1]   0.00854215 
_atom_sites.fract_transf_matrix[1][2]   0.01398261 
_atom_sites.fract_transf_matrix[1][3]   0.00250641 
_atom_sites.fract_transf_matrix[2][1]   0.00763697 
_atom_sites.fract_transf_matrix[2][2]   -0.00278709 
_atom_sites.fract_transf_matrix[2][3]   -0.01047931 
_atom_sites.fract_transf_matrix[3][1]   -0.00772904 
_atom_sites.fract_transf_matrix[3][2]   0.00601835 
_atom_sites.fract_transf_matrix[3][3]   -0.00723331 
_atom_sites.fract_transf_vector[1]      -0.128998 
_atom_sites.fract_transf_vector[2]      -0.200704 
_atom_sites.fract_transf_vector[3]      -0.123024 
# 
loop_
_atom_type.symbol 
C 
N 
O 
S 
# 
loop_
_atom_site.group_PDB 
_atom_site.id 
_atom_site.type_symbol 
_atom_site.label_atom_id 
_atom_site.label_alt_id 
_atom_site.label_comp_id 
_atom_site.label_asym_id 
_atom_site.label_entity_id 
_atom_site.label_seq_id 
_atom_site.pdbx_PDB_ins_code 
_atom_site.Cartn_x 
_atom_site.Cartn_y 
_atom_site.Cartn_z 
_atom_site.occupancy 
_atom_site.B_iso_or_equiv 
_atom_site.pdbx_formal_charge 
_atom_site.auth_seq_id 
_atom_site.auth_comp_id 
_atom_site.auth_asym_id 
_atom_site.auth_atom_id 
_atom_site.pdbx_PDB_model_num 
ATOM   1    N N   . GLU A 1 1   ? 16.699  13.998  16.244  1.00 36.92 ? -1  GLU A N   1 
ATOM   2    C CA  . GLU A 1 1   ? 15.654  12.974  16.216  1.00 35.75 ? -1  GLU A CA  1 
ATOM   3    C C   . GLU A 1 1   ? 16.098  11.666  16.885  1.00 34.17 ? -1  GLU A C   1 
ATOM   4    O O   . GLU A 1 1   ? 17.158  11.607  17.513  1.00 35.95 ? -1  GLU A O   1 
ATOM   5    C CB  . GLU A 1 1   ? 15.217  12.700  14.777  1.00 26.88 ? -1  GLU A CB  1 
ATOM   6    C CG  . GLU A 1 1   ? 16.358  12.275  13.880  1.00 40.64 ? -1  GLU A CG  1 
ATOM   7    C CD  . GLU A 1 1   ? 15.896  11.394  12.750  1.00 45.19 ? -1  GLU A CD  1 
ATOM   8    O OE1 . GLU A 1 1   ? 14.667  11.173  12.677  1.00 50.98 ? -1  GLU A OE1 1 
ATOM   9    O OE2 . GLU A 1 1   ? 16.745  10.928  11.946  1.00 31.56 ? -1  GLU A OE2 1 
ATOM   10   N N   . PHE A 1 2   ? 15.287  10.618  16.726  1.00 31.75 ? 0   PHE A N   1 
ATOM   11   C CA  . PHE A 1 2   ? 15.376  9.420   17.568  1.00 28.77 ? 0   PHE A CA  1 
ATOM   12   C C   . PHE A 1 2   ? 15.253  8.105   16.804  1.00 29.43 ? 0   PHE A C   1 
ATOM   13   O O   . PHE A 1 2   ? 15.974  7.149   17.080  1.00 31.22 ? 0   PHE A O   1 
ATOM   14   C CB  . PHE A 1 2   ? 14.296  9.482   18.648  1.00 25.89 ? 0   PHE A CB  1 
ATOM   15   C CG  . PHE A 1 2   ? 14.275  10.779  19.383  1.00 22.31 ? 0   PHE A CG  1 
ATOM   16   C CD1 . PHE A 1 2   ? 15.078  10.968  20.495  1.00 28.88 ? 0   PHE A CD1 1 
ATOM   17   C CD2 . PHE A 1 2   ? 13.493  11.831  18.941  1.00 26.78 ? 0   PHE A CD2 1 
ATOM   18   C CE1 . PHE A 1 2   ? 15.083  12.177  21.169  1.00 28.03 ? 0   PHE A CE1 1 
ATOM   19   C CE2 . PHE A 1 2   ? 13.493  13.040  19.612  1.00 22.52 ? 0   PHE A CE2 1 
ATOM   20   C CZ  . PHE A 1 2   ? 14.291  13.211  20.723  1.00 20.78 ? 0   PHE A CZ  1 
ATOM   21   N N   . MET A 1 3   ? 14.330  8.053   15.854  1.00 31.59 ? 1   MET A N   1 
ATOM   22   C CA  . MET A 1 3   ? 14.186  6.881   14.999  1.00 29.06 ? 1   MET A CA  1 
ATOM   23   C C   . MET A 1 3   ? 14.707  7.192   13.591  1.00 23.17 ? 1   MET A C   1 
ATOM   24   O O   . MET A 1 3   ? 14.612  8.317   13.116  1.00 19.04 ? 1   MET A O   1 
ATOM   25   C CB  . MET A 1 3   ? 12.720  6.424   14.973  1.00 22.89 ? 1   MET A CB  1 
ATOM   26   C CG  . MET A 1 3   ? 12.241  5.884   16.329  1.00 22.73 ? 1   MET A CG  1 
ATOM   27   S SD  . MET A 1 3   ? 10.510  5.381   16.433  1.00 46.37 ? 1   MET A SD  1 
ATOM   28   C CE  . MET A 1 3   ? 9.656   6.926   16.111  1.00 22.37 ? 1   MET A CE  1 
ATOM   29   N N   . ALA A 1 4   ? 15.291  6.198   12.937  1.00 21.71 ? 2   ALA A N   1 
ATOM   30   C CA  . ALA A 1 4   ? 15.758  6.387   11.570  1.00 17.67 ? 2   ALA A CA  1 
ATOM   31   C C   . ALA A 1 4   ? 14.601  6.773   10.657  1.00 19.27 ? 2   ALA A C   1 
ATOM   32   O O   . ALA A 1 4   ? 13.491  6.247   10.775  1.00 20.43 ? 2   ALA A O   1 
ATOM   33   C CB  . ALA A 1 4   ? 16.429  5.135   11.065  1.00 14.48 ? 2   ALA A CB  1 
ATOM   34   N N   . ILE A 1 5   ? 14.859  7.707   9.752   1.00 18.80 ? 3   ILE A N   1 
ATOM   35   C CA  . ILE A 1 5   ? 13.848  8.124   8.803   1.00 13.36 ? 3   ILE A CA  1 
ATOM   36   C C   . ILE A 1 5   ? 13.811  7.129   7.653   1.00 13.83 ? 3   ILE A C   1 
ATOM   37   O O   . ILE A 1 5   ? 14.801  6.924   6.961   1.00 13.83 ? 3   ILE A O   1 
ATOM   38   C CB  . ILE A 1 5   ? 14.109  9.558   8.301   1.00 22.24 ? 3   ILE A CB  1 
ATOM   39   C CG1 . ILE A 1 5   ? 13.679  10.573  9.362   1.00 15.88 ? 3   ILE A CG1 1 
ATOM   40   C CG2 . ILE A 1 5   ? 13.357  9.839   7.011   1.00 17.76 ? 3   ILE A CG2 1 
ATOM   41   C CD1 . ILE A 1 5   ? 13.722  12.002  8.850   1.00 25.79 ? 3   ILE A CD1 1 
ATOM   42   N N   . GLU A 1 6   ? 12.652  6.502   7.463   1.00 21.17 ? 4   GLU A N   1 
ATOM   43   C CA  . GLU A 1 6   ? 12.505  5.421   6.495   1.00 18.52 ? 4   GLU A CA  1 
ATOM   44   C C   . GLU A 1 6   ? 11.529  5.757   5.376   1.00 11.55 ? 4   GLU A C   1 
ATOM   45   O O   . GLU A 1 6   ? 10.775  6.712   5.482   1.00 14.49 ? 4   GLU A O   1 
ATOM   46   C CB  . GLU A 1 6   ? 12.065  4.147   7.217   1.00 19.45 ? 4   GLU A CB  1 
ATOM   47   C CG  . GLU A 1 6   ? 13.154  3.578   8.122   1.00 17.78 ? 4   GLU A CG  1 
ATOM   48   C CD  . GLU A 1 6   ? 12.656  2.471   9.032   1.00 19.15 ? 4   GLU A CD  1 
ATOM   49   O OE1 . GLU A 1 6   ? 11.422  2.282   9.118   1.00 11.23 ? 4   GLU A OE1 1 
ATOM   50   O OE2 . GLU A 1 6   ? 13.505  1.803   9.673   1.00 27.29 ? 4   GLU A OE2 1 
ATOM   51   N N   . ARG A 1 7   ? 11.571  4.977   4.298   1.00 15.01 ? 5   ARG A N   1 
ATOM   52   C CA  . ARG A 1 7   ? 10.645  5.126   3.164   1.00 12.76 ? 5   ARG A CA  1 
ATOM   53   C C   . ARG A 1 7   ? 9.896   3.824   2.907   1.00 7.49  ? 5   ARG A C   1 
ATOM   54   O O   . ARG A 1 7   ? 10.494  2.759   2.931   1.00 8.10  ? 5   ARG A O   1 
ATOM   55   C CB  . ARG A 1 7   ? 11.399  5.550   1.899   1.00 10.04 ? 5   ARG A CB  1 
ATOM   56   C CG  . ARG A 1 7   ? 11.809  7.004   1.868   1.00 9.99  ? 5   ARG A CG  1 
ATOM   57   C CD  . ARG A 1 7   ? 12.731  7.254   0.693   1.00 15.72 ? 5   ARG A CD  1 
ATOM   58   N NE  . ARG A 1 7   ? 13.086  8.661   0.527   1.00 16.98 ? 5   ARG A NE  1 
ATOM   59   C CZ  . ARG A 1 7   ? 13.671  9.162   -0.560  1.00 24.18 ? 5   ARG A CZ  1 
ATOM   60   N NH1 . ARG A 1 7   ? 13.953  8.363   -1.586  1.00 15.92 ? 5   ARG A NH1 1 
ATOM   61   N NH2 . ARG A 1 7   ? 13.960  10.464  -0.626  1.00 21.97 ? 5   ARG A NH2 1 
ATOM   62   N N   . THR A 1 8   ? 8.597   3.901   2.646   1.00 7.91  ? 6   THR A N   1 
ATOM   63   C CA  . THR A 1 8   ? 7.800   2.681   2.480   1.00 9.97  ? 6   THR A CA  1 
ATOM   64   C C   . THR A 1 8   ? 6.782   2.843   1.312   1.00 11.76 ? 6   THR A C   1 
ATOM   65   O O   . THR A 1 8   ? 6.355   3.970   1.001   1.00 8.09  ? 6   THR A O   1 
ATOM   66   C CB  . THR A 1 8   ? 7.103   2.294   3.869   1.00 10.71 ? 6   THR A CB  1 
ATOM   67   O OG1 . THR A 1 8   ? 6.421   1.035   3.779   1.00 10.47 ? 6   THR A OG1 1 
ATOM   68   C CG2 . THR A 1 8   ? 6.133   3.387   4.379   1.00 6.12  ? 6   THR A CG2 1 
ATOM   69   N N   . LEU A 1 9   ? 6.419   1.737   0.645   1.00 16.36 ? 7   LEU A N   1 
ATOM   70   C CA  . LEU A 1 9   ? 5.457   1.792   -0.481  1.00 12.13 ? 7   LEU A CA  1 
ATOM   71   C C   . LEU A 1 9   ? 4.006   1.662   -0.031  1.00 14.45 ? 7   LEU A C   1 
ATOM   72   O O   . LEU A 1 9   ? 3.655   0.802   0.780   1.00 17.05 ? 7   LEU A O   1 
ATOM   73   C CB  . LEU A 1 9   ? 5.727   0.705   -1.525  1.00 10.67 ? 7   LEU A CB  1 
ATOM   74   C CG  . LEU A 1 9   ? 4.713   0.684   -2.691  1.00 14.80 ? 7   LEU A CG  1 
ATOM   75   C CD1 . LEU A 1 9   ? 5.028   1.742   -3.740  1.00 10.26 ? 7   LEU A CD1 1 
ATOM   76   C CD2 . LEU A 1 9   ? 4.556   -0.682  -3.364  1.00 13.00 ? 7   LEU A CD2 1 
ATOM   77   N N   . SER A 1 10  ? 3.171   2.536   -0.575  1.00 10.66 ? 8   SER A N   1 
ATOM   78   C CA  . SER A 1 10  ? 1.741   2.507   -0.348  1.00 6.29  ? 8   SER A CA  1 
ATOM   79   C C   . SER A 1 10  ? 1.020   2.230   -1.667  1.00 12.04 ? 8   SER A C   1 
ATOM   80   O O   . SER A 1 10  ? 1.339   2.829   -2.710  1.00 12.16 ? 8   SER A O   1 
ATOM   81   C CB  . SER A 1 10  ? 1.290   3.837   0.252   1.00 8.48  ? 8   SER A CB  1 
ATOM   82   O OG  . SER A 1 10  ? -0.111  4.007   0.170   1.00 9.25  ? 8   SER A OG  1 
ATOM   83   N N   . ILE A 1 11  ? 0.070   1.301   -1.645  1.00 9.66  ? 9   ILE A N   1 
ATOM   84   C CA  . ILE A 1 11  ? -0.856  1.181   -2.754  1.00 8.02  ? 9   ILE A CA  1 
ATOM   85   C C   . ILE A 1 11  ? -2.254  1.280   -2.195  1.00 9.97  ? 9   ILE A C   1 
ATOM   86   O O   . ILE A 1 11  ? -2.658  0.424   -1.403  1.00 10.38 ? 9   ILE A O   1 
ATOM   87   C CB  . ILE A 1 11  ? -0.728  -0.148  -3.541  1.00 10.33 ? 9   ILE A CB  1 
ATOM   88   C CG1 . ILE A 1 11  ? 0.730   -0.500  -3.872  1.00 10.24 ? 9   ILE A CG1 1 
ATOM   89   C CG2 . ILE A 1 11  ? -1.557  -0.075  -4.808  1.00 5.78  ? 9   ILE A CG2 1 
ATOM   90   C CD1 . ILE A 1 11  ? 0.868   -1.771  -4.716  1.00 4.69  ? 9   ILE A CD1 1 
ATOM   91   N N   . VAL A 1 12  ? -2.977  2.336   -2.588  1.00 10.38 ? 10  VAL A N   1 
ATOM   92   C CA  . VAL A 1 12  ? -4.435  2.402   -2.414  1.00 9.26  ? 10  VAL A CA  1 
ATOM   93   C C   . VAL A 1 12  ? -5.035  1.473   -3.449  1.00 7.84  ? 10  VAL A C   1 
ATOM   94   O O   . VAL A 1 12  ? -5.057  1.818   -4.624  1.00 8.07  ? 10  VAL A O   1 
ATOM   95   C CB  . VAL A 1 12  ? -5.013  3.846   -2.604  1.00 5.78  ? 10  VAL A CB  1 
ATOM   96   C CG1 . VAL A 1 12  ? -6.513  3.858   -2.391  1.00 6.80  ? 10  VAL A CG1 1 
ATOM   97   C CG2 . VAL A 1 12  ? -4.353  4.837   -1.649  1.00 4.82  ? 10  VAL A CG2 1 
ATOM   98   N N   . LYS A 1 13  ? -5.485  0.292   -3.020  1.00 10.62 ? 11  LYS A N   1 
ATOM   99   C CA  . LYS A 1 13  ? -5.976  -0.763  -3.925  1.00 8.26  ? 11  LYS A CA  1 
ATOM   100  C C   . LYS A 1 13  ? -7.268  -0.354  -4.676  1.00 11.61 ? 11  LYS A C   1 
ATOM   101  O O   . LYS A 1 13  ? -7.918  0.625   -4.301  1.00 13.68 ? 11  LYS A O   1 
ATOM   102  C CB  . LYS A 1 13  ? -6.189  -2.047  -3.121  1.00 7.30  ? 11  LYS A CB  1 
ATOM   103  C CG  . LYS A 1 13  ? -4.968  -2.471  -2.358  1.00 9.38  ? 11  LYS A CG  1 
ATOM   104  C CD  . LYS A 1 13  ? -4.993  -3.950  -2.028  1.00 12.69 ? 11  LYS A CD  1 
ATOM   105  C CE  . LYS A 1 13  ? -3.722  -4.366  -1.313  1.00 11.88 ? 11  LYS A CE  1 
ATOM   106  N NZ  . LYS A 1 13  ? -3.891  -5.660  -0.615  1.00 12.91 ? 11  LYS A NZ  1 
ATOM   107  N N   . PRO A 1 14  ? -7.654  -1.096  -5.734  1.00 9.23  ? 12  PRO A N   1 
ATOM   108  C CA  . PRO A 1 14  ? -8.757  -0.606  -6.574  1.00 13.22 ? 12  PRO A CA  1 
ATOM   109  C C   . PRO A 1 14  ? -10.114 -0.422  -5.887  1.00 10.37 ? 12  PRO A C   1 
ATOM   110  O O   . PRO A 1 14  ? -10.893 0.420   -6.324  1.00 12.83 ? 12  PRO A O   1 
ATOM   111  C CB  . PRO A 1 14  ? -8.879  -1.687  -7.661  1.00 13.39 ? 12  PRO A CB  1 
ATOM   112  C CG  . PRO A 1 14  ? -7.574  -2.376  -7.669  1.00 12.63 ? 12  PRO A CG  1 
ATOM   113  C CD  . PRO A 1 14  ? -7.108  -2.360  -6.250  1.00 9.77  ? 12  PRO A CD  1 
ATOM   114  N N   . ASP A 1 15  ? -10.415 -1.202  -4.863  1.00 10.31 ? 13  ASP A N   1 
ATOM   115  C CA  . ASP A 1 15  ? -11.689 -1.029  -4.162  1.00 13.45 ? 13  ASP A CA  1 
ATOM   116  C C   . ASP A 1 15  ? -11.817 0.407   -3.643  1.00 13.25 ? 13  ASP A C   1 
ATOM   117  O O   . ASP A 1 15  ? -12.787 1.106   -3.938  1.00 7.94  ? 13  ASP A O   1 
ATOM   118  C CB  . ASP A 1 15  ? -11.814 -2.041  -3.017  1.00 8.90  ? 13  ASP A CB  1 
ATOM   119  C CG  . ASP A 1 15  ? -10.545 -2.137  -2.165  1.00 17.73 ? 13  ASP A CG  1 
ATOM   120  O OD1 . ASP A 1 15  ? -9.446  -1.783  -2.649  1.00 14.98 ? 13  ASP A OD1 1 
ATOM   121  O OD2 . ASP A 1 15  ? -10.644 -2.581  -1.001  1.00 25.59 ? 13  ASP A OD2 1 
ATOM   122  N N   . ALA A 1 16  ? -10.795 0.843   -2.913  1.00 13.35 ? 14  ALA A N   1 
ATOM   123  C CA  . ALA A 1 16  ? -10.767 2.157   -2.298  1.00 11.50 ? 14  ALA A CA  1 
ATOM   124  C C   . ALA A 1 16  ? -10.653 3.276   -3.330  1.00 13.86 ? 14  ALA A C   1 
ATOM   125  O O   . ALA A 1 16  ? -11.137 4.383   -3.121  1.00 15.43 ? 14  ALA A O   1 
ATOM   126  C CB  . ALA A 1 16  ? -9.625  2.229   -1.304  1.00 13.68 ? 14  ALA A CB  1 
ATOM   127  N N   . VAL A 1 17  ? -10.024 2.991   -4.457  1.00 15.97 ? 15  VAL A N   1 
ATOM   128  C CA  . VAL A 1 17  ? -9.899  4.001   -5.499  1.00 15.37 ? 15  VAL A CA  1 
ATOM   129  C C   . VAL A 1 17  ? -11.252 4.236   -6.157  1.00 12.10 ? 15  VAL A C   1 
ATOM   130  O O   . VAL A 1 17  ? -11.615 5.365   -6.475  1.00 18.15 ? 15  VAL A O   1 
ATOM   131  C CB  . VAL A 1 17  ? -8.846  3.591   -6.562  1.00 16.24 ? 15  VAL A CB  1 
ATOM   132  C CG1 . VAL A 1 17  ? -8.852  4.567   -7.722  1.00 15.07 ? 15  VAL A CG1 1 
ATOM   133  C CG2 . VAL A 1 17  ? -7.468  3.513   -5.938  1.00 5.62  ? 15  VAL A CG2 1 
ATOM   134  N N   . SER A 1 18  ? -12.001 3.159   -6.351  1.00 15.42 ? 16  SER A N   1 
ATOM   135  C CA  . SER A 1 18  ? -13.338 3.235   -6.939  1.00 14.16 ? 16  SER A CA  1 
ATOM   136  C C   . SER A 1 18  ? -14.374 3.804   -5.968  1.00 15.18 ? 16  SER A C   1 
ATOM   137  O O   . SER A 1 18  ? -15.439 4.250   -6.381  1.00 18.78 ? 16  SER A O   1 
ATOM   138  C CB  . SER A 1 18  ? -13.789 1.857   -7.389  1.00 11.27 ? 16  SER A CB  1 
ATOM   139  O OG  . SER A 1 18  ? -13.920 1.012   -6.249  1.00 21.97 ? 16  SER A OG  1 
ATOM   140  N N   . LYS A 1 19  ? -14.084 3.767   -4.676  1.00 15.23 ? 17  LYS A N   1 
ATOM   141  C CA  . LYS A 1 19  ? -15.002 4.344   -3.705  1.00 14.98 ? 17  LYS A CA  1 
ATOM   142  C C   . LYS A 1 19  ? -14.541 5.736   -3.273  1.00 17.05 ? 17  LYS A C   1 
ATOM   143  O O   . LYS A 1 19  ? -15.054 6.283   -2.302  1.00 22.11 ? 17  LYS A O   1 
ATOM   144  C CB  . LYS A 1 19  ? -15.139 3.423   -2.496  1.00 15.24 ? 17  LYS A CB  1 
ATOM   145  C CG  . LYS A 1 19  ? -15.910 2.140   -2.783  1.00 14.54 ? 17  LYS A CG  1 
ATOM   146  C CD  . LYS A 1 19  ? -17.317 2.460   -3.293  1.00 27.12 ? 17  LYS A CD  1 
ATOM   147  C CE  . LYS A 1 19  ? -18.152 1.205   -3.592  1.00 26.68 ? 17  LYS A CE  1 
ATOM   148  N NZ  . LYS A 1 19  ? -17.733 0.491   -4.839  1.00 31.73 ? 17  LYS A NZ  1 
ATOM   149  N N   . ASN A 1 20  ? -13.575 6.296   -4.003  1.00 16.15 ? 18  ASN A N   1 
ATOM   150  C CA  . ASN A 1 20  ? -13.057 7.665   -3.795  1.00 17.71 ? 18  ASN A CA  1 
ATOM   151  C C   . ASN A 1 20  ? -12.584 7.941   -2.366  1.00 21.83 ? 18  ASN A C   1 
ATOM   152  O O   . ASN A 1 20  ? -13.022 8.911   -1.733  1.00 21.73 ? 18  ASN A O   1 
ATOM   153  C CB  . ASN A 1 20  ? -14.108 8.725   -4.199  1.00 12.51 ? 18  ASN A CB  1 
ATOM   154  C CG  . ASN A 1 20  ? -14.615 8.539   -5.630  1.00 14.92 ? 18  ASN A CG  1 
ATOM   155  O OD1 . ASN A 1 20  ? -15.783 8.243   -5.847  1.00 17.39 ? 18  ASN A OD1 1 
ATOM   156  N ND2 . ASN A 1 20  ? -13.727 8.686   -6.605  1.00 17.20 ? 18  ASN A ND2 1 
ATOM   157  N N   . HIS A 1 21  ? -11.680 7.096   -1.873  1.00 16.62 ? 19  HIS A N   1 
ATOM   158  C CA  . HIS A 1 21  ? -11.112 7.250   -0.542  1.00 10.85 ? 19  HIS A CA  1 
ATOM   159  C C   . HIS A 1 21  ? -9.647  7.680   -0.557  1.00 10.73 ? 19  HIS A C   1 
ATOM   160  O O   . HIS A 1 21  ? -8.985  7.588   0.466   1.00 22.49 ? 19  HIS A O   1 
ATOM   161  C CB  . HIS A 1 21  ? -11.228 5.931   0.248   1.00 20.39 ? 19  HIS A CB  1 
ATOM   162  C CG  . HIS A 1 21  ? -12.639 5.493   0.524   1.00 22.64 ? 19  HIS A CG  1 
ATOM   163  N ND1 . HIS A 1 21  ? -13.634 6.365   0.922   1.00 28.32 ? 19  HIS A ND1 1 
ATOM   164  C CD2 . HIS A 1 21  ? -13.220 4.272   0.459   1.00 19.24 ? 19  HIS A CD2 1 
ATOM   165  C CE1 . HIS A 1 21  ? -14.764 5.700   1.086   1.00 16.61 ? 19  HIS A CE1 1 
ATOM   166  N NE2 . HIS A 1 21  ? -14.541 4.429   0.811   1.00 24.78 ? 19  HIS A NE2 1 
ATOM   167  N N   . ILE A 1 22  ? -9.127  8.152   -1.686  1.00 9.96  ? 20  ILE A N   1 
ATOM   168  C CA  . ILE A 1 22  ? -7.701  8.508   -1.769  1.00 11.91 ? 20  ILE A CA  1 
ATOM   169  C C   . ILE A 1 22  ? -7.294  9.615   -0.779  1.00 13.29 ? 20  ILE A C   1 
ATOM   170  O O   . ILE A 1 22  ? -6.437  9.399   0.093   1.00 11.07 ? 20  ILE A O   1 
ATOM   171  C CB  . ILE A 1 22  ? -7.314  8.955   -3.198  1.00 10.15 ? 20  ILE A CB  1 
ATOM   172  C CG1 . ILE A 1 22  ? -7.778  7.920   -4.228  1.00 10.68 ? 20  ILE A CG1 1 
ATOM   173  C CG2 . ILE A 1 22  ? -5.819  9.211   -3.298  1.00 2.54  ? 20  ILE A CG2 1 
ATOM   174  C CD1 . ILE A 1 22  ? -7.472  8.325   -5.654  1.00 16.79 ? 20  ILE A CD1 1 
ATOM   175  N N   . GLY A 1 23  ? -7.909  10.792  -0.916  1.00 11.26 ? 21  GLY A N   1 
ATOM   176  C CA  . GLY A 1 23  ? -7.655  11.901  -0.013  1.00 11.77 ? 21  GLY A CA  1 
ATOM   177  C C   . GLY A 1 23  ? -7.770  11.526  1.451   1.00 11.25 ? 21  GLY A C   1 
ATOM   178  O O   . GLY A 1 23  ? -6.847  11.757  2.235   1.00 10.95 ? 21  GLY A O   1 
ATOM   179  N N   . GLU A 1 24  ? -8.905  10.942  1.808   1.00 7.49  ? 22  GLU A N   1 
ATOM   180  C CA  . GLU A 1 24  ? -9.109  10.441  3.152   1.00 16.36 ? 22  GLU A CA  1 
ATOM   181  C C   . GLU A 1 24  ? -7.925  9.575   3.605   1.00 15.64 ? 22  GLU A C   1 
ATOM   182  O O   . GLU A 1 24  ? -7.347  9.806   4.678   1.00 13.86 ? 22  GLU A O   1 
ATOM   183  C CB  . GLU A 1 24  ? -10.412 9.636   3.238   1.00 12.42 ? 22  GLU A CB  1 
ATOM   184  C CG  . GLU A 1 24  ? -11.672 10.461  3.074   1.00 16.79 ? 22  GLU A CG  1 
ATOM   185  C CD  . GLU A 1 24  ? -12.925 9.595   2.917   1.00 31.49 ? 22  GLU A CD  1 
ATOM   186  O OE1 . GLU A 1 24  ? -13.379 9.376   1.761   1.00 24.02 ? 22  GLU A OE1 1 
ATOM   187  O OE2 . GLU A 1 24  ? -13.455 9.139   3.957   1.00 31.69 ? 22  GLU A OE2 1 
ATOM   188  N N   . ILE A 1 25  ? -7.548  8.593   2.791   1.00 12.16 ? 23  ILE A N   1 
ATOM   189  C CA  . ILE A 1 25  ? -6.466  7.708   3.203   1.00 18.30 ? 23  ILE A CA  1 
ATOM   190  C C   . ILE A 1 25  ? -5.149  8.483   3.251   1.00 15.99 ? 23  ILE A C   1 
ATOM   191  O O   . ILE A 1 25  ? -4.432  8.401   4.248   1.00 14.37 ? 23  ILE A O   1 
ATOM   192  C CB  . ILE A 1 25  ? -6.331  6.478   2.292   1.00 13.13 ? 23  ILE A CB  1 
ATOM   193  C CG1 . ILE A 1 25  ? -7.587  5.607   2.417   1.00 12.07 ? 23  ILE A CG1 1 
ATOM   194  C CG2 . ILE A 1 25  ? -5.076  5.669   2.683   1.00 12.45 ? 23  ILE A CG2 1 
ATOM   195  C CD1 . ILE A 1 25  ? -7.523  4.311   1.640   1.00 12.32 ? 23  ILE A CD1 1 
ATOM   196  N N   . PHE A 1 26  ? -4.856  9.250   2.199   1.00 12.80 ? 24  PHE A N   1 
ATOM   197  C CA  . PHE A 1 26  ? -3.721  10.169  2.210   1.00 11.16 ? 24  PHE A CA  1 
ATOM   198  C C   . PHE A 1 26  ? -3.646  11.030  3.478   1.00 13.15 ? 24  PHE A C   1 
ATOM   199  O O   . PHE A 1 26  ? -2.627  11.062  4.164   1.00 12.09 ? 24  PHE A O   1 
ATOM   200  C CB  . PHE A 1 26  ? -3.784  11.084  1.005   1.00 10.98 ? 24  PHE A CB  1 
ATOM   201  C CG  . PHE A 1 26  ? -3.144  10.526  -0.212  1.00 9.91  ? 24  PHE A CG  1 
ATOM   202  C CD1 . PHE A 1 26  ? -2.893  9.164   -0.318  1.00 10.78 ? 24  PHE A CD1 1 
ATOM   203  C CD2 . PHE A 1 26  ? -2.780  11.367  -1.252  1.00 4.26  ? 24  PHE A CD2 1 
ATOM   204  C CE1 . PHE A 1 26  ? -2.289  8.656   -1.453  1.00 9.26  ? 24  PHE A CE1 1 
ATOM   205  C CE2 . PHE A 1 26  ? -2.179  10.873  -2.365  1.00 3.90  ? 24  PHE A CE2 1 
ATOM   206  C CZ  . PHE A 1 26  ? -1.925  9.524   -2.477  1.00 4.94  ? 24  PHE A CZ  1 
ATOM   207  N N   . ALA A 1 27  ? -4.726  11.739  3.771   1.00 12.15 ? 25  ALA A N   1 
ATOM   208  C CA  . ALA A 1 27  ? -4.812  12.537  4.979   1.00 9.46  ? 25  ALA A CA  1 
ATOM   209  C C   . ALA A 1 27  ? -4.363  11.762  6.230   1.00 12.58 ? 25  ALA A C   1 
ATOM   210  O O   . ALA A 1 27  ? -3.602  12.278  7.051   1.00 14.41 ? 25  ALA A O   1 
ATOM   211  C CB  . ALA A 1 27  ? -6.220  13.048  5.147   1.00 8.01  ? 25  ALA A CB  1 
ATOM   212  N N   . ARG A 1 28  ? -4.800  10.518  6.370   1.00 9.56  ? 26  ARG A N   1 
ATOM   213  C CA  . ARG A 1 28  ? -4.394  9.725   7.533   1.00 12.12 ? 26  ARG A CA  1 
ATOM   214  C C   . ARG A 1 28  ? -2.873  9.492   7.614   1.00 17.32 ? 26  ARG A C   1 
ATOM   215  O O   . ARG A 1 28  ? -2.305  9.437   8.710   1.00 14.12 ? 26  ARG A O   1 
ATOM   216  C CB  . ARG A 1 28  ? -5.133  8.386   7.528   1.00 12.53 ? 26  ARG A CB  1 
ATOM   217  C CG  . ARG A 1 28  ? -6.633  8.536   7.722   1.00 15.86 ? 26  ARG A CG  1 
ATOM   218  C CD  . ARG A 1 28  ? -7.278  7.226   8.098   1.00 24.80 ? 26  ARG A CD  1 
ATOM   219  N NE  . ARG A 1 28  ? -8.732  7.333   8.190   1.00 24.88 ? 26  ARG A NE  1 
ATOM   220  C CZ  . ARG A 1 28  ? -9.520  6.357   8.625   1.00 21.39 ? 26  ARG A CZ  1 
ATOM   221  N NH1 . ARG A 1 28  ? -8.986  5.208   9.021   1.00 30.77 ? 26  ARG A NH1 1 
ATOM   222  N NH2 . ARG A 1 28  ? -10.833 6.527   8.672   1.00 17.74 ? 26  ARG A NH2 1 
ATOM   223  N N   . PHE A 1 29  ? -2.232  9.347   6.452   1.00 18.62 ? 27  PHE A N   1 
ATOM   224  C CA  . PHE A 1 29  ? -0.785  9.243   6.358   1.00 10.21 ? 27  PHE A CA  1 
ATOM   225  C C   . PHE A 1 29  ? -0.165  10.501  6.893   1.00 12.71 ? 27  PHE A C   1 
ATOM   226  O O   . PHE A 1 29  ? 0.684   10.471  7.791   1.00 14.77 ? 27  PHE A O   1 
ATOM   227  C CB  . PHE A 1 29  ? -0.333  9.045   4.913   1.00 11.27 ? 27  PHE A CB  1 
ATOM   228  C CG  . PHE A 1 29  ? -0.790  7.753   4.301   1.00 15.41 ? 27  PHE A CG  1 
ATOM   229  C CD1 . PHE A 1 29  ? -1.192  6.691   5.102   1.00 9.41  ? 27  PHE A CD1 1 
ATOM   230  C CD2 . PHE A 1 29  ? -0.820  7.602   2.917   1.00 8.81  ? 27  PHE A CD2 1 
ATOM   231  C CE1 . PHE A 1 29  ? -1.604  5.509   4.535   1.00 11.08 ? 27  PHE A CE1 1 
ATOM   232  C CE2 . PHE A 1 29  ? -1.233  6.422   2.346   1.00 6.73  ? 27  PHE A CE2 1 
ATOM   233  C CZ  . PHE A 1 29  ? -1.628  5.373   3.150   1.00 9.93  ? 27  PHE A CZ  1 
ATOM   234  N N   . GLU A 1 30  ? -0.609  11.610  6.306   1.00 17.63 ? 28  GLU A N   1 
ATOM   235  C CA  . GLU A 1 30  ? -0.070  12.946  6.560   1.00 14.20 ? 28  GLU A CA  1 
ATOM   236  C C   . GLU A 1 30  ? -0.271  13.368  8.010   1.00 16.00 ? 28  GLU A C   1 
ATOM   237  O O   . GLU A 1 30  ? 0.656   13.876  8.644   1.00 9.25  ? 28  GLU A O   1 
ATOM   238  C CB  . GLU A 1 30  ? -0.718  13.944  5.607   1.00 10.38 ? 28  GLU A CB  1 
ATOM   239  C CG  . GLU A 1 30  ? -0.564  13.525  4.156   1.00 11.81 ? 28  GLU A CG  1 
ATOM   240  C CD  . GLU A 1 30  ? -0.876  14.636  3.165   1.00 16.16 ? 28  GLU A CD  1 
ATOM   241  O OE1 . GLU A 1 30  ? -2.074  14.957  2.956   1.00 11.77 ? 28  GLU A OE1 1 
ATOM   242  O OE2 . GLU A 1 30  ? 0.086   15.182  2.582   1.00 14.91 ? 28  GLU A OE2 1 
ATOM   243  N N   . LYS A 1 31  ? -1.478  13.125  8.523   1.00 15.03 ? 29  LYS A N   1 
ATOM   244  C CA  . LYS A 1 31  ? -1.822  13.393  9.913   1.00 12.21 ? 29  LYS A CA  1 
ATOM   245  C C   . LYS A 1 31  ? -0.864  12.710  10.862  1.00 16.22 ? 29  LYS A C   1 
ATOM   246  O O   . LYS A 1 31  ? -0.477  13.286  11.883  1.00 13.71 ? 29  LYS A O   1 
ATOM   247  C CB  . LYS A 1 31  ? -3.242  12.927  10.203  1.00 18.53 ? 29  LYS A CB  1 
ATOM   248  C CG  . LYS A 1 31  ? -3.607  12.887  11.667  1.00 21.79 ? 29  LYS A CG  1 
ATOM   249  C CD  . LYS A 1 31  ? -4.439  14.105  12.066  1.00 30.48 ? 29  LYS A CD  1 
ATOM   250  C CE  . LYS A 1 31  ? -5.158  13.861  13.387  1.00 43.25 ? 29  LYS A CE  1 
ATOM   251  N NZ  . LYS A 1 31  ? -4.238  13.306  14.436  1.00 39.41 ? 29  LYS A NZ  1 
ATOM   252  N N   . ALA A 1 32  ? -0.467  11.490  10.504  1.00 16.26 ? 30  ALA A N   1 
ATOM   253  C CA  . ALA A 1 32  ? 0.411   10.683  11.345  1.00 11.55 ? 30  ALA A CA  1 
ATOM   254  C C   . ALA A 1 32  ? 1.888   10.973  11.124  1.00 10.27 ? 30  ALA A C   1 
ATOM   255  O O   . ALA A 1 32  ? 2.744   10.205  11.557  1.00 17.95 ? 30  ALA A O   1 
ATOM   256  C CB  . ALA A 1 32  ? 0.144   9.222   11.117  1.00 9.94  ? 30  ALA A CB  1 
ATOM   257  N N   . GLY A 1 33  ? 2.189   12.070  10.447  1.00 10.49 ? 31  GLY A N   1 
ATOM   258  C CA  . GLY A 1 33  ? 3.565   12.504  10.286  1.00 11.14 ? 31  GLY A CA  1 
ATOM   259  C C   . GLY A 1 33  ? 4.307   11.935  9.085   1.00 19.78 ? 31  GLY A C   1 
ATOM   260  O O   . GLY A 1 33  ? 5.463   12.289  8.846   1.00 16.45 ? 31  GLY A O   1 
ATOM   261  N N   . LEU A 1 34  ? 3.662   11.050  8.328   1.00 18.94 ? 32  LEU A N   1 
ATOM   262  C CA  . LEU A 1 34  ? 4.279   10.527  7.114   1.00 16.50 ? 32  LEU A CA  1 
ATOM   263  C C   . LEU A 1 34  ? 4.128   11.513  5.963   1.00 12.35 ? 32  LEU A C   1 
ATOM   264  O O   . LEU A 1 34  ? 3.049   12.037  5.744   1.00 10.80 ? 32  LEU A O   1 
ATOM   265  C CB  . LEU A 1 34  ? 3.666   9.184   6.740   1.00 17.26 ? 32  LEU A CB  1 
ATOM   266  C CG  . LEU A 1 34  ? 3.902   8.059   7.743   1.00 16.02 ? 32  LEU A CG  1 
ATOM   267  C CD1 . LEU A 1 34  ? 3.361   6.748   7.196   1.00 17.31 ? 32  LEU A CD1 1 
ATOM   268  C CD2 . LEU A 1 34  ? 5.378   7.953   8.082   1.00 13.70 ? 32  LEU A CD2 1 
ATOM   269  N N   . LYS A 1 35  ? 5.194   11.762  5.249   1.00 10.58 ? 33  LYS A N   1 
ATOM   270  C CA  . LYS A 1 35  ? 5.151   12.609  4.103   1.00 9.96  ? 33  LYS A CA  1 
ATOM   271  C C   . LYS A 1 35  ? 5.092   11.861  2.753   1.00 13.32 ? 33  LYS A C   1 
ATOM   272  O O   . LYS A 1 35  ? 5.636   10.825  2.593   1.00 9.99  ? 33  LYS A O   1 
ATOM   273  C CB  . LYS A 1 35  ? 6.286   13.578  4.179   1.00 10.81 ? 33  LYS A CB  1 
ATOM   274  C CG  . LYS A 1 35  ? 6.595   14.284  2.902   1.00 13.30 ? 33  LYS A CG  1 
ATOM   275  C CD  . LYS A 1 35  ? 7.478   15.457  3.107   1.00 8.71  ? 33  LYS A CD  1 
ATOM   276  C CE  . LYS A 1 35  ? 7.818   16.087  1.803   1.00 13.83 ? 33  LYS A CE  1 
ATOM   277  N NZ  . LYS A 1 35  ? 7.034   17.259  1.405   1.00 7.03  ? 33  LYS A NZ  1 
ATOM   278  N N   . ILE A 1 36  ? 4.341   12.386  1.814   1.00 10.71 ? 34  ILE A N   1 
ATOM   279  C CA  . ILE A 1 36  ? 4.239   11.742  0.519   1.00 10.53 ? 34  ILE A CA  1 
ATOM   280  C C   . ILE A 1 36  ? 5.319   12.329  -0.378  1.00 11.42 ? 34  ILE A C   1 
ATOM   281  O O   . ILE A 1 36  ? 5.248   13.486  -0.792  1.00 13.06 ? 34  ILE A O   1 
ATOM   282  C CB  . ILE A 1 36  ? 2.839   11.907  -0.095  1.00 8.83  ? 34  ILE A CB  1 
ATOM   283  C CG1 . ILE A 1 36  ? 1.796   11.204  0.786   1.00 8.37  ? 34  ILE A CG1 1 
ATOM   284  C CG2 . ILE A 1 36  ? 2.791   11.348  -1.528  1.00 6.23  ? 34  ILE A CG2 1 
ATOM   285  C CD1 . ILE A 1 36  ? 0.340   11.637  0.505   1.00 6.56  ? 34  ILE A CD1 1 
ATOM   286  N N   . VAL A 1 37  ? 6.349   11.533  -0.649  1.00 11.73 ? 35  VAL A N   1 
ATOM   287  C CA  . VAL A 1 37  ? 7.504   12.041  -1.381  1.00 8.22  ? 35  VAL A CA  1 
ATOM   288  C C   . VAL A 1 37  ? 7.515   11.554  -2.789  1.00 7.50  ? 35  VAL A C   1 
ATOM   289  O O   . VAL A 1 37  ? 8.450   11.837  -3.522  1.00 10.93 ? 35  VAL A O   1 
ATOM   290  C CB  . VAL A 1 37  ? 8.807   11.634  -0.718  1.00 7.86  ? 35  VAL A CB  1 
ATOM   291  C CG1 . VAL A 1 37  ? 8.946   12.372  0.597   1.00 11.64 ? 35  VAL A CG1 1 
ATOM   292  C CG2 . VAL A 1 37  ? 8.841   10.132  -0.500  1.00 8.38  ? 35  VAL A CG2 1 
ATOM   293  N N   . ALA A 1 38  ? 6.467   10.807  -3.142  1.00 12.52 ? 36  ALA A N   1 
ATOM   294  C CA  . ALA A 1 38  ? 6.190   10.352  -4.508  1.00 8.15  ? 36  ALA A CA  1 
ATOM   295  C C   . ALA A 1 38  ? 4.806   9.721   -4.566  1.00 9.86  ? 36  ALA A C   1 
ATOM   296  O O   . ALA A 1 38  ? 4.335   9.142   -3.569  1.00 5.83  ? 36  ALA A O   1 
ATOM   297  C CB  . ALA A 1 38  ? 7.255   9.355   -4.988  1.00 7.36  ? 36  ALA A CB  1 
ATOM   298  N N   . THR A 1 39  ? 4.167   9.812   -5.740  1.00 12.12 ? 37  THR A N   1 
ATOM   299  C CA  . THR A 1 39  ? 2.837   9.228   -5.936  1.00 9.74  ? 37  THR A CA  1 
ATOM   300  C C   . THR A 1 39  ? 2.348   9.307   -7.385  1.00 6.44  ? 37  THR A C   1 
ATOM   301  O O   . THR A 1 39  ? 2.674   10.235  -8.109  1.00 6.34  ? 37  THR A O   1 
ATOM   302  C CB  . THR A 1 39  ? 1.794   9.918   -5.024  1.00 8.82  ? 37  THR A CB  1 
ATOM   303  O OG1 . THR A 1 39  ? 0.601   9.117   -4.945  1.00 6.73  ? 37  THR A OG1 1 
ATOM   304  C CG2 . THR A 1 39  ? 1.496   11.348  -5.536  1.00 4.19  ? 37  THR A CG2 1 
ATOM   305  N N   . LYS A 1 40  ? 1.567   8.315   -7.795  1.00 5.31  ? 38  LYS A N   1 
ATOM   306  C CA  . LYS A 1 40  ? 0.951   8.319   -9.109  1.00 4.21  ? 38  LYS A CA  1 
ATOM   307  C C   . LYS A 1 40  ? -0.199  7.320   -9.180  1.00 6.99  ? 38  LYS A C   1 
ATOM   308  O O   . LYS A 1 40  ? -0.159  6.233   -8.590  1.00 10.31 ? 38  LYS A O   1 
ATOM   309  C CB  . LYS A 1 40  ? 1.981   8.015   -10.195 1.00 7.10  ? 38  LYS A CB  1 
ATOM   310  C CG  . LYS A 1 40  ? 2.509   6.583   -10.230 1.00 6.68  ? 38  LYS A CG  1 
ATOM   311  C CD  . LYS A 1 40  ? 3.510   6.440   -11.358 1.00 3.85  ? 38  LYS A CD  1 
ATOM   312  C CE  . LYS A 1 40  ? 4.777   5.760   -10.901 1.00 8.61  ? 38  LYS A CE  1 
ATOM   313  N NZ  . LYS A 1 40  ? 5.875   5.890   -11.902 1.00 11.69 ? 38  LYS A NZ  1 
ATOM   314  N N   . MET A 1 41  ? -1.254  7.709   -9.869  1.00 5.85  ? 39  MET A N   1 
ATOM   315  C CA  . MET A 1 41  ? -2.345  6.789   -10.094 1.00 6.58  ? 39  MET A CA  1 
ATOM   316  C C   . MET A 1 41  ? -1.964  5.925   -11.260 1.00 8.22  ? 39  MET A C   1 
ATOM   317  O O   . MET A 1 41  ? -1.513  6.435   -12.292 1.00 5.90  ? 39  MET A O   1 
ATOM   318  C CB  . MET A 1 41  ? -3.644  7.519   -10.392 1.00 7.36  ? 39  MET A CB  1 
ATOM   319  C CG  . MET A 1 41  ? -4.644  6.667   -11.166 1.00 7.88  ? 39  MET A CG  1 
ATOM   320  S SD  . MET A 1 41  ? -6.317  7.271   -10.997 1.00 13.37 ? 39  MET A SD  1 
ATOM   321  C CE  . MET A 1 41  ? -6.333  7.743   -9.236  1.00 5.36  ? 39  MET A CE  1 
ATOM   322  N N   . LYS A 1 42  ? -2.141  4.621   -11.115 1.00 7.25  ? 40  LYS A N   1 
ATOM   323  C CA  . LYS A 1 42  ? -1.737  3.726   -12.183 1.00 8.26  ? 40  LYS A CA  1 
ATOM   324  C C   . LYS A 1 42  ? -2.747  2.610   -12.409 1.00 9.78  ? 40  LYS A C   1 
ATOM   325  O O   . LYS A 1 42  ? -3.301  2.057   -11.461 1.00 15.12 ? 40  LYS A O   1 
ATOM   326  C CB  . LYS A 1 42  ? -0.348  3.153   -11.881 1.00 4.70  ? 40  LYS A CB  1 
ATOM   327  C CG  . LYS A 1 42  ? 0.099   2.107   -12.856 1.00 8.11  ? 40  LYS A CG  1 
ATOM   328  C CD  . LYS A 1 42  ? 1.560   1.740   -12.712 1.00 7.69  ? 40  LYS A CD  1 
ATOM   329  C CE  . LYS A 1 42  ? 2.069   1.143   -14.019 1.00 10.29 ? 40  LYS A CE  1 
ATOM   330  N NZ  . LYS A 1 42  ? 3.150   0.126   -13.824 1.00 20.91 ? 40  LYS A NZ  1 
ATOM   331  N N   . HIS A 1 43  ? -3.008  2.304   -13.673 1.00 9.45  ? 41  HIS A N   1 
ATOM   332  C CA  . HIS A 1 43  ? -3.779  1.124   -14.031 1.00 7.13  ? 41  HIS A CA  1 
ATOM   333  C C   . HIS A 1 43  ? -2.787  -0.003  -14.243 1.00 9.49  ? 41  HIS A C   1 
ATOM   334  O O   . HIS A 1 43  ? -2.034  0.008   -15.215 1.00 19.31 ? 41  HIS A O   1 
ATOM   335  C CB  . HIS A 1 43  ? -4.605  1.353   -15.295 1.00 5.19  ? 41  HIS A CB  1 
ATOM   336  C CG  . HIS A 1 43  ? -5.489  2.564   -15.238 1.00 12.20 ? 41  HIS A CG  1 
ATOM   337  N ND1 . HIS A 1 43  ? -4.994  3.853   -15.264 1.00 10.17 ? 41  HIS A ND1 1 
ATOM   338  C CD2 . HIS A 1 43  ? -6.836  2.681   -15.163 1.00 10.84 ? 41  HIS A CD2 1 
ATOM   339  C CE1 . HIS A 1 43  ? -5.995  4.708   -15.190 1.00 13.84 ? 41  HIS A CE1 1 
ATOM   340  N NE2 . HIS A 1 43  ? -7.125  4.023   -15.138 1.00 15.05 ? 41  HIS A NE2 1 
ATOM   341  N N   . LEU A 1 44  ? -2.753  -0.963  -13.335 1.00 8.11  ? 42  LEU A N   1 
ATOM   342  C CA  . LEU A 1 44  ? -1.817  -2.072  -13.472 1.00 12.02 ? 42  LEU A CA  1 
ATOM   343  C C   . LEU A 1 44  ? -2.216  -3.037  -14.593 1.00 11.75 ? 42  LEU A C   1 
ATOM   344  O O   . LEU A 1 44  ? -3.380  -3.402  -14.721 1.00 15.08 ? 42  LEU A O   1 
ATOM   345  C CB  . LEU A 1 44  ? -1.706  -2.850  -12.158 1.00 13.09 ? 42  LEU A CB  1 
ATOM   346  C CG  . LEU A 1 44  ? -1.203  -2.190  -10.876 1.00 9.52  ? 42  LEU A CG  1 
ATOM   347  C CD1 . LEU A 1 44  ? -1.223  -3.220  -9.776  1.00 9.23  ? 42  LEU A CD1 1 
ATOM   348  C CD2 . LEU A 1 44  ? 0.178   -1.619  -11.039 1.00 8.74  ? 42  LEU A CD2 1 
ATOM   349  N N   . SER A 1 45  ? -1.242  -3.440  -15.405 1.00 11.92 ? 43  SER A N   1 
ATOM   350  C CA  . SER A 1 45  ? -1.411  -4.569  -16.312 1.00 9.15  ? 43  SER A CA  1 
ATOM   351  C C   . SER A 1 45  ? -1.208  -5.865  -15.532 1.00 17.67 ? 43  SER A C   1 
ATOM   352  O O   . SER A 1 45  ? -0.688  -5.848  -14.404 1.00 23.93 ? 43  SER A O   1 
ATOM   353  C CB  . SER A 1 45  ? -0.420  -4.496  -17.469 1.00 9.82  ? 43  SER A CB  1 
ATOM   354  O OG  . SER A 1 45  ? 0.898   -4.747  -17.015 1.00 10.09 ? 43  SER A OG  1 
ATOM   355  N N   . GLN A 1 46  ? -1.602  -6.990  -16.117 1.00 13.39 ? 44  GLN A N   1 
ATOM   356  C CA  . GLN A 1 46  ? -1.372  -8.279  -15.481 1.00 13.74 ? 44  GLN A CA  1 
ATOM   357  C C   . GLN A 1 46  ? 0.110   -8.484  -15.188 1.00 16.85 ? 44  GLN A C   1 
ATOM   358  O O   . GLN A 1 46  ? 0.514   -8.846  -14.080 1.00 16.30 ? 44  GLN A O   1 
ATOM   359  C CB  . GLN A 1 46  ? -1.885  -9.398  -16.365 1.00 12.63 ? 44  GLN A CB  1 
ATOM   360  C CG  . GLN A 1 46  ? -1.885  -10.725 -15.669 1.00 17.50 ? 44  GLN A CG  1 
ATOM   361  C CD  . GLN A 1 46  ? -2.597  -11.779 -16.472 1.00 24.20 ? 44  GLN A CD  1 
ATOM   362  O OE1 . GLN A 1 46  ? -1.966  -12.669 -17.022 1.00 29.17 ? 44  GLN A OE1 1 
ATOM   363  N NE2 . GLN A 1 46  ? -3.923  -11.683 -16.547 1.00 37.71 ? 44  GLN A NE2 1 
ATOM   364  N N   . ALA A 1 47  ? 0.925   -8.230  -16.197 1.00 14.29 ? 45  ALA A N   1 
ATOM   365  C CA  . ALA A 1 47  ? 2.360   -8.294  -16.024 1.00 19.67 ? 45  ALA A CA  1 
ATOM   366  C C   . ALA A 1 47  ? 2.837   -7.333  -14.907 1.00 15.26 ? 45  ALA A C   1 
ATOM   367  O O   . ALA A 1 47  ? 3.747   -7.658  -14.156 1.00 13.66 ? 45  ALA A O   1 
ATOM   368  C CB  . ALA A 1 47  ? 3.058   -7.995  -17.358 1.00 11.25 ? 45  ALA A CB  1 
ATOM   369  N N   . ASP A 1 48  ? 2.212   -6.166  -14.783 1.00 15.68 ? 46  ASP A N   1 
ATOM   370  C CA  . ASP A 1 48  ? 2.539   -5.266  -13.678 1.00 22.58 ? 46  ASP A CA  1 
ATOM   371  C C   . ASP A 1 48  ? 2.328   -5.972  -12.335 1.00 15.80 ? 46  ASP A C   1 
ATOM   372  O O   . ASP A 1 48  ? 3.237   -6.029  -11.508 1.00 12.16 ? 46  ASP A O   1 
ATOM   373  C CB  . ASP A 1 48  ? 1.691   -3.984  -13.728 1.00 21.87 ? 46  ASP A CB  1 
ATOM   374  C CG  . ASP A 1 48  ? 2.047   -3.074  -14.894 1.00 17.35 ? 46  ASP A CG  1 
ATOM   375  O OD1 . ASP A 1 48  ? 3.209   -3.096  -15.347 1.00 16.64 ? 46  ASP A OD1 1 
ATOM   376  O OD2 . ASP A 1 48  ? 1.146   -2.331  -15.352 1.00 14.25 ? 46  ASP A OD2 1 
ATOM   377  N N   . ALA A 1 49  ? 1.126   -6.517  -12.146 1.00 19.88 ? 47  ALA A N   1 
ATOM   378  C CA  . ALA A 1 49  ? 0.727   -7.152  -10.879 1.00 17.43 ? 47  ALA A CA  1 
ATOM   379  C C   . ALA A 1 49  ? 1.562   -8.363  -10.580 1.00 14.25 ? 47  ALA A C   1 
ATOM   380  O O   . ALA A 1 49  ? 2.044   -8.521  -9.458  1.00 12.85 ? 47  ALA A O   1 
ATOM   381  C CB  . ALA A 1 49  ? -0.755  -7.554  -10.902 1.00 12.08 ? 47  ALA A CB  1 
ATOM   382  N N   . GLU A 1 50  ? 1.699   -9.230  -11.584 1.00 18.23 ? 48  GLU A N   1 
ATOM   383  C CA  . GLU A 1 50  ? 2.492   -10.454 -11.452 1.00 17.52 ? 48  GLU A CA  1 
ATOM   384  C C   . GLU A 1 50  ? 3.928   -10.130 -11.039 1.00 13.50 ? 48  GLU A C   1 
ATOM   385  O O   . GLU A 1 50  ? 4.450   -10.694 -10.078 1.00 19.41 ? 48  GLU A O   1 
ATOM   386  C CB  . GLU A 1 50  ? 2.457   -11.264 -12.759 1.00 9.61  ? 48  GLU A CB  1 
ATOM   387  C CG  . GLU A 1 50  ? 1.197   -12.113 -12.860 1.00 14.62 ? 48  GLU A CG  1 
ATOM   388  C CD  . GLU A 1 50  ? 0.928   -12.683 -14.243 1.00 23.00 ? 48  GLU A CD  1 
ATOM   389  O OE1 . GLU A 1 50  ? 1.741   -12.456 -15.165 1.00 24.11 ? 48  GLU A OE1 1 
ATOM   390  O OE2 . GLU A 1 50  ? -0.115  -13.358 -14.405 1.00 25.76 ? 48  GLU A OE2 1 
ATOM   391  N N   . GLY A 1 51  ? 4.550   -9.196  -11.739 1.00 9.82  ? 49  GLY A N   1 
ATOM   392  C CA  . GLY A 1 51  ? 5.917   -8.843  -11.441 1.00 12.79 ? 49  GLY A CA  1 
ATOM   393  C C   . GLY A 1 51  ? 6.126   -8.324  -10.031 1.00 17.08 ? 49  GLY A C   1 
ATOM   394  O O   . GLY A 1 51  ? 7.191   -8.542  -9.441  1.00 11.71 ? 49  GLY A O   1 
ATOM   395  N N   . PHE A 1 52  ? 5.117   -7.632  -9.496  1.00 13.84 ? 50  PHE A N   1 
ATOM   396  C CA  . PHE A 1 52  ? 5.216   -7.033  -8.171  1.00 10.74 ? 50  PHE A CA  1 
ATOM   397  C C   . PHE A 1 52  ? 5.021   -8.087  -7.084  1.00 11.26 ? 50  PHE A C   1 
ATOM   398  O O   . PHE A 1 52  ? 5.662   -8.048  -6.036  1.00 17.48 ? 50  PHE A O   1 
ATOM   399  C CB  . PHE A 1 52  ? 4.199   -5.900  -8.024  1.00 9.15  ? 50  PHE A CB  1 
ATOM   400  C CG  . PHE A 1 52  ? 4.203   -5.252  -6.664  1.00 10.28 ? 50  PHE A CG  1 
ATOM   401  C CD1 . PHE A 1 52  ? 5.229   -4.404  -6.287  1.00 10.05 ? 50  PHE A CD1 1 
ATOM   402  C CD2 . PHE A 1 52  ? 3.182   -5.495  -5.767  1.00 9.36  ? 50  PHE A CD2 1 
ATOM   403  C CE1 . PHE A 1 52  ? 5.235   -3.806  -5.053  1.00 9.87  ? 50  PHE A CE1 1 
ATOM   404  C CE2 . PHE A 1 52  ? 3.179   -4.907  -4.530  1.00 9.23  ? 50  PHE A CE2 1 
ATOM   405  C CZ  . PHE A 1 52  ? 4.208   -4.058  -4.166  1.00 14.13 ? 50  PHE A CZ  1 
ATOM   406  N N   . TYR A 1 53  ? 4.145   -9.042  -7.360  1.00 11.60 ? 51  TYR A N   1 
ATOM   407  C CA  . TYR A 1 53  ? 3.833   -10.111 -6.431  1.00 11.85 ? 51  TYR A CA  1 
ATOM   408  C C   . TYR A 1 53  ? 4.485   -11.398 -6.884  1.00 18.35 ? 51  TYR A C   1 
ATOM   409  O O   . TYR A 1 53  ? 3.997   -12.491 -6.566  1.00 17.49 ? 51  TYR A O   1 
ATOM   410  C CB  . TYR A 1 53  ? 2.329   -10.322 -6.333  1.00 13.34 ? 51  TYR A CB  1 
ATOM   411  C CG  . TYR A 1 53  ? 1.564   -9.173  -5.726  1.00 13.17 ? 51  TYR A CG  1 
ATOM   412  C CD1 . TYR A 1 53  ? 1.589   -8.947  -4.351  1.00 10.07 ? 51  TYR A CD1 1 
ATOM   413  C CD2 . TYR A 1 53  ? 0.786   -8.330  -6.523  1.00 11.30 ? 51  TYR A CD2 1 
ATOM   414  C CE1 . TYR A 1 53  ? 0.868   -7.911  -3.780  1.00 8.87  ? 51  TYR A CE1 1 
ATOM   415  C CE2 . TYR A 1 53  ? 0.061   -7.287  -5.956  1.00 14.59 ? 51  TYR A CE2 1 
ATOM   416  C CZ  . TYR A 1 53  ? 0.109   -7.088  -4.582  1.00 10.68 ? 51  TYR A CZ  1 
ATOM   417  O OH  . TYR A 1 53  ? -0.593  -6.064  -4.014  1.00 6.70  ? 51  TYR A OH  1 
ATOM   418  N N   . ALA A 1 54  ? 5.573   -11.252 -7.639  1.00 12.95 ? 52  ALA A N   1 
ATOM   419  C CA  . ALA A 1 54  ? 6.368   -12.370 -8.140  1.00 13.18 ? 52  ALA A CA  1 
ATOM   420  C C   . ALA A 1 54  ? 6.703   -13.437 -7.082  1.00 20.69 ? 52  ALA A C   1 
ATOM   421  O O   . ALA A 1 54  ? 6.715   -14.638 -7.366  1.00 23.29 ? 52  ALA A O   1 
ATOM   422  C CB  . ALA A 1 54  ? 7.632   -11.836 -8.742  1.00 11.18 ? 52  ALA A CB  1 
ATOM   423  N N   . GLU A 1 55  ? 6.970   -12.982 -5.863  1.00 19.96 ? 53  GLU A N   1 
ATOM   424  C CA  . GLU A 1 55  ? 7.365   -13.840 -4.752  1.00 19.95 ? 53  GLU A CA  1 
ATOM   425  C C   . GLU A 1 55  ? 6.308   -14.892 -4.435  1.00 22.81 ? 53  GLU A C   1 
ATOM   426  O O   . GLU A 1 55  ? 6.590   -15.879 -3.756  1.00 28.99 ? 53  GLU A O   1 
ATOM   427  C CB  . GLU A 1 55  ? 7.643   -12.970 -3.517  1.00 30.30 ? 53  GLU A CB  1 
ATOM   428  C CG  . GLU A 1 55  ? 8.079   -13.708 -2.260  1.00 33.37 ? 53  GLU A CG  1 
ATOM   429  C CD  . GLU A 1 55  ? 7.925   -12.863 -0.998  1.00 44.76 ? 53  GLU A CD  1 
ATOM   430  O OE1 . GLU A 1 55  ? 7.954   -11.609 -1.091  1.00 30.39 ? 53  GLU A OE1 1 
ATOM   431  O OE2 . GLU A 1 55  ? 7.759   -13.462 0.089   1.00 43.41 ? 53  GLU A OE2 1 
ATOM   432  N N   . HIS A 1 56  ? 5.089   -14.690 -4.935  1.00 24.60 ? 54  HIS A N   1 
ATOM   433  C CA  . HIS A 1 56  ? 3.986   -15.606 -4.635  1.00 26.80 ? 54  HIS A CA  1 
ATOM   434  C C   . HIS A 1 56  ? 3.345   -16.232 -5.870  1.00 22.93 ? 54  HIS A C   1 
ATOM   435  O O   . HIS A 1 56  ? 2.186   -16.629 -5.820  1.00 19.92 ? 54  HIS A O   1 
ATOM   436  C CB  . HIS A 1 56  ? 2.895   -14.886 -3.834  1.00 22.53 ? 54  HIS A CB  1 
ATOM   437  C CG  . HIS A 1 56  ? 3.426   -13.947 -2.805  1.00 23.01 ? 54  HIS A CG  1 
ATOM   438  N ND1 . HIS A 1 56  ? 4.345   -14.333 -1.854  1.00 26.32 ? 54  HIS A ND1 1 
ATOM   439  C CD2 . HIS A 1 56  ? 3.183   -12.634 -2.585  1.00 22.58 ? 54  HIS A CD2 1 
ATOM   440  C CE1 . HIS A 1 56  ? 4.641   -13.299 -1.087  1.00 29.32 ? 54  HIS A CE1 1 
ATOM   441  N NE2 . HIS A 1 56  ? 3.951   -12.255 -1.511  1.00 29.46 ? 54  HIS A NE2 1 
ATOM   442  N N   . LYS A 1 57  ? 4.086   -16.329 -6.967  1.00 23.27 ? 55  LYS A N   1 
ATOM   443  C CA  . LYS A 1 57  ? 3.509   -16.840 -8.212  1.00 32.74 ? 55  LYS A CA  1 
ATOM   444  C C   . LYS A 1 57  ? 3.022   -18.286 -8.079  1.00 31.58 ? 55  LYS A C   1 
ATOM   445  O O   . LYS A 1 57  ? 2.080   -18.702 -8.756  1.00 37.53 ? 55  LYS A O   1 
ATOM   446  C CB  . LYS A 1 57  ? 4.522   -16.732 -9.361  1.00 33.54 ? 55  LYS A CB  1 
ATOM   447  C CG  . LYS A 1 57  ? 5.889   -17.328 -9.051  1.00 40.01 ? 55  LYS A CG  1 
ATOM   448  C CD  . LYS A 1 57  ? 6.955   -16.855 -10.032 1.00 39.88 ? 55  LYS A CD  1 
ATOM   449  C CE  . LYS A 1 57  ? 6.578   -17.152 -11.470 1.00 48.64 ? 55  LYS A CE  1 
ATOM   450  N NZ  . LYS A 1 57  ? 7.659   -16.731 -12.411 1.00 55.62 ? 55  LYS A NZ  1 
ATOM   451  N N   . GLU A 1 58  ? 3.649   -19.055 -7.198  1.00 31.38 ? 56  GLU A N   1 
ATOM   452  C CA  . GLU A 1 58  ? 3.285   -20.460 -7.058  1.00 35.15 ? 56  GLU A CA  1 
ATOM   453  C C   . GLU A 1 58  ? 2.237   -20.686 -5.958  1.00 29.98 ? 56  GLU A C   1 
ATOM   454  O O   . GLU A 1 58  ? 2.044   -21.805 -5.490  1.00 31.63 ? 56  GLU A O   1 
ATOM   455  C CB  . GLU A 1 58  ? 4.540   -21.298 -6.785  1.00 29.25 ? 56  GLU A CB  1 
ATOM   456  C CG  . GLU A 1 58  ? 5.667   -21.130 -7.820  1.00 41.48 ? 56  GLU A CG  1 
ATOM   457  C CD  . GLU A 1 58  ? 5.315   -21.672 -9.215  1.00 46.33 ? 56  GLU A CD  1 
ATOM   458  O OE1 . GLU A 1 58  ? 4.279   -22.358 -9.369  1.00 49.72 ? 56  GLU A OE1 1 
ATOM   459  O OE2 . GLU A 1 58  ? 6.086   -21.412 -10.165 1.00 37.30 ? 56  GLU A OE2 1 
ATOM   460  N N   . ARG A 1 59  ? 1.541   -19.626 -5.567  1.00 28.49 ? 57  ARG A N   1 
ATOM   461  C CA  . ARG A 1 59  ? 0.651   -19.701 -4.417  1.00 27.92 ? 57  ARG A CA  1 
ATOM   462  C C   . ARG A 1 59  ? -0.787  -19.782 -4.839  1.00 21.55 ? 57  ARG A C   1 
ATOM   463  O O   . ARG A 1 59  ? -1.144  -19.346 -5.928  1.00 26.78 ? 57  ARG A O   1 
ATOM   464  C CB  . ARG A 1 59  ? 0.855   -18.495 -3.505  1.00 23.99 ? 57  ARG A CB  1 
ATOM   465  C CG  . ARG A 1 59  ? 2.262   -18.404 -2.981  1.00 17.87 ? 57  ARG A CG  1 
ATOM   466  C CD  . ARG A 1 59  ? 2.571   -19.605 -2.113  1.00 23.70 ? 57  ARG A CD  1 
ATOM   467  N NE  . ARG A 1 59  ? 1.577   -19.753 -1.054  1.00 23.14 ? 57  ARG A NE  1 
ATOM   468  C CZ  . ARG A 1 59  ? 1.518   -18.979 0.030   1.00 30.64 ? 57  ARG A CZ  1 
ATOM   469  N NH1 . ARG A 1 59  ? 2.396   -17.988 0.207   1.00 25.75 ? 57  ARG A NH1 1 
ATOM   470  N NH2 . ARG A 1 59  ? 0.573   -19.191 0.938   1.00 31.09 ? 57  ARG A NH2 1 
ATOM   471  N N   . GLY A 1 60  ? -1.610  -20.338 -3.964  1.00 21.24 ? 58  GLY A N   1 
ATOM   472  C CA  . GLY A 1 60  ? -3.002  -20.568 -4.282  1.00 17.04 ? 58  GLY A CA  1 
ATOM   473  C C   . GLY A 1 60  ? -3.743  -19.299 -4.619  1.00 22.88 ? 58  GLY A C   1 
ATOM   474  O O   . GLY A 1 60  ? -4.530  -19.271 -5.566  1.00 27.31 ? 58  GLY A O   1 
ATOM   475  N N   . PHE A 1 61  ? -3.480  -18.245 -3.849  1.00 26.07 ? 59  PHE A N   1 
ATOM   476  C CA  . PHE A 1 61  ? -4.261  -17.011 -3.918  1.00 14.88 ? 59  PHE A CA  1 
ATOM   477  C C   . PHE A 1 61  ? -3.823  -16.089 -5.045  1.00 18.17 ? 59  PHE A C   1 
ATOM   478  O O   . PHE A 1 61  ? -4.519  -15.138 -5.371  1.00 24.41 ? 59  PHE A O   1 
ATOM   479  C CB  . PHE A 1 61  ? -4.161  -16.268 -2.596  1.00 14.99 ? 59  PHE A CB  1 
ATOM   480  C CG  . PHE A 1 61  ? -2.752  -15.926 -2.214  1.00 28.82 ? 59  PHE A CG  1 
ATOM   481  C CD1 . PHE A 1 61  ? -2.149  -14.765 -2.690  1.00 28.89 ? 59  PHE A CD1 1 
ATOM   482  C CD2 . PHE A 1 61  ? -2.015  -16.779 -1.409  1.00 24.92 ? 59  PHE A CD2 1 
ATOM   483  C CE1 . PHE A 1 61  ? -0.843  -14.460 -2.357  1.00 26.50 ? 59  PHE A CE1 1 
ATOM   484  C CE2 . PHE A 1 61  ? -0.711  -16.477 -1.068  1.00 27.24 ? 59  PHE A CE2 1 
ATOM   485  C CZ  . PHE A 1 61  ? -0.123  -15.318 -1.542  1.00 29.76 ? 59  PHE A CZ  1 
ATOM   486  N N   . PHE A 1 62  ? -2.661  -16.372 -5.626  1.00 23.78 ? 60  PHE A N   1 
ATOM   487  C CA  . PHE A 1 62  ? -2.018  -15.493 -6.608  1.00 20.29 ? 60  PHE A CA  1 
ATOM   488  C C   . PHE A 1 62  ? -2.902  -15.015 -7.764  1.00 21.61 ? 60  PHE A C   1 
ATOM   489  O O   . PHE A 1 62  ? -2.944  -13.817 -8.063  1.00 29.26 ? 60  PHE A O   1 
ATOM   490  C CB  . PHE A 1 62  ? -0.801  -16.193 -7.194  1.00 20.01 ? 60  PHE A CB  1 
ATOM   491  C CG  . PHE A 1 62  ? -0.021  -15.347 -8.154  1.00 20.89 ? 60  PHE A CG  1 
ATOM   492  C CD1 . PHE A 1 62  ? 0.729   -14.279 -7.700  1.00 18.63 ? 60  PHE A CD1 1 
ATOM   493  C CD2 . PHE A 1 62  ? -0.020  -15.632 -9.507  1.00 18.65 ? 60  PHE A CD2 1 
ATOM   494  C CE1 . PHE A 1 62  ? 1.455   -13.509 -8.573  1.00 19.42 ? 60  PHE A CE1 1 
ATOM   495  C CE2 . PHE A 1 62  ? 0.709   -14.864 -10.382 1.00 19.00 ? 60  PHE A CE2 1 
ATOM   496  C CZ  . PHE A 1 62  ? 1.448   -13.801 -9.911  1.00 17.98 ? 60  PHE A CZ  1 
ATOM   497  N N   . GLY A 1 63  ? -3.582  -15.941 -8.427  1.00 14.85 ? 61  GLY A N   1 
ATOM   498  C CA  . GLY A 1 63  ? -4.445  -15.589 -9.542  1.00 17.11 ? 61  GLY A CA  1 
ATOM   499  C C   . GLY A 1 63  ? -5.554  -14.591 -9.214  1.00 21.67 ? 61  GLY A C   1 
ATOM   500  O O   . GLY A 1 63  ? -5.749  -13.609 -9.941  1.00 15.97 ? 61  GLY A O   1 
ATOM   501  N N   . ASP A 1 64  ? -6.286  -14.838 -8.130  1.00 16.24 ? 62  ASP A N   1 
ATOM   502  C CA  . ASP A 1 64  ? -7.345  -13.923 -7.731  1.00 14.86 ? 62  ASP A CA  1 
ATOM   503  C C   . ASP A 1 64  ? -6.754  -12.577 -7.357  1.00 16.51 ? 62  ASP A C   1 
ATOM   504  O O   . ASP A 1 64  ? -7.294  -11.532 -7.713  1.00 16.05 ? 62  ASP A O   1 
ATOM   505  C CB  . ASP A 1 64  ? -8.152  -14.497 -6.565  1.00 16.62 ? 62  ASP A CB  1 
ATOM   506  C CG  . ASP A 1 64  ? -9.140  -15.563 -7.008  1.00 16.04 ? 62  ASP A CG  1 
ATOM   507  O OD1 . ASP A 1 64  ? -9.517  -15.566 -8.197  1.00 18.93 ? 62  ASP A OD1 1 
ATOM   508  O OD2 . ASP A 1 64  ? -9.542  -16.399 -6.172  1.00 31.57 ? 62  ASP A OD2 1 
ATOM   509  N N   . LEU A 1 65  ? -5.632  -12.621 -6.641  1.00 17.34 ? 63  LEU A N   1 
ATOM   510  C CA  . LEU A 1 65  ? -4.872  -11.426 -6.288  1.00 17.11 ? 63  LEU A CA  1 
ATOM   511  C C   . LEU A 1 65  ? -4.615  -10.532 -7.503  1.00 21.62 ? 63  LEU A C   1 
ATOM   512  O O   . LEU A 1 65  ? -4.969  -9.341  -7.503  1.00 16.91 ? 63  LEU A O   1 
ATOM   513  C CB  . LEU A 1 65  ? -3.533  -11.806 -5.660  1.00 12.47 ? 63  LEU A CB  1 
ATOM   514  C CG  . LEU A 1 65  ? -2.698  -10.552 -5.422  1.00 13.67 ? 63  LEU A CG  1 
ATOM   515  C CD1 . LEU A 1 65  ? -3.477  -9.589  -4.513  1.00 10.73 ? 63  LEU A CD1 1 
ATOM   516  C CD2 . LEU A 1 65  ? -1.345  -10.887 -4.832  1.00 10.87 ? 63  LEU A CD2 1 
ATOM   517  N N   . VAL A 1 66  ? -3.995  -11.123 -8.528  1.00 21.62 ? 64  VAL A N   1 
ATOM   518  C CA  . VAL A 1 66  ? -3.617  -10.408 -9.748  1.00 20.76 ? 64  VAL A CA  1 
ATOM   519  C C   . VAL A 1 66  ? -4.834  -9.840  -10.461 1.00 12.58 ? 64  VAL A C   1 
ATOM   520  O O   . VAL A 1 66  ? -4.803  -8.732  -10.971 1.00 12.31 ? 64  VAL A O   1 
ATOM   521  C CB  . VAL A 1 66  ? -2.824  -11.327 -10.704 1.00 19.12 ? 64  VAL A CB  1 
ATOM   522  C CG1 . VAL A 1 66  ? -2.676  -10.703 -12.070 1.00 11.40 ? 64  VAL A CG1 1 
ATOM   523  C CG2 . VAL A 1 66  ? -1.459  -11.635 -10.108 1.00 18.15 ? 64  VAL A CG2 1 
ATOM   524  N N   . ALA A 1 67  ? -5.925  -10.586 -10.465 1.00 20.54 ? 65  ALA A N   1 
ATOM   525  C CA  . ALA A 1 67  ? -7.121  -10.121 -11.149 1.00 13.86 ? 65  ALA A CA  1 
ATOM   526  C C   . ALA A 1 67  ? -7.712  -8.927  -10.422 1.00 13.31 ? 65  ALA A C   1 
ATOM   527  O O   . ALA A 1 67  ? -8.160  -7.984  -11.065 1.00 17.27 ? 65  ALA A O   1 
ATOM   528  C CB  . ALA A 1 67  ? -8.137  -11.227 -11.268 1.00 11.16 ? 65  ALA A CB  1 
ATOM   529  N N   . PHE A 1 68  ? -7.707  -8.957  -9.092  1.00 11.73 ? 66  PHE A N   1 
ATOM   530  C CA  . PHE A 1 68  ? -8.216  -7.823  -8.316  1.00 16.04 ? 66  PHE A CA  1 
ATOM   531  C C   . PHE A 1 68  ? -7.326  -6.602  -8.468  1.00 16.96 ? 66  PHE A C   1 
ATOM   532  O O   . PHE A 1 68  ? -7.804  -5.506  -8.801  1.00 16.91 ? 66  PHE A O   1 
ATOM   533  C CB  . PHE A 1 68  ? -8.338  -8.172  -6.835  1.00 15.47 ? 66  PHE A CB  1 
ATOM   534  C CG  . PHE A 1 68  ? -8.559  -6.982  -5.947  1.00 13.98 ? 66  PHE A CG  1 
ATOM   535  C CD1 . PHE A 1 68  ? -9.659  -6.158  -6.127  1.00 17.23 ? 66  PHE A CD1 1 
ATOM   536  C CD2 . PHE A 1 68  ? -7.682  -6.703  -4.911  1.00 15.09 ? 66  PHE A CD2 1 
ATOM   537  C CE1 . PHE A 1 68  ? -9.876  -5.060  -5.295  1.00 17.03 ? 66  PHE A CE1 1 
ATOM   538  C CE2 . PHE A 1 68  ? -7.885  -5.613  -4.077  1.00 15.86 ? 66  PHE A CE2 1 
ATOM   539  C CZ  . PHE A 1 68  ? -8.987  -4.787  -4.272  1.00 19.02 ? 66  PHE A CZ  1 
ATOM   540  N N   . MET A 1 69  ? -6.028  -6.794  -8.240  1.00 16.73 ? 67  MET A N   1 
ATOM   541  C CA  . MET A 1 69  ? -5.083  -5.682  -8.293  1.00 13.48 ? 67  MET A CA  1 
ATOM   542  C C   . MET A 1 69  ? -4.986  -5.085  -9.696  1.00 11.40 ? 67  MET A C   1 
ATOM   543  O O   . MET A 1 69  ? -4.387  -4.027  -9.874  1.00 13.73 ? 67  MET A O   1 
ATOM   544  C CB  . MET A 1 69  ? -3.703  -6.115  -7.792  1.00 11.61 ? 67  MET A CB  1 
ATOM   545  C CG  . MET A 1 69  ? -3.632  -6.283  -6.267  1.00 19.37 ? 67  MET A CG  1 
ATOM   546  S SD  . MET A 1 69  ? -4.110  -4.811  -5.322  1.00 16.09 ? 67  MET A SD  1 
ATOM   547  C CE  . MET A 1 69  ? -2.834  -3.671  -5.863  1.00 4.73  ? 67  MET A CE  1 
ATOM   548  N N   . THR A 1 70  ? -5.594  -5.741  -10.685 1.00 12.75 ? 68  THR A N   1 
ATOM   549  C CA  . THR A 1 70  ? -5.721  -5.140  -12.010 1.00 13.75 ? 68  THR A CA  1 
ATOM   550  C C   . THR A 1 70  ? -7.181  -4.878  -12.425 1.00 12.90 ? 68  THR A C   1 
ATOM   551  O O   . THR A 1 70  ? -7.450  -4.575  -13.586 1.00 15.70 ? 68  THR A O   1 
ATOM   552  C CB  . THR A 1 70  ? -5.046  -5.999  -13.095 1.00 9.06  ? 68  THR A CB  1 
ATOM   553  O OG1 . THR A 1 70  ? -5.557  -7.327  -13.033 1.00 9.69  ? 68  THR A OG1 1 
ATOM   554  C CG2 . THR A 1 70  ? -3.561  -6.041  -12.898 1.00 8.97  ? 68  THR A CG2 1 
ATOM   555  N N   . SER A 1 71  ? -8.119  -4.953  -11.485 1.00 14.06 ? 69  SER A N   1 
ATOM   556  C CA  . SER A 1 71  ? -9.537  -4.757  -11.818 1.00 12.38 ? 69  SER A CA  1 
ATOM   557  C C   . SER A 1 71  ? -9.946  -3.283  -11.984 1.00 16.68 ? 69  SER A C   1 
ATOM   558  O O   . SER A 1 71  ? -11.014 -2.979  -12.536 1.00 14.31 ? 69  SER A O   1 
ATOM   559  C CB  . SER A 1 71  ? -10.402 -5.389  -10.750 1.00 7.44  ? 69  SER A CB  1 
ATOM   560  O OG  . SER A 1 71  ? -10.170 -4.749  -9.511  1.00 17.60 ? 69  SER A OG  1 
ATOM   561  N N   . GLY A 1 72  ? -9.097  -2.381  -11.490 1.00 12.85 ? 70  GLY A N   1 
ATOM   562  C CA  . GLY A 1 72  ? -9.360  -0.949  -11.505 1.00 8.84  ? 70  GLY A CA  1 
ATOM   563  C C   . GLY A 1 72  ? -8.070  -0.215  -11.217 1.00 7.27  ? 70  GLY A C   1 
ATOM   564  O O   . GLY A 1 72  ? -7.085  -0.844  -10.869 1.00 7.63  ? 70  GLY A O   1 
ATOM   565  N N   . PRO A 1 73  ? -8.053  1.117   -11.389 1.00 10.55 ? 71  PRO A N   1 
ATOM   566  C CA  . PRO A 1 73  ? -6.839  1.900   -11.075 1.00 11.07 ? 71  PRO A CA  1 
ATOM   567  C C   . PRO A 1 73  ? -6.435  1.853   -9.594  1.00 12.08 ? 71  PRO A C   1 
ATOM   568  O O   . PRO A 1 73  ? -7.314  1.776   -8.722  1.00 11.98 ? 71  PRO A O   1 
ATOM   569  C CB  . PRO A 1 73  ? -7.217  3.331   -11.484 1.00 9.43  ? 71  PRO A CB  1 
ATOM   570  C CG  . PRO A 1 73  ? -8.720  3.313   -11.656 1.00 10.02 ? 71  PRO A CG  1 
ATOM   571  C CD  . PRO A 1 73  ? -9.079  1.926   -12.061 1.00 7.53  ? 71  PRO A CD  1 
ATOM   572  N N   . VAL A 1 74  ? -5.123  1.875   -9.334  1.00 10.60 ? 72  VAL A N   1 
ATOM   573  C CA  . VAL A 1 74  ? -4.561  1.986   -7.982  1.00 7.76  ? 72  VAL A CA  1 
ATOM   574  C C   . VAL A 1 74  ? -3.747  3.276   -7.854  1.00 7.86  ? 72  VAL A C   1 
ATOM   575  O O   . VAL A 1 74  ? -3.363  3.878   -8.862  1.00 10.14 ? 72  VAL A O   1 
ATOM   576  C CB  . VAL A 1 74  ? -3.645  0.791   -7.643  1.00 10.15 ? 72  VAL A CB  1 
ATOM   577  C CG1 . VAL A 1 74  ? -4.445  -0.485  -7.528  1.00 13.17 ? 72  VAL A CG1 1 
ATOM   578  C CG2 . VAL A 1 74  ? -2.564  0.629   -8.695  1.00 8.33  ? 72  VAL A CG2 1 
ATOM   579  N N   . VAL A 1 75  ? -3.466  3.711   -6.634  1.00 5.51  ? 73  VAL A N   1 
ATOM   580  C CA  . VAL A 1 75  ? -2.517  4.812   -6.469  1.00 8.13  ? 73  VAL A CA  1 
ATOM   581  C C   . VAL A 1 75  ? -1.274  4.264   -5.791  1.00 7.28  ? 73  VAL A C   1 
ATOM   582  O O   . VAL A 1 75  ? -1.386  3.748   -4.687  1.00 9.25  ? 73  VAL A O   1 
ATOM   583  C CB  . VAL A 1 75  ? -3.092  5.996   -5.633  1.00 4.93  ? 73  VAL A CB  1 
ATOM   584  C CG1 . VAL A 1 75  ? -2.072  7.137   -5.550  1.00 4.95  ? 73  VAL A CG1 1 
ATOM   585  C CG2 . VAL A 1 75  ? -4.375  6.498   -6.235  1.00 4.28  ? 73  VAL A CG2 1 
ATOM   586  N N   . VAL A 1 76  ? -0.100  4.323   -6.428  1.00 6.63  ? 74  VAL A N   1 
ATOM   587  C CA  . VAL A 1 76  ? 1.087   3.886   -5.687  1.00 10.62 ? 74  VAL A CA  1 
ATOM   588  C C   . VAL A 1 76  ? 1.793   5.141   -5.186  1.00 11.19 ? 74  VAL A C   1 
ATOM   589  O O   . VAL A 1 76  ? 1.875   6.147   -5.902  1.00 10.56 ? 74  VAL A O   1 
ATOM   590  C CB  . VAL A 1 76  ? 2.069   2.975   -6.499  1.00 7.25  ? 74  VAL A CB  1 
ATOM   591  C CG1 . VAL A 1 76  ? 1.345   1.792   -7.113  1.00 6.96  ? 74  VAL A CG1 1 
ATOM   592  C CG2 . VAL A 1 76  ? 2.787   3.748   -7.538  1.00 11.03 ? 74  VAL A CG2 1 
ATOM   593  N N   . SER A 1 77  ? 2.228   5.129   -3.936  1.00 9.18  ? 75  SER A N   1 
ATOM   594  C CA  . SER A 1 77  ? 2.855   6.262   -3.270  1.00 10.72 ? 75  SER A CA  1 
ATOM   595  C C   . SER A 1 77  ? 4.003   5.860   -2.380  1.00 9.62  ? 75  SER A C   1 
ATOM   596  O O   . SER A 1 77  ? 3.992   4.839   -1.826  1.00 8.02  ? 75  SER A O   1 
ATOM   597  C CB  . SER A 1 77  ? 1.861   7.063   -2.442  1.00 8.90  ? 75  SER A CB  1 
ATOM   598  O OG  . SER A 1 77  ? 0.579   6.635   -2.665  1.00 9.78  ? 75  SER A OG  1 
ATOM   599  N N   . VAL A 1 78  ? 4.987   6.722   -2.256  1.00 8.14  ? 76  VAL A N   1 
ATOM   600  C CA  . VAL A 1 78  ? 6.099   6.544   -1.344  1.00 8.38  ? 76  VAL A CA  1 
ATOM   601  C C   . VAL A 1 78  ? 5.908   7.457   -0.132  1.00 8.06  ? 76  VAL A C   1 
ATOM   602  O O   . VAL A 1 78  ? 5.865   8.690   -0.263  1.00 8.75  ? 76  VAL A O   1 
ATOM   603  C CB  . VAL A 1 78  ? 7.439   6.846   -2.040  1.00 9.16  ? 76  VAL A CB  1 
ATOM   604  C CG1 . VAL A 1 78  ? 8.589   6.713   -1.060  1.00 13.03 ? 76  VAL A CG1 1 
ATOM   605  C CG2 . VAL A 1 78  ? 7.623   5.920   -3.226  1.00 8.85  ? 76  VAL A CG2 1 
ATOM   606  N N   . LEU A 1 79  ? 5.766   6.852   1.042   1.00 7.07  ? 77  LEU A N   1 
ATOM   607  C CA  . LEU A 1 79  ? 5.697   7.623   2.282   1.00 11.35 ? 77  LEU A CA  1 
ATOM   608  C C   . LEU A 1 79  ? 7.064   7.703   2.981   1.00 12.19 ? 77  LEU A C   1 
ATOM   609  O O   . LEU A 1 79  ? 7.898   6.786   2.888   1.00 10.16 ? 77  LEU A O   1 
ATOM   610  C CB  . LEU A 1 79  ? 4.664   7.028   3.231   1.00 6.84  ? 77  LEU A CB  1 
ATOM   611  C CG  . LEU A 1 79  ? 3.395   6.615   2.504   1.00 8.09  ? 77  LEU A CG  1 
ATOM   612  C CD1 . LEU A 1 79  ? 2.438   5.976   3.509   1.00 17.86 ? 77  LEU A CD1 1 
ATOM   613  C CD2 . LEU A 1 79  ? 2.771   7.801   1.788   1.00 6.83  ? 77  LEU A CD2 1 
ATOM   614  N N   . GLU A 1 80  ? 7.288   8.815   3.671   1.00 10.09 ? 78  GLU A N   1 
ATOM   615  C CA  . GLU A 1 80  ? 8.537   9.005   4.365   1.00 8.60  ? 78  GLU A CA  1 
ATOM   616  C C   . GLU A 1 80  ? 8.340   9.654   5.715   1.00 14.98 ? 78  GLU A C   1 
ATOM   617  O O   . GLU A 1 80  ? 7.622   10.648  5.833   1.00 19.95 ? 78  GLU A O   1 
ATOM   618  C CB  . GLU A 1 80  ? 9.467   9.851   3.537   1.00 9.92  ? 78  GLU A CB  1 
ATOM   619  C CG  . GLU A 1 80  ? 10.834  9.989   4.133   1.00 9.98  ? 78  GLU A CG  1 
ATOM   620  C CD  . GLU A 1 80  ? 11.677  10.880  3.287   1.00 13.53 ? 78  GLU A CD  1 
ATOM   621  O OE1 . GLU A 1 80  ? 12.392  10.344  2.432   1.00 17.21 ? 78  GLU A OE1 1 
ATOM   622  O OE2 . GLU A 1 80  ? 11.595  12.120  3.435   1.00 25.19 ? 78  GLU A OE2 1 
ATOM   623  N N   . GLY A 1 81  ? 8.989   9.088   6.728   1.00 14.14 ? 79  GLY A N   1 
ATOM   624  C CA  . GLY A 1 81  ? 9.018   9.667   8.055   1.00 16.14 ? 79  GLY A CA  1 
ATOM   625  C C   . GLY A 1 81  ? 9.792   8.776   9.008   1.00 21.58 ? 79  GLY A C   1 
ATOM   626  O O   . GLY A 1 81  ? 10.288  7.723   8.618   1.00 21.28 ? 79  GLY A O   1 
ATOM   627  N N   . GLU A 1 82  ? 9.909   9.211   10.255  1.00 20.29 ? 80  GLU A N   1 
ATOM   628  C CA  . GLU A 1 82  ? 10.460  8.376   11.310  1.00 17.77 ? 80  GLU A CA  1 
ATOM   629  C C   . GLU A 1 82  ? 9.708   7.058   11.411  1.00 25.56 ? 80  GLU A C   1 
ATOM   630  O O   . GLU A 1 82  ? 8.472   7.056   11.469  1.00 20.35 ? 80  GLU A O   1 
ATOM   631  C CB  . GLU A 1 82  ? 10.383  9.090   12.653  1.00 22.42 ? 80  GLU A CB  1 
ATOM   632  C CG  . GLU A 1 82  ? 11.564  9.949   12.990  1.00 27.85 ? 80  GLU A CG  1 
ATOM   633  C CD  . GLU A 1 82  ? 11.602  10.291  14.466  1.00 40.94 ? 80  GLU A CD  1 
ATOM   634  O OE1 . GLU A 1 82  ? 10.564  10.081  15.157  1.00 28.15 ? 80  GLU A OE1 1 
ATOM   635  O OE2 . GLU A 1 82  ? 12.677  10.756  14.925  1.00 39.80 ? 80  GLU A OE2 1 
ATOM   636  N N   . ASN A 1 83  ? 10.456  5.953   11.444  1.00 22.64 ? 81  ASN A N   1 
ATOM   637  C CA  . ASN A 1 83  ? 9.880   4.630   11.648  1.00 18.01 ? 81  ASN A CA  1 
ATOM   638  C C   . ASN A 1 83  ? 8.778   4.325   10.630  1.00 18.46 ? 81  ASN A C   1 
ATOM   639  O O   . ASN A 1 83  ? 7.748   3.741   10.975  1.00 18.94 ? 81  ASN A O   1 
ATOM   640  C CB  . ASN A 1 83  ? 9.339   4.532   13.073  1.00 18.06 ? 81  ASN A CB  1 
ATOM   641  C CG  . ASN A 1 83  ? 9.051   3.109   13.498  1.00 21.55 ? 81  ASN A CG  1 
ATOM   642  O OD1 . ASN A 1 83  ? 9.694   2.171   13.036  1.00 25.35 ? 81  ASN A OD1 1 
ATOM   643  N ND2 . ASN A 1 83  ? 8.076   2.943   14.379  1.00 22.44 ? 81  ASN A ND2 1 
ATOM   644  N N   . ALA A 1 84  ? 9.002   4.730   9.378   1.00 17.43 ? 82  ALA A N   1 
ATOM   645  C CA  . ALA A 1 84  ? 7.924   4.826   8.378   1.00 21.55 ? 82  ALA A CA  1 
ATOM   646  C C   . ALA A 1 84  ? 7.194   3.511   8.144   1.00 21.93 ? 82  ALA A C   1 
ATOM   647  O O   . ALA A 1 84  ? 5.962   3.464   8.159   1.00 18.20 ? 82  ALA A O   1 
ATOM   648  C CB  . ALA A 1 84  ? 8.473   5.347   7.052   1.00 15.71 ? 82  ALA A CB  1 
ATOM   649  N N   . VAL A 1 85  ? 7.968   2.454   7.911   1.00 19.84 ? 83  VAL A N   1 
ATOM   650  C CA  . VAL A 1 85  ? 7.419   1.133   7.672   1.00 15.92 ? 83  VAL A CA  1 
ATOM   651  C C   . VAL A 1 85  ? 6.421   0.761   8.782   1.00 21.18 ? 83  VAL A C   1 
ATOM   652  O O   . VAL A 1 85  ? 5.228   0.694   8.528   1.00 16.70 ? 83  VAL A O   1 
ATOM   653  C CB  . VAL A 1 85  ? 8.558   0.089   7.552   1.00 15.49 ? 83  VAL A CB  1 
ATOM   654  C CG1 . VAL A 1 85  ? 8.013   -1.324  7.507   1.00 17.81 ? 83  VAL A CG1 1 
ATOM   655  C CG2 . VAL A 1 85  ? 9.393   0.375   6.317   1.00 12.20 ? 83  VAL A CG2 1 
ATOM   656  N N   . LEU A 1 86  ? 6.900   0.571   10.011  1.00 27.14 ? 84  LEU A N   1 
ATOM   657  C CA  . LEU A 1 86  ? 6.049   0.107   11.115  1.00 20.81 ? 84  LEU A CA  1 
ATOM   658  C C   . LEU A 1 86  ? 4.884   1.047   11.432  1.00 20.42 ? 84  LEU A C   1 
ATOM   659  O O   . LEU A 1 86  ? 3.800   0.594   11.809  1.00 26.74 ? 84  LEU A O   1 
ATOM   660  C CB  . LEU A 1 86  ? 6.901   -0.097  12.365  1.00 21.04 ? 84  LEU A CB  1 
ATOM   661  C CG  . LEU A 1 86  ? 8.135   -0.950  12.084  1.00 28.16 ? 84  LEU A CG  1 
ATOM   662  C CD1 . LEU A 1 86  ? 9.102   -0.937  13.259  1.00 25.96 ? 84  LEU A CD1 1 
ATOM   663  C CD2 . LEU A 1 86  ? 7.729   -2.367  11.705  1.00 23.46 ? 84  LEU A CD2 1 
ATOM   664  N N   . ALA A 1 87  ? 5.110   2.349   11.262  1.00 22.71 ? 85  ALA A N   1 
ATOM   665  C CA  . ALA A 1 87  ? 4.106   3.380   11.546  1.00 19.52 ? 85  ALA A CA  1 
ATOM   666  C C   . ALA A 1 87  ? 3.028   3.480   10.443  1.00 18.14 ? 85  ALA A C   1 
ATOM   667  O O   . ALA A 1 87  ? 1.885   3.836   10.714  1.00 18.69 ? 85  ALA A O   1 
ATOM   668  C CB  . ALA A 1 87  ? 4.802   4.732   11.755  1.00 11.77 ? 85  ALA A CB  1 
ATOM   669  N N   . HIS A 1 88  ? 3.410   3.171   9.207   1.00 17.98 ? 86  HIS A N   1 
ATOM   670  C CA  . HIS A 1 88  ? 2.470   2.957   8.099   1.00 24.35 ? 86  HIS A CA  1 
ATOM   671  C C   . HIS A 1 88  ? 1.505   1.825   8.418   1.00 18.55 ? 86  HIS A C   1 
ATOM   672  O O   . HIS A 1 88  ? 0.288   1.988   8.353   1.00 21.97 ? 86  HIS A O   1 
ATOM   673  C CB  . HIS A 1 88  ? 3.238   2.626   6.804   1.00 21.88 ? 86  HIS A CB  1 
ATOM   674  C CG  . HIS A 1 88  ? 2.382   2.546   5.574   1.00 15.89 ? 86  HIS A CG  1 
ATOM   675  N ND1 . HIS A 1 88  ? 2.745   1.810   4.467   1.00 17.97 ? 86  HIS A ND1 1 
ATOM   676  C CD2 . HIS A 1 88  ? 1.206   3.137   5.261   1.00 17.43 ? 86  HIS A CD2 1 
ATOM   677  C CE1 . HIS A 1 88  ? 1.825   1.939   3.530   1.00 13.77 ? 86  HIS A CE1 1 
ATOM   678  N NE2 . HIS A 1 88  ? 0.880   2.740   3.984   1.00 14.59 ? 86  HIS A NE2 1 
ATOM   679  N N   . ARG A 1 89  ? 2.073   0.674   8.761   1.00 17.82 ? 87  ARG A N   1 
ATOM   680  C CA  . ARG A 1 89  ? 1.303   -0.533  9.001   1.00 23.99 ? 87  ARG A CA  1 
ATOM   681  C C   . ARG A 1 89  ? 0.396   -0.353  10.205  1.00 27.17 ? 87  ARG A C   1 
ATOM   682  O O   . ARG A 1 89  ? -0.686  -0.950  10.273  1.00 19.71 ? 87  ARG A O   1 
ATOM   683  C CB  . ARG A 1 89  ? 2.236   -1.726  9.194   1.00 28.32 ? 87  ARG A CB  1 
ATOM   684  C CG  . ARG A 1 89  ? 3.325   -1.798  8.145   1.00 30.28 ? 87  ARG A CG  1 
ATOM   685  C CD  . ARG A 1 89  ? 4.140   -3.067  8.245   1.00 25.77 ? 87  ARG A CD  1 
ATOM   686  N NE  . ARG A 1 89  ? 3.342   -4.237  7.904   1.00 39.88 ? 87  ARG A NE  1 
ATOM   687  C CZ  . ARG A 1 89  ? 3.370   -5.375  8.592   1.00 57.66 ? 87  ARG A CZ  1 
ATOM   688  N NH1 . ARG A 1 89  ? 4.163   -5.489  9.656   1.00 42.17 ? 87  ARG A NH1 1 
ATOM   689  N NH2 . ARG A 1 89  ? 2.609   -6.398  8.214   1.00 58.16 ? 87  ARG A NH2 1 
ATOM   690  N N   . GLU A 1 90  ? 0.818   0.486   11.147  1.00 25.04 ? 88  GLU A N   1 
ATOM   691  C CA  . GLU A 1 90  ? -0.067  0.800   12.254  1.00 30.06 ? 88  GLU A CA  1 
ATOM   692  C C   . GLU A 1 90  ? -1.295  1.624   11.820  1.00 24.00 ? 88  GLU A C   1 
ATOM   693  O O   . GLU A 1 90  ? -2.395  1.417   12.336  1.00 22.68 ? 88  GLU A O   1 
ATOM   694  C CB  . GLU A 1 90  ? 0.674   1.527   13.357  1.00 23.46 ? 88  GLU A CB  1 
ATOM   695  C CG  . GLU A 1 90  ? -0.235  1.873   14.523  1.00 29.93 ? 88  GLU A CG  1 
ATOM   696  C CD  . GLU A 1 90  ? 0.503   2.559   15.662  1.00 52.13 ? 88  GLU A CD  1 
ATOM   697  O OE1 . GLU A 1 90  ? 1.747   2.689   15.561  1.00 45.31 ? 88  GLU A OE1 1 
ATOM   698  O OE2 . GLU A 1 90  ? -0.169  3.001   16.632  1.00 49.77 ? 88  GLU A OE2 1 
ATOM   699  N N   . ILE A 1 91  ? -1.133  2.539   10.869  1.00 24.60 ? 89  ILE A N   1 
ATOM   700  C CA  . ILE A 1 91  ? -2.289  3.315   10.416  1.00 22.05 ? 89  ILE A CA  1 
ATOM   701  C C   . ILE A 1 91  ? -3.234  2.455   9.595   1.00 23.62 ? 89  ILE A C   1 
ATOM   702  O O   . ILE A 1 91  ? -4.443  2.699   9.581   1.00 24.38 ? 89  ILE A O   1 
ATOM   703  C CB  . ILE A 1 91  ? -1.901  4.519   9.561   1.00 20.46 ? 89  ILE A CB  1 
ATOM   704  C CG1 . ILE A 1 91  ? -0.820  5.350   10.220  1.00 16.36 ? 89  ILE A CG1 1 
ATOM   705  C CG2 . ILE A 1 91  ? -3.104  5.413   9.329   1.00 21.31 ? 89  ILE A CG2 1 
ATOM   706  C CD1 . ILE A 1 91  ? -0.328  6.404   9.277   1.00 20.95 ? 89  ILE A CD1 1 
ATOM   707  N N   . LEU A 1 92  ? -2.676  1.463   8.901   1.00 22.11 ? 90  LEU A N   1 
ATOM   708  C CA  . LEU A 1 92  ? -3.463  0.595   8.036   1.00 18.68 ? 90  LEU A CA  1 
ATOM   709  C C   . LEU A 1 92  ? -4.280  -0.379  8.858   1.00 21.86 ? 90  LEU A C   1 
ATOM   710  O O   . LEU A 1 92  ? -5.453  -0.610  8.562   1.00 23.04 ? 90  LEU A O   1 
ATOM   711  C CB  . LEU A 1 92  ? -2.569  -0.182  7.072   1.00 17.97 ? 90  LEU A CB  1 
ATOM   712  C CG  . LEU A 1 92  ? -1.746  0.637   6.084   1.00 20.16 ? 90  LEU A CG  1 
ATOM   713  C CD1 . LEU A 1 92  ? -0.789  -0.258  5.298   1.00 14.59 ? 90  LEU A CD1 1 
ATOM   714  C CD2 . LEU A 1 92  ? -2.667  1.394   5.144   1.00 16.34 ? 90  LEU A CD2 1 
ATOM   715  N N   . GLY A 1 93  ? -3.658  -0.949  9.887   1.00 20.57 ? 91  GLY A N   1 
ATOM   716  C CA  . GLY A 1 93  ? -4.293  -1.996  10.667  1.00 17.92 ? 91  GLY A CA  1 
ATOM   717  C C   . GLY A 1 93  ? -3.967  -3.366  10.118  1.00 22.62 ? 91  GLY A C   1 
ATOM   718  O O   . GLY A 1 93  ? -3.244  -3.495  9.133   1.00 30.09 ? 91  GLY A O   1 
ATOM   719  N N   . ALA A 1 94  ? -4.487  -4.401  10.762  1.00 30.87 ? 92  ALA A N   1 
ATOM   720  C CA  . ALA A 1 94  ? -4.208  -5.765  10.335  1.00 24.25 ? 92  ALA A CA  1 
ATOM   721  C C   . ALA A 1 94  ? -4.657  -5.970  8.904   1.00 32.10 ? 92  ALA A C   1 
ATOM   722  O O   . ALA A 1 94  ? -5.666  -5.405  8.471   1.00 35.47 ? 92  ALA A O   1 
ATOM   723  C CB  . ALA A 1 94  ? -4.890  -6.766  11.243  1.00 30.08 ? 92  ALA A CB  1 
ATOM   724  N N   . THR A 1 95  ? -3.902  -6.784  8.179   1.00 31.02 ? 93  THR A N   1 
ATOM   725  C CA  . THR A 1 95  ? -4.175  -7.066  6.782   1.00 27.98 ? 93  THR A CA  1 
ATOM   726  C C   . THR A 1 95  ? -5.622  -7.519  6.588   1.00 27.02 ? 93  THR A C   1 
ATOM   727  O O   . THR A 1 95  ? -6.257  -7.186  5.590   1.00 36.60 ? 93  THR A O   1 
ATOM   728  C CB  . THR A 1 95  ? -3.187  -8.124  6.254   1.00 32.49 ? 93  THR A CB  1 
ATOM   729  O OG1 . THR A 1 95  ? -1.918  -7.501  6.005   1.00 31.09 ? 93  THR A OG1 1 
ATOM   730  C CG2 . THR A 1 95  ? -3.695  -8.750  4.972   1.00 42.03 ? 93  THR A CG2 1 
ATOM   731  N N   . ASN A 1 96  ? -6.140  -8.242  7.572   1.00 23.49 ? 94  ASN A N   1 
ATOM   732  C CA  . ASN A 1 96  ? -7.523  -8.702  7.581   1.00 25.76 ? 94  ASN A CA  1 
ATOM   733  C C   . ASN A 1 96  ? -8.424  -7.690  8.285   1.00 29.55 ? 94  ASN A C   1 
ATOM   734  O O   . ASN A 1 96  ? -8.254  -7.449  9.475   1.00 35.29 ? 94  ASN A O   1 
ATOM   735  C CB  . ASN A 1 96  ? -7.609  -10.066 8.277   1.00 29.04 ? 94  ASN A CB  1 
ATOM   736  C CG  . ASN A 1 96  ? -8.962  -10.748 8.107   1.00 32.88 ? 94  ASN A CG  1 
ATOM   737  O OD1 . ASN A 1 96  ? -9.805  -10.326 7.310   1.00 44.03 ? 94  ASN A OD1 1 
ATOM   738  N ND2 . ASN A 1 96  ? -9.170  -11.818 8.867   1.00 27.75 ? 94  ASN A ND2 1 
ATOM   739  N N   . PRO A 1 97  ? -9.376  -7.086  7.552   1.00 27.48 ? 95  PRO A N   1 
ATOM   740  C CA  . PRO A 1 97  ? -10.302 -6.089  8.100   1.00 24.93 ? 95  PRO A CA  1 
ATOM   741  C C   . PRO A 1 97  ? -11.029 -6.560  9.351   1.00 34.11 ? 95  PRO A C   1 
ATOM   742  O O   . PRO A 1 97  ? -11.330 -5.736  10.218  1.00 29.97 ? 95  PRO A O   1 
ATOM   743  C CB  . PRO A 1 97  ? -11.291 -5.874  6.958   1.00 27.65 ? 95  PRO A CB  1 
ATOM   744  C CG  . PRO A 1 97  ? -10.505 -6.133  5.742   1.00 28.52 ? 95  PRO A CG  1 
ATOM   745  C CD  . PRO A 1 97  ? -9.552  -7.245  6.098   1.00 34.67 ? 95  PRO A CD  1 
ATOM   746  N N   . LYS A 1 98  ? -11.309 -7.859  9.442   1.00 33.26 ? 96  LYS A N   1 
ATOM   747  C CA  . LYS A 1 98  ? -11.932 -8.419  10.640  1.00 38.08 ? 96  LYS A CA  1 
ATOM   748  C C   . LYS A 1 98  ? -11.064 -8.190  11.876  1.00 31.21 ? 96  LYS A C   1 
ATOM   749  O O   . LYS A 1 98  ? -11.550 -7.727  12.906  1.00 36.92 ? 96  LYS A O   1 
ATOM   750  C CB  . LYS A 1 98  ? -12.208 -9.921  10.469  1.00 40.96 ? 96  LYS A CB  1 
ATOM   751  C CG  . LYS A 1 98  ? -13.567 -10.268 9.843   1.00 37.83 ? 96  LYS A CG  1 
ATOM   752  C CD  . LYS A 1 98  ? -13.547 -10.099 8.330   1.00 48.99 ? 96  LYS A CD  1 
ATOM   753  C CE  . LYS A 1 98  ? -14.842 -10.583 7.689   1.00 49.99 ? 96  LYS A CE  1 
ATOM   754  N NZ  . LYS A 1 98  ? -14.753 -10.560 6.193   1.00 45.70 ? 96  LYS A NZ  1 
ATOM   755  N N   . GLU A 1 99  ? -9.778  -8.503  11.758  1.00 28.92 ? 97  GLU A N   1 
ATOM   756  C CA  . GLU A 1 99  ? -8.843  -8.406  12.872  1.00 31.22 ? 97  GLU A CA  1 
ATOM   757  C C   . GLU A 1 99  ? -8.290  -6.999  13.102  1.00 34.06 ? 97  GLU A C   1 
ATOM   758  O O   . GLU A 1 99  ? -7.458  -6.799  13.984  1.00 43.17 ? 97  GLU A O   1 
ATOM   759  C CB  . GLU A 1 99  ? -7.660  -9.359  12.662  1.00 32.61 ? 97  GLU A CB  1 
ATOM   760  C CG  . GLU A 1 99  ? -7.987  -10.846 12.690  1.00 42.04 ? 97  GLU A CG  1 
ATOM   761  C CD  . GLU A 1 99  ? -6.728  -11.716 12.725  1.00 52.40 ? 97  GLU A CD  1 
ATOM   762  O OE1 . GLU A 1 99  ? -5.643  -11.177 13.057  1.00 43.91 ? 97  GLU A OE1 1 
ATOM   763  O OE2 . GLU A 1 99  ? -6.822  -12.932 12.423  1.00 40.37 ? 97  GLU A OE2 1 
ATOM   764  N N   . ALA A 1 100 ? -8.730  -6.024  12.318  1.00 32.64 ? 98  ALA A N   1 
ATOM   765  C CA  . ALA A 1 100 ? -8.114  -4.701  12.372  1.00 28.55 ? 98  ALA A CA  1 
ATOM   766  C C   . ALA A 1 100 ? -8.762  -3.778  13.406  1.00 34.40 ? 98  ALA A C   1 
ATOM   767  O O   . ALA A 1 100 ? -9.980  -3.802  13.614  1.00 31.00 ? 98  ALA A O   1 
ATOM   768  C CB  . ALA A 1 100 ? -8.151  -4.052  11.000  1.00 26.21 ? 98  ALA A CB  1 
ATOM   769  N N   . ALA A 1 101 ? -7.916  -2.958  14.032  1.00 38.88 ? 99  ALA A N   1 
ATOM   770  C CA  . ALA A 1 101 ? -8.309  -1.998  15.063  1.00 31.08 ? 99  ALA A CA  1 
ATOM   771  C C   . ALA A 1 101 ? -9.239  -0.902  14.543  1.00 33.97 ? 99  ALA A C   1 
ATOM   772  O O   . ALA A 1 101 ? -9.247  -0.596  13.353  1.00 29.46 ? 99  ALA A O   1 
ATOM   773  C CB  . ALA A 1 101 ? -7.065  -1.371  15.674  1.00 22.19 ? 99  ALA A CB  1 
ATOM   774  N N   . PRO A 1 102 ? -10.039 -0.312  15.444  1.00 37.14 ? 100 PRO A N   1 
ATOM   775  C CA  . PRO A 1 102 ? -10.875 0.848   15.121  1.00 32.14 ? 100 PRO A CA  1 
ATOM   776  C C   . PRO A 1 102 ? -10.065 2.046   14.625  1.00 30.17 ? 100 PRO A C   1 
ATOM   777  O O   . PRO A 1 102 ? -8.978  2.330   15.129  1.00 28.27 ? 100 PRO A O   1 
ATOM   778  C CB  . PRO A 1 102 ? -11.548 1.169   16.459  1.00 28.44 ? 100 PRO A CB  1 
ATOM   779  C CG  . PRO A 1 102 ? -11.620 -0.141  17.147  1.00 32.23 ? 100 PRO A CG  1 
ATOM   780  C CD  . PRO A 1 102 ? -10.339 -0.842  16.786  1.00 32.74 ? 100 PRO A CD  1 
ATOM   781  N N   . GLY A 1 103 ? -10.594 2.753   13.638  1.00 29.27 ? 101 GLY A N   1 
ATOM   782  C CA  . GLY A 1 103 ? -9.905  3.922   13.125  1.00 27.14 ? 101 GLY A CA  1 
ATOM   783  C C   . GLY A 1 103 ? -8.698  3.627   12.243  1.00 29.50 ? 101 GLY A C   1 
ATOM   784  O O   . GLY A 1 103 ? -7.944  4.532   11.901  1.00 25.23 ? 101 GLY A O   1 
ATOM   785  N N   . THR A 1 104 ? -8.501  2.365   11.876  1.00 29.79 ? 102 THR A N   1 
ATOM   786  C CA  . THR A 1 104 ? -7.476  2.035   10.897  1.00 21.43 ? 102 THR A CA  1 
ATOM   787  C C   . THR A 1 104 ? -8.127  2.040   9.509   1.00 27.39 ? 102 THR A C   1 
ATOM   788  O O   . THR A 1 104 ? -9.350  1.884   9.377   1.00 18.84 ? 102 THR A O   1 
ATOM   789  C CB  . THR A 1 104 ? -6.812  0.669   11.168  1.00 15.31 ? 102 THR A CB  1 
ATOM   790  O OG1 . THR A 1 104 ? -7.767  -0.373  10.976  1.00 22.10 ? 102 THR A OG1 1 
ATOM   791  C CG2 . THR A 1 104 ? -6.290  0.582   12.587  1.00 23.61 ? 102 THR A CG2 1 
ATOM   792  N N   . ILE A 1 105 ? -7.301  2.257   8.487   1.00 23.04 ? 103 ILE A N   1 
ATOM   793  C CA  . ILE A 1 105 ? -7.737  2.216   7.099   1.00 21.34 ? 103 ILE A CA  1 
ATOM   794  C C   . ILE A 1 105 ? -8.406  0.886   6.748   1.00 20.66 ? 103 ILE A C   1 
ATOM   795  O O   . ILE A 1 105 ? -9.433  0.857   6.074   1.00 19.35 ? 103 ILE A O   1 
ATOM   796  C CB  . ILE A 1 105 ? -6.548  2.458   6.153   1.00 18.45 ? 103 ILE A CB  1 
ATOM   797  C CG1 . ILE A 1 105 ? -6.067  3.894   6.305   1.00 18.20 ? 103 ILE A CG1 1 
ATOM   798  C CG2 . ILE A 1 105 ? -6.933  2.166   4.706   1.00 12.14 ? 103 ILE A CG2 1 
ATOM   799  C CD1 . ILE A 1 105 ? -4.605  4.011   6.455   1.00 15.23 ? 103 ILE A CD1 1 
ATOM   800  N N   . ARG A 1 106 ? -7.834  -0.218  7.204   1.00 16.92 ? 104 ARG A N   1 
ATOM   801  C CA  . ARG A 1 106 ? -8.421  -1.503  6.883   1.00 24.06 ? 104 ARG A CA  1 
ATOM   802  C C   . ARG A 1 106 ? -9.793  -1.665  7.565   1.00 27.18 ? 104 ARG A C   1 
ATOM   803  O O   . ARG A 1 106 ? -10.680 -2.349  7.052   1.00 28.41 ? 104 ARG A O   1 
ATOM   804  C CB  . ARG A 1 106 ? -7.468  -2.634  7.272   1.00 20.27 ? 104 ARG A CB  1 
ATOM   805  C CG  . ARG A 1 106 ? -6.797  -3.300  6.094   1.00 18.03 ? 104 ARG A CG  1 
ATOM   806  C CD  . ARG A 1 106 ? -5.500  -2.616  5.761   1.00 22.90 ? 104 ARG A CD  1 
ATOM   807  N NE  . ARG A 1 106 ? -4.753  -3.317  4.724   1.00 22.50 ? 104 ARG A NE  1 
ATOM   808  C CZ  . ARG A 1 106 ? -3.468  -3.646  4.829   1.00 21.75 ? 104 ARG A CZ  1 
ATOM   809  N NH1 . ARG A 1 106 ? -2.789  -3.344  5.926   1.00 23.46 ? 104 ARG A NH1 1 
ATOM   810  N NH2 . ARG A 1 106 ? -2.864  -4.289  3.843   1.00 24.07 ? 104 ARG A NH2 1 
ATOM   811  N N   . ALA A 1 107 ? -9.977  -1.004  8.701   1.00 17.94 ? 105 ALA A N   1 
ATOM   812  C CA  . ALA A 1 107 ? -11.222 -1.119  9.437   1.00 17.63 ? 105 ALA A CA  1 
ATOM   813  C C   . ALA A 1 107 ? -12.332 -0.267  8.840   1.00 27.08 ? 105 ALA A C   1 
ATOM   814  O O   . ALA A 1 107 ? -13.507 -0.662  8.863   1.00 35.19 ? 105 ALA A O   1 
ATOM   815  C CB  . ALA A 1 107 ? -11.011 -0.739  10.878  1.00 23.17 ? 105 ALA A CB  1 
ATOM   816  N N   . ASP A 1 108 ? -11.966 0.897   8.308   1.00 20.34 ? 106 ASP A N   1 
ATOM   817  C CA  . ASP A 1 108 ? -12.955 1.867   7.861   1.00 16.15 ? 106 ASP A CA  1 
ATOM   818  C C   . ASP A 1 108 ? -13.248 1.812   6.356   1.00 18.38 ? 106 ASP A C   1 
ATOM   819  O O   . ASP A 1 108 ? -14.253 2.359   5.893   1.00 19.11 ? 106 ASP A O   1 
ATOM   820  C CB  . ASP A 1 108 ? -12.503 3.274   8.244   1.00 13.28 ? 106 ASP A CB  1 
ATOM   821  C CG  . ASP A 1 108 ? -12.298 3.434   9.739   1.00 25.28 ? 106 ASP A CG  1 
ATOM   822  O OD1 . ASP A 1 108 ? -12.882 2.647   10.508  1.00 31.19 ? 106 ASP A OD1 1 
ATOM   823  O OD2 . ASP A 1 108 ? -11.558 4.356   10.158  1.00 31.03 ? 106 ASP A OD2 1 
ATOM   824  N N   . PHE A 1 109 ? -12.392 1.149   5.591   1.00 15.52 ? 107 PHE A N   1 
ATOM   825  C CA  . PHE A 1 109 ? -12.497 1.217   4.139   1.00 17.42 ? 107 PHE A CA  1 
ATOM   826  C C   . PHE A 1 109 ? -12.450 -0.124  3.456   1.00 17.27 ? 107 PHE A C   1 
ATOM   827  O O   . PHE A 1 109 ? -12.456 -0.187  2.230   1.00 24.49 ? 107 PHE A O   1 
ATOM   828  C CB  . PHE A 1 109 ? -11.380 2.086   3.572   1.00 12.81 ? 107 PHE A CB  1 
ATOM   829  C CG  . PHE A 1 109 ? -11.427 3.492   4.049   1.00 19.34 ? 107 PHE A CG  1 
ATOM   830  C CD1 . PHE A 1 109 ? -12.519 4.295   3.754   1.00 15.90 ? 107 PHE A CD1 1 
ATOM   831  C CD2 . PHE A 1 109 ? -10.387 4.016   4.805   1.00 21.37 ? 107 PHE A CD2 1 
ATOM   832  C CE1 . PHE A 1 109 ? -12.574 5.601   4.195   1.00 13.71 ? 107 PHE A CE1 1 
ATOM   833  C CE2 . PHE A 1 109 ? -10.430 5.318   5.250   1.00 16.75 ? 107 PHE A CE2 1 
ATOM   834  C CZ  . PHE A 1 109 ? -11.526 6.118   4.936   1.00 18.04 ? 107 PHE A CZ  1 
ATOM   835  N N   . ALA A 1 110 ? -12.377 -1.186  4.249   1.00 17.45 ? 108 ALA A N   1 
ATOM   836  C CA  . ALA A 1 110 ? -12.260 -2.533  3.716   1.00 13.86 ? 108 ALA A CA  1 
ATOM   837  C C   . ALA A 1 110 ? -13.171 -3.502  4.457   1.00 30.78 ? 108 ALA A C   1 
ATOM   838  O O   . ALA A 1 110 ? -13.442 -3.334  5.651   1.00 33.69 ? 108 ALA A O   1 
ATOM   839  C CB  . ALA A 1 110 ? -10.853 -2.989  3.802   1.00 22.20 ? 108 ALA A CB  1 
ATOM   840  N N   . VAL A 1 111 ? -13.636 -4.526  3.747   1.00 36.27 ? 109 VAL A N   1 
ATOM   841  C CA  . VAL A 1 111 ? -14.536 -5.513  4.331   1.00 37.45 ? 109 VAL A CA  1 
ATOM   842  C C   . VAL A 1 111 ? -13.849 -6.861  4.536   1.00 47.13 ? 109 VAL A C   1 
ATOM   843  O O   . VAL A 1 111 ? -13.936 -7.469  5.618   1.00 41.72 ? 109 VAL A O   1 
ATOM   844  C CB  . VAL A 1 111 ? -15.787 -5.702  3.447   1.00 49.03 ? 109 VAL A CB  1 
ATOM   845  C CG1 . VAL A 1 111 ? -15.412 -5.686  1.956   1.00 39.13 ? 109 VAL A CG1 1 
ATOM   846  C CG2 . VAL A 1 111 ? -16.520 -6.985  3.828   1.00 50.29 ? 109 VAL A CG2 1 
ATOM   847  N N   . SER A 1 112 ? -13.159 -7.314  3.492   1.00 37.73 ? 110 SER A N   1 
ATOM   848  C CA  . SER A 1 112 ? -12.545 -8.628  3.499   1.00 33.17 ? 110 SER A CA  1 
ATOM   849  C C   . SER A 1 112 ? -11.056 -8.534  3.256   1.00 28.95 ? 110 SER A C   1 
ATOM   850  O O   . SER A 1 112 ? -10.546 -7.480  2.888   1.00 30.30 ? 110 SER A O   1 
ATOM   851  C CB  . SER A 1 112 ? -13.187 -9.523  2.441   1.00 35.08 ? 110 SER A CB  1 
ATOM   852  O OG  . SER A 1 112 ? -12.890 -9.043  1.143   1.00 40.65 ? 110 SER A OG  1 
ATOM   853  N N   . ILE A 1 113 ? -10.361 -9.647  3.464   1.00 27.27 ? 111 ILE A N   1 
ATOM   854  C CA  . ILE A 1 113 ? -8.920  -9.672  3.311   1.00 25.98 ? 111 ILE A CA  1 
ATOM   855  C C   . ILE A 1 113 ? -8.565  -9.706  1.827   1.00 23.57 ? 111 ILE A C   1 
ATOM   856  O O   . ILE A 1 113 ? -7.462  -9.325  1.429   1.00 17.25 ? 111 ILE A O   1 
ATOM   857  C CB  . ILE A 1 113 ? -8.304  -10.879 4.065   1.00 31.18 ? 111 ILE A CB  1 
ATOM   858  C CG1 . ILE A 1 113 ? -6.770  -10.849 3.994   1.00 20.04 ? 111 ILE A CG1 1 
ATOM   859  C CG2 . ILE A 1 113 ? -8.890  -12.193 3.538   1.00 23.04 ? 111 ILE A CG2 1 
ATOM   860  C CD1 . ILE A 1 113 ? -6.113  -11.474 5.168   1.00 29.09 ? 111 ILE A CD1 1 
ATOM   861  N N   . ASP A 1 114 ? -9.512  -10.166 1.017   1.00 21.86 ? 112 ASP A N   1 
ATOM   862  C CA  . ASP A 1 114 ? -9.357  -10.178 -0.433  1.00 25.35 ? 112 ASP A CA  1 
ATOM   863  C C   . ASP A 1 114 ? -9.254  -8.780  -1.028  1.00 28.94 ? 112 ASP A C   1 
ATOM   864  O O   . ASP A 1 114 ? -8.556  -8.552  -2.020  1.00 23.48 ? 112 ASP A O   1 
ATOM   865  C CB  . ASP A 1 114 ? -10.529 -10.896 -1.071  1.00 21.52 ? 112 ASP A CB  1 
ATOM   866  C CG  . ASP A 1 114 ? -10.465 -12.348 -0.861  1.00 29.34 ? 112 ASP A CG  1 
ATOM   867  O OD1 . ASP A 1 114 ? -9.327  -12.839 -0.659  1.00 23.18 ? 112 ASP A OD1 1 
ATOM   868  O OD2 . ASP A 1 114 ? -11.538 -12.987 -0.889  1.00 32.55 ? 112 ASP A OD2 1 
ATOM   869  N N   . GLU A 1 115 ? -9.989  -7.855  -0.426  1.00 22.61 ? 113 GLU A N   1 
ATOM   870  C CA  . GLU A 1 115 ? -10.015 -6.484  -0.877  1.00 23.54 ? 113 GLU A CA  1 
ATOM   871  C C   . GLU A 1 115 ? -9.900  -5.571  0.339   1.00 24.69 ? 113 GLU A C   1 
ATOM   872  O O   . GLU A 1 115 ? -10.895 -5.149  0.930   1.00 25.65 ? 113 GLU A O   1 
ATOM   873  C CB  . GLU A 1 115 ? -11.291 -6.227  -1.678  1.00 34.27 ? 113 GLU A CB  1 
ATOM   874  C CG  . GLU A 1 115 ? -11.471 -7.211  -2.848  1.00 31.23 ? 113 GLU A CG  1 
ATOM   875  C CD  . GLU A 1 115 ? -12.780 -7.011  -3.595  1.00 32.04 ? 113 GLU A CD  1 
ATOM   876  O OE1 . GLU A 1 115 ? -13.599 -6.179  -3.142  1.00 22.81 ? 113 GLU A OE1 1 
ATOM   877  O OE2 . GLU A 1 115 ? -12.978 -7.683  -4.632  1.00 34.12 ? 113 GLU A OE2 1 
ATOM   878  N N   . ASN A 1 116 ? -8.665  -5.286  0.716   1.00 21.73 ? 114 ASN A N   1 
ATOM   879  C CA  . ASN A 1 116 ? -8.409  -4.633  1.978   1.00 20.52 ? 114 ASN A CA  1 
ATOM   880  C C   . ASN A 1 116 ? -7.932  -3.190  1.849   1.00 21.41 ? 114 ASN A C   1 
ATOM   881  O O   . ASN A 1 116 ? -7.121  -2.737  2.662   1.00 23.39 ? 114 ASN A O   1 
ATOM   882  C CB  . ASN A 1 116 ? -7.393  -5.447  2.785   1.00 21.63 ? 114 ASN A CB  1 
ATOM   883  C CG  . ASN A 1 116 ? -6.097  -5.695  2.031   1.00 20.75 ? 114 ASN A CG  1 
ATOM   884  O OD1 . ASN A 1 116 ? -6.007  -5.493  0.816   1.00 18.14 ? 114 ASN A OD1 1 
ATOM   885  N ND2 . ASN A 1 116 ? -5.077  -6.147  2.760   1.00 22.14 ? 114 ASN A ND2 1 
ATOM   886  N N   . ALA A 1 117 ? -8.435  -2.480  0.835   1.00 17.47 ? 115 ALA A N   1 
ATOM   887  C CA  . ALA A 1 117 ? -8.226  -1.029  0.675   1.00 16.97 ? 115 ALA A CA  1 
ATOM   888  C C   . ALA A 1 117 ? -6.778  -0.583  0.399   1.00 13.94 ? 115 ALA A C   1 
ATOM   889  O O   . ALA A 1 117 ? -6.540  0.250   -0.482  1.00 13.20 ? 115 ALA A O   1 
ATOM   890  C CB  . ALA A 1 117 ? -8.754  -0.297  1.904   1.00 11.98 ? 115 ALA A CB  1 
ATOM   891  N N   . ALA A 1 118 ? -5.812  -1.116  1.143   1.00 16.41 ? 116 ALA A N   1 
ATOM   892  C CA  . ALA A 1 118 ? -4.444  -0.595  1.064   1.00 18.04 ? 116 ALA A CA  1 
ATOM   893  C C   . ALA A 1 118 ? -3.332  -1.650  1.186   1.00 14.50 ? 116 ALA A C   1 
ATOM   894  O O   . ALA A 1 118 ? -3.480  -2.641  1.894   1.00 15.93 ? 116 ALA A O   1 
ATOM   895  C CB  . ALA A 1 118 ? -4.250  0.474   2.129   1.00 6.41  ? 116 ALA A CB  1 
ATOM   896  N N   . HIS A 1 119 ? -2.216  -1.414  0.498   1.00 11.06 ? 117 HIS A N   1 
ATOM   897  C CA  . HIS A 1 119 ? -1.006  -2.218  0.676   1.00 12.77 ? 117 HIS A CA  1 
ATOM   898  C C   . HIS A 1 119 ? 0.045   -1.426  1.423   1.00 10.74 ? 117 HIS A C   1 
ATOM   899  O O   . HIS A 1 119 ? 0.269   -0.270  1.114   1.00 10.14 ? 117 HIS A O   1 
ATOM   900  C CB  . HIS A 1 119 ? -0.407  -2.668  -0.669  1.00 11.17 ? 117 HIS A CB  1 
ATOM   901  C CG  . HIS A 1 119 ? 1.014   -3.141  -0.559  1.00 13.07 ? 117 HIS A CG  1 
ATOM   902  N ND1 . HIS A 1 119 ? 1.355   -4.476  -0.534  1.00 12.86 ? 117 HIS A ND1 1 
ATOM   903  C CD2 . HIS A 1 119 ? 2.178   -2.457  -0.427  1.00 14.80 ? 117 HIS A CD2 1 
ATOM   904  C CE1 . HIS A 1 119 ? 2.666   -4.594  -0.415  1.00 12.81 ? 117 HIS A CE1 1 
ATOM   905  N NE2 . HIS A 1 119 ? 3.189   -3.383  -0.339  1.00 12.93 ? 117 HIS A NE2 1 
ATOM   906  N N   . GLY A 1 120 ? 0.735   -2.059  2.363   1.00 15.10 ? 118 GLY A N   1 
ATOM   907  C CA  . GLY A 1 120 ? 1.872   -1.425  3.009   1.00 9.06  ? 118 GLY A CA  1 
ATOM   908  C C   . GLY A 1 120 ? 3.016   -2.404  3.013   1.00 10.29 ? 118 GLY A C   1 
ATOM   909  O O   . GLY A 1 120 ? 2.791   -3.597  3.116   1.00 13.61 ? 118 GLY A O   1 
ATOM   910  N N   . SER A 1 121 ? 4.237   -1.908  2.865   1.00 17.96 ? 119 SER A N   1 
ATOM   911  C CA  . SER A 1 121 ? 5.421   -2.751  2.974   1.00 14.61 ? 119 SER A CA  1 
ATOM   912  C C   . SER A 1 121 ? 5.535   -3.261  4.394   1.00 17.16 ? 119 SER A C   1 
ATOM   913  O O   . SER A 1 121 ? 5.360   -2.497  5.343   1.00 20.69 ? 119 SER A O   1 
ATOM   914  C CB  . SER A 1 121 ? 6.687   -1.986  2.602   1.00 10.33 ? 119 SER A CB  1 
ATOM   915  O OG  . SER A 1 121 ? 6.617   -1.497  1.290   1.00 10.52 ? 119 SER A OG  1 
ATOM   916  N N   . ASP A 1 122 ? 5.845   -4.539  4.558   1.00 22.46 ? 120 ASP A N   1 
ATOM   917  C CA  . ASP A 1 122 ? 5.909   -5.085  5.906   1.00 30.65 ? 120 ASP A CA  1 
ATOM   918  C C   . ASP A 1 122 ? 7.330   -5.059  6.470   1.00 20.15 ? 120 ASP A C   1 
ATOM   919  O O   . ASP A 1 122 ? 7.554   -5.424  7.617   1.00 32.78 ? 120 ASP A O   1 
ATOM   920  C CB  . ASP A 1 122 ? 5.340   -6.501  5.934   1.00 22.93 ? 120 ASP A CB  1 
ATOM   921  C CG  . ASP A 1 122 ? 5.970   -7.395  4.907   1.00 22.59 ? 120 ASP A CG  1 
ATOM   922  O OD1 . ASP A 1 122 ? 7.181   -7.245  4.646   1.00 22.28 ? 120 ASP A OD1 1 
ATOM   923  O OD2 . ASP A 1 122 ? 5.254   -8.270  4.370   1.00 31.37 ? 120 ASP A OD2 1 
ATOM   924  N N   . SER A 1 123 ? 8.281   -4.599  5.671   1.00 18.67 ? 121 SER A N   1 
ATOM   925  C CA  . SER A 1 123 ? 9.672   -4.565  6.102   1.00 17.69 ? 121 SER A CA  1 
ATOM   926  C C   . SER A 1 123 ? 10.453  -3.458  5.393   1.00 12.97 ? 121 SER A C   1 
ATOM   927  O O   . SER A 1 123 ? 10.083  -3.030  4.316   1.00 17.25 ? 121 SER A O   1 
ATOM   928  C CB  . SER A 1 123 ? 10.322  -5.926  5.847   1.00 15.28 ? 121 SER A CB  1 
ATOM   929  O OG  . SER A 1 123 ? 11.730  -5.815  5.728   1.00 23.69 ? 121 SER A OG  1 
ATOM   930  N N   . VAL A 1 124 ? 11.540  -3.007  6.002   1.00 14.64 ? 122 VAL A N   1 
ATOM   931  C CA  . VAL A 1 124 ? 12.402  -1.995  5.398   1.00 15.17 ? 122 VAL A CA  1 
ATOM   932  C C   . VAL A 1 124 ? 13.024  -2.532  4.108   1.00 13.41 ? 122 VAL A C   1 
ATOM   933  O O   . VAL A 1 124 ? 13.212  -1.793  3.135   1.00 10.66 ? 122 VAL A O   1 
ATOM   934  C CB  . VAL A 1 124 ? 13.504  -1.535  6.407   1.00 8.80  ? 122 VAL A CB  1 
ATOM   935  C CG1 . VAL A 1 124 ? 14.618  -0.735  5.731   1.00 4.04  ? 122 VAL A CG1 1 
ATOM   936  C CG2 . VAL A 1 124 ? 12.874  -0.713  7.509   1.00 8.13  ? 122 VAL A CG2 1 
ATOM   937  N N   . ALA A 1 125 ? 13.300  -3.835  4.100   1.00 18.20 ? 123 ALA A N   1 
ATOM   938  C CA  . ALA A 1 125 ? 14.005  -4.483  2.994   1.00 14.45 ? 123 ALA A CA  1 
ATOM   939  C C   . ALA A 1 125 ? 13.090  -4.636  1.807   1.00 14.70 ? 123 ALA A C   1 
ATOM   940  O O   . ALA A 1 125 ? 13.502  -4.414  0.674   1.00 15.98 ? 123 ALA A O   1 
ATOM   941  C CB  . ALA A 1 125 ? 14.536  -5.829  3.416   1.00 12.08 ? 123 ALA A CB  1 
ATOM   942  N N   . SER A 1 126 ? 11.849  -5.030  2.082   1.00 14.97 ? 124 SER A N   1 
ATOM   943  C CA  . SER A 1 126 ? 10.837  -5.163  1.049   1.00 15.69 ? 124 SER A CA  1 
ATOM   944  C C   . SER A 1 126 ? 10.432  -3.758  0.578   1.00 16.77 ? 124 SER A C   1 
ATOM   945  O O   . SER A 1 126 ? 10.262  -3.527  -0.616  1.00 17.04 ? 124 SER A O   1 
ATOM   946  C CB  . SER A 1 126 ? 9.621   -5.960  1.557   1.00 15.54 ? 124 SER A CB  1 
ATOM   947  O OG  . SER A 1 126 ? 8.821   -5.212  2.468   1.00 14.56 ? 124 SER A OG  1 
ATOM   948  N N   . ALA A 1 127 ? 10.313  -2.814  1.509   1.00 11.82 ? 125 ALA A N   1 
ATOM   949  C CA  . ALA A 1 127 ? 10.020  -1.435  1.131   1.00 14.64 ? 125 ALA A CA  1 
ATOM   950  C C   . ALA A 1 127 ? 11.035  -0.930  0.096   1.00 14.36 ? 125 ALA A C   1 
ATOM   951  O O   . ALA A 1 127 ? 10.683  -0.189  -0.818  1.00 14.00 ? 125 ALA A O   1 
ATOM   952  C CB  . ALA A 1 127 ? 9.999   -0.519  2.362   1.00 10.23 ? 125 ALA A CB  1 
ATOM   953  N N   . GLU A 1 128 ? 12.286  -1.351  0.222   1.00 13.60 ? 126 GLU A N   1 
ATOM   954  C CA  . GLU A 1 128 ? 13.305  -0.926  -0.732  1.00 18.80 ? 126 GLU A CA  1 
ATOM   955  C C   . GLU A 1 128 ? 13.033  -1.556  -2.098  1.00 21.54 ? 126 GLU A C   1 
ATOM   956  O O   . GLU A 1 128 ? 13.131  -0.880  -3.137  1.00 14.98 ? 126 GLU A O   1 
ATOM   957  C CB  . GLU A 1 128 ? 14.705  -1.288  -0.222  1.00 23.38 ? 126 GLU A CB  1 
ATOM   958  C CG  . GLU A 1 128 ? 15.845  -0.547  -0.917  1.00 32.71 ? 126 GLU A CG  1 
ATOM   959  C CD  . GLU A 1 128 ? 17.195  -0.795  -0.247  1.00 48.35 ? 126 GLU A CD  1 
ATOM   960  O OE1 . GLU A 1 128 ? 17.238  -0.784  1.006   1.00 44.35 ? 126 GLU A OE1 1 
ATOM   961  O OE2 . GLU A 1 128 ? 18.206  -1.001  -0.969  1.00 38.63 ? 126 GLU A OE2 1 
ATOM   962  N N   . ARG A 1 129 ? 12.671  -2.843  -2.094  1.00 16.79 ? 127 ARG A N   1 
ATOM   963  C CA  . ARG A 1 129 ? 12.350  -3.537  -3.335  1.00 16.55 ? 127 ARG A CA  1 
ATOM   964  C C   . ARG A 1 129 ? 11.071  -3.006  -3.968  1.00 14.30 ? 127 ARG A C   1 
ATOM   965  O O   . ARG A 1 129 ? 11.047  -2.639  -5.138  1.00 13.58 ? 127 ARG A O   1 
ATOM   966  C CB  . ARG A 1 129 ? 12.199  -5.033  -3.110  1.00 13.70 ? 127 ARG A CB  1 
ATOM   967  C CG  . ARG A 1 129 ? 11.645  -5.720  -4.351  1.00 19.02 ? 127 ARG A CG  1 
ATOM   968  C CD  . ARG A 1 129 ? 11.301  -7.171  -4.116  1.00 21.16 ? 127 ARG A CD  1 
ATOM   969  N NE  . ARG A 1 129 ? 10.160  -7.288  -3.224  1.00 24.23 ? 127 ARG A NE  1 
ATOM   970  C CZ  . ARG A 1 129 ? 8.894   -7.171  -3.615  1.00 31.47 ? 127 ARG A CZ  1 
ATOM   971  N NH1 . ARG A 1 129 ? 8.600   -6.938  -4.902  1.00 12.51 ? 127 ARG A NH1 1 
ATOM   972  N NH2 . ARG A 1 129 ? 7.921   -7.297  -2.712  1.00 28.73 ? 127 ARG A NH2 1 
ATOM   973  N N   . GLU A 1 130 ? 10.028  -2.947  -3.176  1.00 17.29 ? 128 GLU A N   1 
ATOM   974  C CA  . GLU A 1 130 ? 8.712   -2.532  -3.584  1.00 15.50 ? 128 GLU A CA  1 
ATOM   975  C C   . GLU A 1 130 ? 8.691   -1.109  -4.097  1.00 17.73 ? 128 GLU A C   1 
ATOM   976  O O   . GLU A 1 130 ? 7.976   -0.811  -5.026  1.00 17.94 ? 128 GLU A O   1 
ATOM   977  C CB  . GLU A 1 130 ? 7.739   -2.684  -2.429  1.00 13.27 ? 128 GLU A CB  1 
ATOM   978  C CG  . GLU A 1 130 ? 7.542   -4.086  -1.958  1.00 16.11 ? 128 GLU A CG  1 
ATOM   979  C CD  . GLU A 1 130 ? 6.438   -4.250  -0.955  1.00 24.54 ? 128 GLU A CD  1 
ATOM   980  O OE1 . GLU A 1 130 ? 5.524   -3.471  -0.923  1.00 17.51 ? 128 GLU A OE1 1 
ATOM   981  O OE2 . GLU A 1 130 ? 6.475   -5.190  -0.185  1.00 30.39 ? 128 GLU A OE2 1 
ATOM   982  N N   . ILE A 1 131 ? 9.481   -0.241  -3.475  1.00 14.26 ? 129 ILE A N   1 
ATOM   983  C CA  . ILE A 1 131 ? 9.582   1.123   -3.943  1.00 10.25 ? 129 ILE A CA  1 
ATOM   984  C C   . ILE A 1 131 ? 10.337  1.143   -5.253  1.00 9.64  ? 129 ILE A C   1 
ATOM   985  O O   . ILE A 1 131 ? 9.921   1.821   -6.183  1.00 18.31 ? 129 ILE A O   1 
ATOM   986  C CB  . ILE A 1 131 ? 10.267  2.053   -2.915  1.00 14.06 ? 129 ILE A CB  1 
ATOM   987  C CG1 . ILE A 1 131 ? 9.252   2.471   -1.844  1.00 15.28 ? 129 ILE A CG1 1 
ATOM   988  C CG2 . ILE A 1 131 ? 10.813  3.307   -3.592  1.00 9.31  ? 129 ILE A CG2 1 
ATOM   989  C CD1 . ILE A 1 131 ? 9.817   3.340   -0.749  1.00 8.39  ? 129 ILE A CD1 1 
ATOM   990  N N   . ALA A 1 132 ? 11.421  0.386   -5.359  1.00 8.60  ? 130 ALA A N   1 
ATOM   991  C CA  . ALA A 1 132 ? 12.254  0.474   -6.566  1.00 12.45 ? 130 ALA A CA  1 
ATOM   992  C C   . ALA A 1 132 ? 11.555  -0.108  -7.798  1.00 14.50 ? 130 ALA A C   1 
ATOM   993  O O   . ALA A 1 132 ? 11.883  0.235   -8.933  1.00 14.10 ? 130 ALA A O   1 
ATOM   994  C CB  . ALA A 1 132 ? 13.582  -0.209  -6.346  1.00 9.19  ? 130 ALA A CB  1 
ATOM   995  N N   . TYR A 1 133 ? 10.589  -0.988  -7.566  1.00 10.67 ? 131 TYR A N   1 
ATOM   996  C CA  . TYR A 1 133 ? 9.811   -1.572  -8.643  1.00 11.93 ? 131 TYR A CA  1 
ATOM   997  C C   . TYR A 1 133 ? 8.883   -0.542  -9.334  1.00 14.54 ? 131 TYR A C   1 
ATOM   998  O O   . TYR A 1 133 ? 8.708   -0.571  -10.555 1.00 12.00 ? 131 TYR A O   1 
ATOM   999  C CB  . TYR A 1 133 ? 9.004   -2.756  -8.090  1.00 13.33 ? 131 TYR A CB  1 
ATOM   1000 C CG  . TYR A 1 133 ? 8.090   -3.442  -9.077  1.00 7.70  ? 131 TYR A CG  1 
ATOM   1001 C CD1 . TYR A 1 133 ? 8.564   -4.422  -9.932  1.00 6.26  ? 131 TYR A CD1 1 
ATOM   1002 C CD2 . TYR A 1 133 ? 6.746   -3.113  -9.138  1.00 12.63 ? 131 TYR A CD2 1 
ATOM   1003 C CE1 . TYR A 1 133 ? 7.727   -5.054  -10.834 1.00 10.42 ? 131 TYR A CE1 1 
ATOM   1004 C CE2 . TYR A 1 133 ? 5.890   -3.743  -10.035 1.00 15.61 ? 131 TYR A CE2 1 
ATOM   1005 C CZ  . TYR A 1 133 ? 6.382   -4.713  -10.885 1.00 16.56 ? 131 TYR A CZ  1 
ATOM   1006 O OH  . TYR A 1 133 ? 5.520   -5.338  -11.777 1.00 20.11 ? 131 TYR A OH  1 
ATOM   1007 N N   . PHE A 1 134 ? 8.297   0.374   -8.568  1.00 11.32 ? 132 PHE A N   1 
ATOM   1008 C CA  . PHE A 1 134 ? 7.308   1.281   -9.142  1.00 10.35 ? 132 PHE A CA  1 
ATOM   1009 C C   . PHE A 1 134 ? 7.880   2.668   -9.451  1.00 14.88 ? 132 PHE A C   1 
ATOM   1010 O O   . PHE A 1 134 ? 7.316   3.415   -10.259 1.00 12.86 ? 132 PHE A O   1 
ATOM   1011 C CB  . PHE A 1 134 ? 6.097   1.425   -8.205  1.00 13.21 ? 132 PHE A CB  1 
ATOM   1012 C CG  . PHE A 1 134 ? 5.082   0.309   -8.322  1.00 12.36 ? 132 PHE A CG  1 
ATOM   1013 C CD1 . PHE A 1 134 ? 4.430   0.068   -9.517  1.00 13.67 ? 132 PHE A CD1 1 
ATOM   1014 C CD2 . PHE A 1 134 ? 4.761   -0.481  -7.219  1.00 13.63 ? 132 PHE A CD2 1 
ATOM   1015 C CE1 . PHE A 1 134 ? 3.484   -0.965  -9.625  1.00 18.51 ? 132 PHE A CE1 1 
ATOM   1016 C CE2 . PHE A 1 134 ? 3.822   -1.502  -7.315  1.00 12.00 ? 132 PHE A CE2 1 
ATOM   1017 C CZ  . PHE A 1 134 ? 3.182   -1.746  -8.525  1.00 11.17 ? 132 PHE A CZ  1 
ATOM   1018 N N   . PHE A 1 135 ? 8.989   3.022   -8.806  1.00 18.58 ? 133 PHE A N   1 
ATOM   1019 C CA  . PHE A 1 135 ? 9.542   4.376   -8.937  1.00 13.38 ? 133 PHE A CA  1 
ATOM   1020 C C   . PHE A 1 135 ? 11.008  4.384   -9.268  1.00 11.55 ? 133 PHE A C   1 
ATOM   1021 O O   . PHE A 1 135 ? 11.800  3.677   -8.647  1.00 13.40 ? 133 PHE A O   1 
ATOM   1022 C CB  . PHE A 1 135 ? 9.351   5.170   -7.651  1.00 11.38 ? 133 PHE A CB  1 
ATOM   1023 C CG  . PHE A 1 135 ? 7.934   5.435   -7.317  1.00 8.86  ? 133 PHE A CG  1 
ATOM   1024 C CD1 . PHE A 1 135 ? 7.287   6.530   -7.857  1.00 7.39  ? 133 PHE A CD1 1 
ATOM   1025 C CD2 . PHE A 1 135 ? 7.246   4.592   -6.457  1.00 10.06 ? 133 PHE A CD2 1 
ATOM   1026 C CE1 . PHE A 1 135 ? 5.963   6.790   -7.549  1.00 12.04 ? 133 PHE A CE1 1 
ATOM   1027 C CE2 . PHE A 1 135 ? 5.925   4.834   -6.146  1.00 13.15 ? 133 PHE A CE2 1 
ATOM   1028 C CZ  . PHE A 1 135 ? 5.277   5.948   -6.696  1.00 15.22 ? 133 PHE A CZ  1 
ATOM   1029 N N   . ALA A 1 136 ? 11.367  5.187   -10.256 1.00 10.59 ? 134 ALA A N   1 
ATOM   1030 C CA  . ALA A 1 136 ? 12.761  5.529   -10.457 1.00 13.44 ? 134 ALA A CA  1 
ATOM   1031 C C   . ALA A 1 136 ? 13.169  6.409   -9.282  1.00 14.98 ? 134 ALA A C   1 
ATOM   1032 O O   . ALA A 1 136 ? 12.321  7.103   -8.693  1.00 12.94 ? 134 ALA A O   1 
ATOM   1033 C CB  . ALA A 1 136 ? 12.961  6.251   -11.788 1.00 10.28 ? 134 ALA A CB  1 
ATOM   1034 N N   . ASP A 1 137 ? 14.444  6.398   -8.918  1.00 11.97 ? 135 ASP A N   1 
ATOM   1035 C CA  . ASP A 1 137 ? 14.830  7.223   -7.794  1.00 14.36 ? 135 ASP A CA  1 
ATOM   1036 C C   . ASP A 1 137 ? 14.753  8.714   -8.134  1.00 17.46 ? 135 ASP A C   1 
ATOM   1037 O O   . ASP A 1 137 ? 14.547  9.546   -7.253  1.00 24.80 ? 135 ASP A O   1 
ATOM   1038 C CB  . ASP A 1 137 ? 16.211  6.861   -7.296  1.00 10.72 ? 135 ASP A CB  1 
ATOM   1039 C CG  . ASP A 1 137 ? 16.399  7.262   -5.865  1.00 31.03 ? 135 ASP A CG  1 
ATOM   1040 O OD1 . ASP A 1 137 ? 15.919  6.519   -4.971  1.00 37.61 ? 135 ASP A OD1 1 
ATOM   1041 O OD2 . ASP A 1 137 ? 16.980  8.344   -5.631  1.00 35.07 ? 135 ASP A OD2 1 
ATOM   1042 N N   . ASN A 1 138 ? 14.890  9.045   -9.413  1.00 16.16 ? 136 ASN A N   1 
ATOM   1043 C CA  . ASN A 1 138 ? 14.720  10.417  -9.870  1.00 16.39 ? 136 ASN A CA  1 
ATOM   1044 C C   . ASN A 1 138 ? 13.346  10.947  -9.523  1.00 18.28 ? 136 ASN A C   1 
ATOM   1045 O O   . ASN A 1 138 ? 13.150  12.126  -9.236  1.00 20.24 ? 136 ASN A O   1 
ATOM   1046 C CB  . ASN A 1 138 ? 14.915  10.498  -11.378 1.00 15.71 ? 136 ASN A CB  1 
ATOM   1047 C CG  . ASN A 1 138 ? 14.654  11.877  -11.919 1.00 20.40 ? 136 ASN A CG  1 
ATOM   1048 O OD1 . ASN A 1 138 ? 15.509  12.768  -11.819 1.00 26.60 ? 136 ASN A OD1 1 
ATOM   1049 N ND2 . ASN A 1 138 ? 13.474  12.072  -12.502 1.00 21.08 ? 136 ASN A ND2 1 
ATOM   1050 N N   . GLU A 1 139 ? 12.392  10.036  -9.552  1.00 23.34 ? 137 GLU A N   1 
ATOM   1051 C CA  . GLU A 1 139 ? 10.983  10.366  -9.474  1.00 17.45 ? 137 GLU A CA  1 
ATOM   1052 C C   . GLU A 1 139 ? 10.543  10.763  -8.061  1.00 15.90 ? 137 GLU A C   1 
ATOM   1053 O O   . GLU A 1 139 ? 9.372   11.050  -7.839  1.00 15.38 ? 137 GLU A O   1 
ATOM   1054 C CB  . GLU A 1 139 ? 10.181  9.161   -9.960  1.00 13.37 ? 137 GLU A CB  1 
ATOM   1055 C CG  . GLU A 1 139 ? 9.114   9.457   -10.963 1.00 17.64 ? 137 GLU A CG  1 
ATOM   1056 C CD  . GLU A 1 139 ? 8.141   8.306   -11.101 1.00 21.15 ? 137 GLU A CD  1 
ATOM   1057 O OE1 . GLU A 1 139 ? 8.579   7.185   -11.479 1.00 16.06 ? 137 GLU A OE1 1 
ATOM   1058 O OE2 . GLU A 1 139 ? 6.944   8.531   -10.801 1.00 21.38 ? 137 GLU A OE2 1 
ATOM   1059 N N   . ILE A 1 140 ? 11.485  10.782  -7.116  1.00 20.70 ? 138 ILE A N   1 
ATOM   1060 C CA  . ILE A 1 140 ? 11.178  10.967  -5.693  1.00 16.39 ? 138 ILE A CA  1 
ATOM   1061 C C   . ILE A 1 140 ? 11.839  12.217  -5.116  1.00 14.50 ? 138 ILE A C   1 
ATOM   1062 O O   . ILE A 1 140 ? 13.048  12.228  -4.860  1.00 23.12 ? 138 ILE A O   1 
ATOM   1063 C CB  . ILE A 1 140 ? 11.622  9.725   -4.870  1.00 11.37 ? 138 ILE A CB  1 
ATOM   1064 C CG1 . ILE A 1 140 ? 11.051  8.445   -5.492  1.00 12.68 ? 138 ILE A CG1 1 
ATOM   1065 C CG2 . ILE A 1 140 ? 11.222  9.850   -3.407  1.00 7.56  ? 138 ILE A CG2 1 
ATOM   1066 C CD1 . ILE A 1 140 ? 11.260  7.185   -4.657  1.00 9.09  ? 138 ILE A CD1 1 
HETATM 1067 O O   . HOH B 2 .   ? -3.728  16.060  4.041   1.00 10.37 ? 201 HOH A O   1 
HETATM 1068 O O   . HOH B 2 .   ? 2.486   14.566  2.418   1.00 7.64  ? 202 HOH A O   1 
HETATM 1069 O O   . HOH B 2 .   ? 7.559   19.262  -0.115  1.00 16.58 ? 203 HOH A O   1 
HETATM 1070 O O   . HOH B 2 .   ? 7.972   12.906  -5.849  1.00 30.00 ? 204 HOH A O   1 
HETATM 1071 O O   . HOH B 2 .   ? 2.872   14.698  7.475   1.00 14.72 ? 205 HOH A O   1 
HETATM 1072 O O   . HOH B 2 .   ? 6.428   8.483   12.403  1.00 15.55 ? 206 HOH A O   1 
HETATM 1073 O O   . HOH B 2 .   ? -1.058  -6.145  -1.389  1.00 6.01  ? 207 HOH A O   1 
HETATM 1074 O O   . HOH B 2 .   ? 4.382   15.725  0.379   1.00 10.96 ? 208 HOH A O   1 
HETATM 1075 O O   . HOH B 2 .   ? -2.509  8.831   -13.064 1.00 6.37  ? 209 HOH A O   1 
HETATM 1076 O O   . HOH B 2 .   ? -15.579 9.955   0.066   1.00 17.93 ? 210 HOH A O   1 
HETATM 1077 O O   . HOH B 2 .   ? -9.152  6.119   -14.330 1.00 30.00 ? 211 HOH A O   1 
HETATM 1078 O O   . HOH B 2 .   ? -1.157  11.104  -6.533  0.50 6.60  ? 212 HOH A O   1 
HETATM 1079 O O   . HOH B 2 .   ? -4.284  15.296  7.029   1.00 10.91 ? 213 HOH A O   1 
HETATM 1080 O O   . HOH B 2 .   ? 5.984   5.139   15.269  1.00 20.98 ? 214 HOH A O   1 
HETATM 1081 O O   . HOH B 2 .   ? 14.533  1.976   -9.087  0.50 12.10 ? 215 HOH A O   1 
HETATM 1082 O O   . HOH B 2 .   ? 15.372  14.566  -3.548  1.00 30.00 ? 216 HOH A O   1 
HETATM 1083 O O   . HOH B 2 .   ? -3.439  -23.339 -2.333  1.00 25.61 ? 217 HOH A O   1 
HETATM 1084 O O   . HOH B 2 .   ? 10.300  19.044  -0.550  1.00 9.76  ? 218 HOH A O   1 
HETATM 1085 O O   . HOH B 2 .   ? -13.752 13.486  3.484   1.00 7.99  ? 219 HOH A O   1 
HETATM 1086 O O   . HOH B 2 .   ? -6.912  -0.717  -17.736 1.00 7.39  ? 220 HOH A O   1 
HETATM 1087 O O   . HOH B 2 .   ? -0.944  -22.260 -1.831  1.00 20.94 ? 221 HOH A O   1 
HETATM 1088 O O   . HOH B 2 .   ? -4.462  -1.503  -10.867 1.00 12.02 ? 222 HOH A O   1 
HETATM 1089 O O   . HOH B 2 .   ? 4.745   -0.173  5.622   1.00 10.76 ? 223 HOH A O   1 
HETATM 1090 O O   . HOH B 2 .   ? -1.386  2.324   1.664   1.00 7.26  ? 224 HOH A O   1 
HETATM 1091 O O   . HOH B 2 .   ? -9.777  1.102   -8.934  1.00 10.59 ? 225 HOH A O   1 
HETATM 1092 O O   . HOH B 2 .   ? -7.722  -10.515 -4.202  1.00 11.97 ? 226 HOH A O   1 
HETATM 1093 O O   . HOH B 2 .   ? 13.932  5.767   -2.706  1.00 18.55 ? 227 HOH A O   1 
HETATM 1094 O O   . HOH B 2 .   ? -15.563 2.016   2.108   1.00 19.62 ? 228 HOH A O   1 
HETATM 1095 O O   . HOH B 2 .   ? -8.564  -8.049  -13.655 1.00 16.64 ? 229 HOH A O   1 
HETATM 1096 O O   . HOH B 2 .   ? 14.234  2.043   -3.587  1.00 10.01 ? 230 HOH A O   1 
HETATM 1097 O O   . HOH B 2 .   ? 11.044  15.516  2.105   1.00 14.61 ? 231 HOH A O   1 
HETATM 1098 O O   . HOH B 2 .   ? -5.229  -3.201  13.922  1.00 15.77 ? 232 HOH A O   1 
HETATM 1099 O O   . HOH B 2 .   ? 0.795   -2.594  12.650  1.00 19.23 ? 233 HOH A O   1 
HETATM 1100 O O   . HOH B 2 .   ? -5.408  -7.605  -2.039  1.00 30.00 ? 234 HOH A O   1 
# 
loop_
_pdbx_poly_seq_scheme.asym_id 
_pdbx_poly_seq_scheme.entity_id 
_pdbx_poly_seq_scheme.seq_id 
_pdbx_poly_seq_scheme.mon_id 
_pdbx_poly_seq_scheme.ndb_seq_num 
_pdbx_poly_seq_scheme.pdb_seq_num 
_pdbx_poly_seq_scheme.auth_seq_num 
_pdbx_poly_seq_scheme.pdb_mon_id 
_pdbx_poly_seq_scheme.auth_mon_id 
_pdbx_poly_seq_scheme.pdb_strand_id 
_pdbx_poly_seq_scheme.pdb_ins_code 
_pdbx_poly_seq_scheme.hetero 
A 1 1   GLU 1   -1  -1  GLU GLU A . n 
A 1 2   PHE 2   0   0   PHE PHE A . n 
A 1 3   MET 3   1   1   MET MET A . n 
A 1 4   ALA 4   2   2   ALA ALA A . n 
A 1 5   ILE 5   3   3   ILE ILE A . n 
A 1 6   GLU 6   4   4   GLU GLU A . n 
A 1 7   ARG 7   5   5   ARG ARG A . n 
A 1 8   THR 8   6   6   THR THR A . n 
A 1 9   LEU 9   7   7   LEU LEU A . n 
A 1 10  SER 10  8   8   SER SER A . n 
A 1 11  ILE 11  9   9   ILE ILE A . n 
A 1 12  VAL 12  10  10  VAL VAL A . n 
A 1 13  LYS 13  11  11  LYS LYS A . n 
A 1 14  PRO 14  12  12  PRO PRO A . n 
A 1 15  ASP 15  13  13  ASP ASP A . n 
A 1 16  ALA 16  14  14  ALA ALA A . n 
A 1 17  VAL 17  15  15  VAL VAL A . n 
A 1 18  SER 18  16  16  SER SER A . n 
A 1 19  LYS 19  17  17  LYS LYS A . n 
A 1 20  ASN 20  18  18  ASN ASN A . n 
A 1 21  HIS 21  19  19  HIS HIS A . n 
A 1 22  ILE 22  20  20  ILE ILE A . n 
A 1 23  GLY 23  21  21  GLY GLY A . n 
A 1 24  GLU 24  22  22  GLU GLU A . n 
A 1 25  ILE 25  23  23  ILE ILE A . n 
A 1 26  PHE 26  24  24  PHE PHE A . n 
A 1 27  ALA 27  25  25  ALA ALA A . n 
A 1 28  ARG 28  26  26  ARG ARG A . n 
A 1 29  PHE 29  27  27  PHE PHE A . n 
A 1 30  GLU 30  28  28  GLU GLU A . n 
A 1 31  LYS 31  29  29  LYS LYS A . n 
A 1 32  ALA 32  30  30  ALA ALA A . n 
A 1 33  GLY 33  31  31  GLY GLY A . n 
A 1 34  LEU 34  32  32  LEU LEU A . n 
A 1 35  LYS 35  33  33  LYS LYS A . n 
A 1 36  ILE 36  34  34  ILE ILE A . n 
A 1 37  VAL 37  35  35  VAL VAL A . n 
A 1 38  ALA 38  36  36  ALA ALA A . n 
A 1 39  THR 39  37  37  THR THR A . n 
A 1 40  LYS 40  38  38  LYS LYS A . n 
A 1 41  MET 41  39  39  MET MET A . n 
A 1 42  LYS 42  40  40  LYS LYS A . n 
A 1 43  HIS 43  41  41  HIS HIS A . n 
A 1 44  LEU 44  42  42  LEU LEU A . n 
A 1 45  SER 45  43  43  SER SER A . n 
A 1 46  GLN 46  44  44  GLN GLN A . n 
A 1 47  ALA 47  45  45  ALA ALA A . n 
A 1 48  ASP 48  46  46  ASP ASP A . n 
A 1 49  ALA 49  47  47  ALA ALA A . n 
A 1 50  GLU 50  48  48  GLU GLU A . n 
A 1 51  GLY 51  49  49  GLY GLY A . n 
A 1 52  PHE 52  50  50  PHE PHE A . n 
A 1 53  TYR 53  51  51  TYR TYR A . n 
A 1 54  ALA 54  52  52  ALA ALA A . n 
A 1 55  GLU 55  53  53  GLU GLU A . n 
A 1 56  HIS 56  54  54  HIS HIS A . n 
A 1 57  LYS 57  55  55  LYS LYS A . n 
A 1 58  GLU 58  56  56  GLU GLU A . n 
A 1 59  ARG 59  57  57  ARG ARG A . n 
A 1 60  GLY 60  58  58  GLY GLY A . n 
A 1 61  PHE 61  59  59  PHE PHE A . n 
A 1 62  PHE 62  60  60  PHE PHE A . n 
A 1 63  GLY 63  61  61  GLY GLY A . n 
A 1 64  ASP 64  62  62  ASP ASP A . n 
A 1 65  LEU 65  63  63  LEU LEU A . n 
A 1 66  VAL 66  64  64  VAL VAL A . n 
A 1 67  ALA 67  65  65  ALA ALA A . n 
A 1 68  PHE 68  66  66  PHE PHE A . n 
A 1 69  MET 69  67  67  MET MET A . n 
A 1 70  THR 70  68  68  THR THR A . n 
A 1 71  SER 71  69  69  SER SER A . n 
A 1 72  GLY 72  70  70  GLY GLY A . n 
A 1 73  PRO 73  71  71  PRO PRO A . n 
A 1 74  VAL 74  72  72  VAL VAL A . n 
A 1 75  VAL 75  73  73  VAL VAL A . n 
A 1 76  VAL 76  74  74  VAL VAL A . n 
A 1 77  SER 77  75  75  SER SER A . n 
A 1 78  VAL 78  76  76  VAL VAL A . n 
A 1 79  LEU 79  77  77  LEU LEU A . n 
A 1 80  GLU 80  78  78  GLU GLU A . n 
A 1 81  GLY 81  79  79  GLY GLY A . n 
A 1 82  GLU 82  80  80  GLU GLU A . n 
A 1 83  ASN 83  81  81  ASN ASN A . n 
A 1 84  ALA 84  82  82  ALA ALA A . n 
A 1 85  VAL 85  83  83  VAL VAL A . n 
A 1 86  LEU 86  84  84  LEU LEU A . n 
A 1 87  ALA 87  85  85  ALA ALA A . n 
A 1 88  HIS 88  86  86  HIS HIS A . n 
A 1 89  ARG 89  87  87  ARG ARG A . n 
A 1 90  GLU 90  88  88  GLU GLU A . n 
A 1 91  ILE 91  89  89  ILE ILE A . n 
A 1 92  LEU 92  90  90  LEU LEU A . n 
A 1 93  GLY 93  91  91  GLY GLY A . n 
A 1 94  ALA 94  92  92  ALA ALA A . n 
A 1 95  THR 95  93  93  THR THR A . n 
A 1 96  ASN 96  94  94  ASN ASN A . n 
A 1 97  PRO 97  95  95  PRO PRO A . n 
A 1 98  LYS 98  96  96  LYS LYS A . n 
A 1 99  GLU 99  97  97  GLU GLU A . n 
A 1 100 ALA 100 98  98  ALA ALA A . n 
A 1 101 ALA 101 99  99  ALA ALA A . n 
A 1 102 PRO 102 100 100 PRO PRO A . n 
A 1 103 GLY 103 101 101 GLY GLY A . n 
A 1 104 THR 104 102 102 THR THR A . n 
A 1 105 ILE 105 103 103 ILE ILE A . n 
A 1 106 ARG 106 104 104 ARG ARG A . n 
A 1 107 ALA 107 105 105 ALA ALA A . n 
A 1 108 ASP 108 106 106 ASP ASP A . n 
A 1 109 PHE 109 107 107 PHE PHE A . n 
A 1 110 ALA 110 108 108 ALA ALA A . n 
A 1 111 VAL 111 109 109 VAL VAL A . n 
A 1 112 SER 112 110 110 SER SER A . n 
A 1 113 ILE 113 111 111 ILE ILE A . n 
A 1 114 ASP 114 112 112 ASP ASP A . n 
A 1 115 GLU 115 113 113 GLU GLU A . n 
A 1 116 ASN 116 114 114 ASN ASN A . n 
A 1 117 ALA 117 115 115 ALA ALA A . n 
A 1 118 ALA 118 116 116 ALA ALA A . n 
A 1 119 HIS 119 117 117 HIS HIS A . n 
A 1 120 GLY 120 118 118 GLY GLY A . n 
A 1 121 SER 121 119 119 SER SER A . n 
A 1 122 ASP 122 120 120 ASP ASP A . n 
A 1 123 SER 123 121 121 SER SER A . n 
A 1 124 VAL 124 122 122 VAL VAL A . n 
A 1 125 ALA 125 123 123 ALA ALA A . n 
A 1 126 SER 126 124 124 SER SER A . n 
A 1 127 ALA 127 125 125 ALA ALA A . n 
A 1 128 GLU 128 126 126 GLU GLU A . n 
A 1 129 ARG 129 127 127 ARG ARG A . n 
A 1 130 GLU 130 128 128 GLU GLU A . n 
A 1 131 ILE 131 129 129 ILE ILE A . n 
A 1 132 ALA 132 130 130 ALA ALA A . n 
A 1 133 TYR 133 131 131 TYR TYR A . n 
A 1 134 PHE 134 132 132 PHE PHE A . n 
A 1 135 PHE 135 133 133 PHE PHE A . n 
A 1 136 ALA 136 134 134 ALA ALA A . n 
A 1 137 ASP 137 135 135 ASP ASP A . n 
A 1 138 ASN 138 136 136 ASN ASN A . n 
A 1 139 GLU 139 137 137 GLU GLU A . n 
A 1 140 ILE 140 138 138 ILE ILE A . n 
A 1 141 CYS 141 139 ?   ?   ?   A . n 
A 1 142 PRO 142 140 ?   ?   ?   A . n 
# 
loop_
_pdbx_nonpoly_scheme.asym_id 
_pdbx_nonpoly_scheme.entity_id 
_pdbx_nonpoly_scheme.mon_id 
_pdbx_nonpoly_scheme.ndb_seq_num 
_pdbx_nonpoly_scheme.pdb_seq_num 
_pdbx_nonpoly_scheme.auth_seq_num 
_pdbx_nonpoly_scheme.pdb_mon_id 
_pdbx_nonpoly_scheme.auth_mon_id 
_pdbx_nonpoly_scheme.pdb_strand_id 
_pdbx_nonpoly_scheme.pdb_ins_code 
B 2 HOH 1  201 3  HOH HOH A . 
B 2 HOH 2  202 7  HOH HOH A . 
B 2 HOH 3  203 25 HOH HOH A . 
B 2 HOH 4  204 33 HOH HOH A . 
B 2 HOH 5  205 19 HOH HOH A . 
B 2 HOH 6  206 16 HOH HOH A . 
B 2 HOH 7  207 14 HOH HOH A . 
B 2 HOH 8  208 4  HOH HOH A . 
B 2 HOH 9  209 6  HOH HOH A . 
B 2 HOH 10 210 18 HOH HOH A . 
B 2 HOH 11 211 32 HOH HOH A . 
B 2 HOH 12 212 27 HOH HOH A . 
B 2 HOH 13 213 15 HOH HOH A . 
B 2 HOH 14 214 21 HOH HOH A . 
B 2 HOH 15 215 13 HOH HOH A . 
B 2 HOH 16 216 34 HOH HOH A . 
B 2 HOH 17 217 10 HOH HOH A . 
B 2 HOH 18 218 24 HOH HOH A . 
B 2 HOH 19 219 29 HOH HOH A . 
B 2 HOH 20 220 12 HOH HOH A . 
B 2 HOH 21 221 28 HOH HOH A . 
B 2 HOH 22 222 1  HOH HOH A . 
B 2 HOH 23 223 2  HOH HOH A . 
B 2 HOH 24 224 5  HOH HOH A . 
B 2 HOH 25 225 8  HOH HOH A . 
B 2 HOH 26 226 9  HOH HOH A . 
B 2 HOH 27 227 11 HOH HOH A . 
B 2 HOH 28 228 17 HOH HOH A . 
B 2 HOH 29 229 20 HOH HOH A . 
B 2 HOH 30 230 22 HOH HOH A . 
B 2 HOH 31 231 23 HOH HOH A . 
B 2 HOH 32 232 26 HOH HOH A . 
B 2 HOH 33 233 30 HOH HOH A . 
B 2 HOH 34 234 31 HOH HOH A . 
# 
_pdbx_struct_assembly.id                   1 
_pdbx_struct_assembly.details              author_and_software_defined_assembly 
_pdbx_struct_assembly.method_details       PISA 
_pdbx_struct_assembly.oligomeric_details   dimeric 
_pdbx_struct_assembly.oligomeric_count     2 
# 
_pdbx_struct_assembly_gen.assembly_id       1 
_pdbx_struct_assembly_gen.oper_expression   1,2 
_pdbx_struct_assembly_gen.asym_id_list      A,B 
# 
loop_
_pdbx_struct_assembly_prop.biol_id 
_pdbx_struct_assembly_prop.type 
_pdbx_struct_assembly_prop.value 
_pdbx_struct_assembly_prop.details 
1 'ABSA (A^2)' 1500  ? 
1 MORE         -8    ? 
1 'SSA (A^2)'  13330 ? 
# 
loop_
_pdbx_struct_oper_list.id 
_pdbx_struct_oper_list.type 
_pdbx_struct_oper_list.name 
_pdbx_struct_oper_list.symmetry_operation 
_pdbx_struct_oper_list.matrix[1][1] 
_pdbx_struct_oper_list.matrix[1][2] 
_pdbx_struct_oper_list.matrix[1][3] 
_pdbx_struct_oper_list.vector[1] 
_pdbx_struct_oper_list.matrix[2][1] 
_pdbx_struct_oper_list.matrix[2][2] 
_pdbx_struct_oper_list.matrix[2][3] 
_pdbx_struct_oper_list.vector[2] 
_pdbx_struct_oper_list.matrix[3][1] 
_pdbx_struct_oper_list.matrix[3][2] 
_pdbx_struct_oper_list.matrix[3][3] 
_pdbx_struct_oper_list.vector[3] 
1 'identity operation'         1_555 x,y,z   1.0000000000  0.0000000000  0.0000000000  0.0000000000  0.0000000000  1.0000000000  0.0000000000 0.0000000000  0.0000000000  0.0000000000 1.0000000000 0.0000000000  
2 'crystal symmetry operation' 3_555 -x,y,-z -0.3368854715 -0.2420014264 -0.9099140007 -4.8043629442 -0.2420014264 -0.9116823899 0.3320700672 23.1158866543 -0.9099140007 0.3320700672 0.2485678615 -9.6491760795 
# 
loop_
_pdbx_struct_special_symmetry.id 
_pdbx_struct_special_symmetry.PDB_model_num 
_pdbx_struct_special_symmetry.auth_asym_id 
_pdbx_struct_special_symmetry.auth_comp_id 
_pdbx_struct_special_symmetry.auth_seq_id 
_pdbx_struct_special_symmetry.PDB_ins_code 
_pdbx_struct_special_symmetry.label_asym_id 
_pdbx_struct_special_symmetry.label_comp_id 
_pdbx_struct_special_symmetry.label_seq_id 
1 1 A HOH 212 ? B HOH . 
2 1 A HOH 215 ? B HOH . 
# 
loop_
_pdbx_audit_revision_history.ordinal 
_pdbx_audit_revision_history.data_content_type 
_pdbx_audit_revision_history.major_revision 
_pdbx_audit_revision_history.minor_revision 
_pdbx_audit_revision_history.revision_date 
1 'Structure model' 1 0 2015-06-17 
2 'Structure model' 1 1 2023-11-08 
# 
_pdbx_audit_revision_details.ordinal             1 
_pdbx_audit_revision_details.revision_ordinal    1 
_pdbx_audit_revision_details.data_content_type   'Structure model' 
_pdbx_audit_revision_details.provider            repository 
_pdbx_audit_revision_details.type                'Initial release' 
_pdbx_audit_revision_details.description         ? 
_pdbx_audit_revision_details.details             ? 
# 
loop_
_pdbx_audit_revision_group.ordinal 
_pdbx_audit_revision_group.revision_ordinal 
_pdbx_audit_revision_group.data_content_type 
_pdbx_audit_revision_group.group 
1 2 'Structure model' 'Data collection'        
2 2 'Structure model' 'Database references'    
3 2 'Structure model' 'Derived calculations'   
4 2 'Structure model' Other                    
5 2 'Structure model' 'Refinement description' 
6 2 'Structure model' 'Source and taxonomy'    
# 
loop_
_pdbx_audit_revision_category.ordinal 
_pdbx_audit_revision_category.revision_ordinal 
_pdbx_audit_revision_category.data_content_type 
_pdbx_audit_revision_category.category 
1  2 'Structure model' chem_comp_atom                
2  2 'Structure model' chem_comp_bond                
3  2 'Structure model' database_2                    
4  2 'Structure model' entity_src_gen                
5  2 'Structure model' pdbx_database_status          
6  2 'Structure model' pdbx_initial_refinement_model 
7  2 'Structure model' pdbx_struct_assembly          
8  2 'Structure model' pdbx_struct_assembly_prop     
9  2 'Structure model' pdbx_struct_oper_list         
10 2 'Structure model' refine_hist                   
# 
loop_
_pdbx_audit_revision_item.ordinal 
_pdbx_audit_revision_item.revision_ordinal 
_pdbx_audit_revision_item.data_content_type 
_pdbx_audit_revision_item.item 
1 2 'Structure model' '_database_2.pdbx_DOI'                        
2 2 'Structure model' '_database_2.pdbx_database_accession'         
3 2 'Structure model' '_entity_src_gen.pdbx_alt_source_flag'        
4 2 'Structure model' '_pdbx_database_status.pdb_format_compatible' 
5 2 'Structure model' '_pdbx_struct_assembly.oligomeric_details'    
6 2 'Structure model' '_pdbx_struct_assembly_prop.type'             
7 2 'Structure model' '_pdbx_struct_assembly_prop.value'            
8 2 'Structure model' '_pdbx_struct_oper_list.symmetry_operation'   
# 
_software.citation_id            ? 
_software.classification         refinement 
_software.compiler_name          ? 
_software.compiler_version       ? 
_software.contact_author         ? 
_software.contact_author_email   ? 
_software.date                   ? 
_software.description            ? 
_software.dependencies           ? 
_software.hardware               ? 
_software.language               ? 
_software.location               ? 
_software.mods                   ? 
_software.name                   PHENIX 
_software.os                     ? 
_software.os_version             ? 
_software.type                   ? 
_software.version                '(phenix.refine: 1.9_1692)' 
_software.pdbx_ordinal           1 
# 
loop_
_pdbx_validate_torsion.id 
_pdbx_validate_torsion.PDB_model_num 
_pdbx_validate_torsion.auth_comp_id 
_pdbx_validate_torsion.auth_asym_id 
_pdbx_validate_torsion.auth_seq_id 
_pdbx_validate_torsion.PDB_ins_code 
_pdbx_validate_torsion.label_alt_id 
_pdbx_validate_torsion.phi 
_pdbx_validate_torsion.psi 
1 1 PHE A 0   ? ? -137.20 -41.92 
2 1 THR A 37  ? ? -173.65 147.94 
3 1 ALA A 115 ? ? 65.96   -45.62 
# 
loop_
_pdbx_unobs_or_zero_occ_residues.id 
_pdbx_unobs_or_zero_occ_residues.PDB_model_num 
_pdbx_unobs_or_zero_occ_residues.polymer_flag 
_pdbx_unobs_or_zero_occ_residues.occupancy_flag 
_pdbx_unobs_or_zero_occ_residues.auth_asym_id 
_pdbx_unobs_or_zero_occ_residues.auth_comp_id 
_pdbx_unobs_or_zero_occ_residues.auth_seq_id 
_pdbx_unobs_or_zero_occ_residues.PDB_ins_code 
_pdbx_unobs_or_zero_occ_residues.label_asym_id 
_pdbx_unobs_or_zero_occ_residues.label_comp_id 
_pdbx_unobs_or_zero_occ_residues.label_seq_id 
1 1 Y 1 A CYS 139 ? A CYS 141 
2 1 Y 1 A PRO 140 ? A PRO 142 
# 
loop_
_chem_comp_atom.comp_id 
_chem_comp_atom.atom_id 
_chem_comp_atom.type_symbol 
_chem_comp_atom.pdbx_aromatic_flag 
_chem_comp_atom.pdbx_stereo_config 
_chem_comp_atom.pdbx_ordinal 
ALA N    N N N 1   
ALA CA   C N S 2   
ALA C    C N N 3   
ALA O    O N N 4   
ALA CB   C N N 5   
ALA OXT  O N N 6   
ALA H    H N N 7   
ALA H2   H N N 8   
ALA HA   H N N 9   
ALA HB1  H N N 10  
ALA HB2  H N N 11  
ALA HB3  H N N 12  
ALA HXT  H N N 13  
ARG N    N N N 14  
ARG CA   C N S 15  
ARG C    C N N 16  
ARG O    O N N 17  
ARG CB   C N N 18  
ARG CG   C N N 19  
ARG CD   C N N 20  
ARG NE   N N N 21  
ARG CZ   C N N 22  
ARG NH1  N N N 23  
ARG NH2  N N N 24  
ARG OXT  O N N 25  
ARG H    H N N 26  
ARG H2   H N N 27  
ARG HA   H N N 28  
ARG HB2  H N N 29  
ARG HB3  H N N 30  
ARG HG2  H N N 31  
ARG HG3  H N N 32  
ARG HD2  H N N 33  
ARG HD3  H N N 34  
ARG HE   H N N 35  
ARG HH11 H N N 36  
ARG HH12 H N N 37  
ARG HH21 H N N 38  
ARG HH22 H N N 39  
ARG HXT  H N N 40  
ASN N    N N N 41  
ASN CA   C N S 42  
ASN C    C N N 43  
ASN O    O N N 44  
ASN CB   C N N 45  
ASN CG   C N N 46  
ASN OD1  O N N 47  
ASN ND2  N N N 48  
ASN OXT  O N N 49  
ASN H    H N N 50  
ASN H2   H N N 51  
ASN HA   H N N 52  
ASN HB2  H N N 53  
ASN HB3  H N N 54  
ASN HD21 H N N 55  
ASN HD22 H N N 56  
ASN HXT  H N N 57  
ASP N    N N N 58  
ASP CA   C N S 59  
ASP C    C N N 60  
ASP O    O N N 61  
ASP CB   C N N 62  
ASP CG   C N N 63  
ASP OD1  O N N 64  
ASP OD2  O N N 65  
ASP OXT  O N N 66  
ASP H    H N N 67  
ASP H2   H N N 68  
ASP HA   H N N 69  
ASP HB2  H N N 70  
ASP HB3  H N N 71  
ASP HD2  H N N 72  
ASP HXT  H N N 73  
CYS N    N N N 74  
CYS CA   C N R 75  
CYS C    C N N 76  
CYS O    O N N 77  
CYS CB   C N N 78  
CYS SG   S N N 79  
CYS OXT  O N N 80  
CYS H    H N N 81  
CYS H2   H N N 82  
CYS HA   H N N 83  
CYS HB2  H N N 84  
CYS HB3  H N N 85  
CYS HG   H N N 86  
CYS HXT  H N N 87  
GLN N    N N N 88  
GLN CA   C N S 89  
GLN C    C N N 90  
GLN O    O N N 91  
GLN CB   C N N 92  
GLN CG   C N N 93  
GLN CD   C N N 94  
GLN OE1  O N N 95  
GLN NE2  N N N 96  
GLN OXT  O N N 97  
GLN H    H N N 98  
GLN H2   H N N 99  
GLN HA   H N N 100 
GLN HB2  H N N 101 
GLN HB3  H N N 102 
GLN HG2  H N N 103 
GLN HG3  H N N 104 
GLN HE21 H N N 105 
GLN HE22 H N N 106 
GLN HXT  H N N 107 
GLU N    N N N 108 
GLU CA   C N S 109 
GLU C    C N N 110 
GLU O    O N N 111 
GLU CB   C N N 112 
GLU CG   C N N 113 
GLU CD   C N N 114 
GLU OE1  O N N 115 
GLU OE2  O N N 116 
GLU OXT  O N N 117 
GLU H    H N N 118 
GLU H2   H N N 119 
GLU HA   H N N 120 
GLU HB2  H N N 121 
GLU HB3  H N N 122 
GLU HG2  H N N 123 
GLU HG3  H N N 124 
GLU HE2  H N N 125 
GLU HXT  H N N 126 
GLY N    N N N 127 
GLY CA   C N N 128 
GLY C    C N N 129 
GLY O    O N N 130 
GLY OXT  O N N 131 
GLY H    H N N 132 
GLY H2   H N N 133 
GLY HA2  H N N 134 
GLY HA3  H N N 135 
GLY HXT  H N N 136 
HIS N    N N N 137 
HIS CA   C N S 138 
HIS C    C N N 139 
HIS O    O N N 140 
HIS CB   C N N 141 
HIS CG   C Y N 142 
HIS ND1  N Y N 143 
HIS CD2  C Y N 144 
HIS CE1  C Y N 145 
HIS NE2  N Y N 146 
HIS OXT  O N N 147 
HIS H    H N N 148 
HIS H2   H N N 149 
HIS HA   H N N 150 
HIS HB2  H N N 151 
HIS HB3  H N N 152 
HIS HD1  H N N 153 
HIS HD2  H N N 154 
HIS HE1  H N N 155 
HIS HE2  H N N 156 
HIS HXT  H N N 157 
HOH O    O N N 158 
HOH H1   H N N 159 
HOH H2   H N N 160 
ILE N    N N N 161 
ILE CA   C N S 162 
ILE C    C N N 163 
ILE O    O N N 164 
ILE CB   C N S 165 
ILE CG1  C N N 166 
ILE CG2  C N N 167 
ILE CD1  C N N 168 
ILE OXT  O N N 169 
ILE H    H N N 170 
ILE H2   H N N 171 
ILE HA   H N N 172 
ILE HB   H N N 173 
ILE HG12 H N N 174 
ILE HG13 H N N 175 
ILE HG21 H N N 176 
ILE HG22 H N N 177 
ILE HG23 H N N 178 
ILE HD11 H N N 179 
ILE HD12 H N N 180 
ILE HD13 H N N 181 
ILE HXT  H N N 182 
LEU N    N N N 183 
LEU CA   C N S 184 
LEU C    C N N 185 
LEU O    O N N 186 
LEU CB   C N N 187 
LEU CG   C N N 188 
LEU CD1  C N N 189 
LEU CD2  C N N 190 
LEU OXT  O N N 191 
LEU H    H N N 192 
LEU H2   H N N 193 
LEU HA   H N N 194 
LEU HB2  H N N 195 
LEU HB3  H N N 196 
LEU HG   H N N 197 
LEU HD11 H N N 198 
LEU HD12 H N N 199 
LEU HD13 H N N 200 
LEU HD21 H N N 201 
LEU HD22 H N N 202 
LEU HD23 H N N 203 
LEU HXT  H N N 204 
LYS N    N N N 205 
LYS CA   C N S 206 
LYS C    C N N 207 
LYS O    O N N 208 
LYS CB   C N N 209 
LYS CG   C N N 210 
LYS CD   C N N 211 
LYS CE   C N N 212 
LYS NZ   N N N 213 
LYS OXT  O N N 214 
LYS H    H N N 215 
LYS H2   H N N 216 
LYS HA   H N N 217 
LYS HB2  H N N 218 
LYS HB3  H N N 219 
LYS HG2  H N N 220 
LYS HG3  H N N 221 
LYS HD2  H N N 222 
LYS HD3  H N N 223 
LYS HE2  H N N 224 
LYS HE3  H N N 225 
LYS HZ1  H N N 226 
LYS HZ2  H N N 227 
LYS HZ3  H N N 228 
LYS HXT  H N N 229 
MET N    N N N 230 
MET CA   C N S 231 
MET C    C N N 232 
MET O    O N N 233 
MET CB   C N N 234 
MET CG   C N N 235 
MET SD   S N N 236 
MET CE   C N N 237 
MET OXT  O N N 238 
MET H    H N N 239 
MET H2   H N N 240 
MET HA   H N N 241 
MET HB2  H N N 242 
MET HB3  H N N 243 
MET HG2  H N N 244 
MET HG3  H N N 245 
MET HE1  H N N 246 
MET HE2  H N N 247 
MET HE3  H N N 248 
MET HXT  H N N 249 
PHE N    N N N 250 
PHE CA   C N S 251 
PHE C    C N N 252 
PHE O    O N N 253 
PHE CB   C N N 254 
PHE CG   C Y N 255 
PHE CD1  C Y N 256 
PHE CD2  C Y N 257 
PHE CE1  C Y N 258 
PHE CE2  C Y N 259 
PHE CZ   C Y N 260 
PHE OXT  O N N 261 
PHE H    H N N 262 
PHE H2   H N N 263 
PHE HA   H N N 264 
PHE HB2  H N N 265 
PHE HB3  H N N 266 
PHE HD1  H N N 267 
PHE HD2  H N N 268 
PHE HE1  H N N 269 
PHE HE2  H N N 270 
PHE HZ   H N N 271 
PHE HXT  H N N 272 
PRO N    N N N 273 
PRO CA   C N S 274 
PRO C    C N N 275 
PRO O    O N N 276 
PRO CB   C N N 277 
PRO CG   C N N 278 
PRO CD   C N N 279 
PRO OXT  O N N 280 
PRO H    H N N 281 
PRO HA   H N N 282 
PRO HB2  H N N 283 
PRO HB3  H N N 284 
PRO HG2  H N N 285 
PRO HG3  H N N 286 
PRO HD2  H N N 287 
PRO HD3  H N N 288 
PRO HXT  H N N 289 
SER N    N N N 290 
SER CA   C N S 291 
SER C    C N N 292 
SER O    O N N 293 
SER CB   C N N 294 
SER OG   O N N 295 
SER OXT  O N N 296 
SER H    H N N 297 
SER H2   H N N 298 
SER HA   H N N 299 
SER HB2  H N N 300 
SER HB3  H N N 301 
SER HG   H N N 302 
SER HXT  H N N 303 
THR N    N N N 304 
THR CA   C N S 305 
THR C    C N N 306 
THR O    O N N 307 
THR CB   C N R 308 
THR OG1  O N N 309 
THR CG2  C N N 310 
THR OXT  O N N 311 
THR H    H N N 312 
THR H2   H N N 313 
THR HA   H N N 314 
THR HB   H N N 315 
THR HG1  H N N 316 
THR HG21 H N N 317 
THR HG22 H N N 318 
THR HG23 H N N 319 
THR HXT  H N N 320 
TYR N    N N N 321 
TYR CA   C N S 322 
TYR C    C N N 323 
TYR O    O N N 324 
TYR CB   C N N 325 
TYR CG   C Y N 326 
TYR CD1  C Y N 327 
TYR CD2  C Y N 328 
TYR CE1  C Y N 329 
TYR CE2  C Y N 330 
TYR CZ   C Y N 331 
TYR OH   O N N 332 
TYR OXT  O N N 333 
TYR H    H N N 334 
TYR H2   H N N 335 
TYR HA   H N N 336 
TYR HB2  H N N 337 
TYR HB3  H N N 338 
TYR HD1  H N N 339 
TYR HD2  H N N 340 
TYR HE1  H N N 341 
TYR HE2  H N N 342 
TYR HH   H N N 343 
TYR HXT  H N N 344 
VAL N    N N N 345 
VAL CA   C N S 346 
VAL C    C N N 347 
VAL O    O N N 348 
VAL CB   C N N 349 
VAL CG1  C N N 350 
VAL CG2  C N N 351 
VAL OXT  O N N 352 
VAL H    H N N 353 
VAL H2   H N N 354 
VAL HA   H N N 355 
VAL HB   H N N 356 
VAL HG11 H N N 357 
VAL HG12 H N N 358 
VAL HG13 H N N 359 
VAL HG21 H N N 360 
VAL HG22 H N N 361 
VAL HG23 H N N 362 
VAL HXT  H N N 363 
# 
loop_
_chem_comp_bond.comp_id 
_chem_comp_bond.atom_id_1 
_chem_comp_bond.atom_id_2 
_chem_comp_bond.value_order 
_chem_comp_bond.pdbx_aromatic_flag 
_chem_comp_bond.pdbx_stereo_config 
_chem_comp_bond.pdbx_ordinal 
ALA N   CA   sing N N 1   
ALA N   H    sing N N 2   
ALA N   H2   sing N N 3   
ALA CA  C    sing N N 4   
ALA CA  CB   sing N N 5   
ALA CA  HA   sing N N 6   
ALA C   O    doub N N 7   
ALA C   OXT  sing N N 8   
ALA CB  HB1  sing N N 9   
ALA CB  HB2  sing N N 10  
ALA CB  HB3  sing N N 11  
ALA OXT HXT  sing N N 12  
ARG N   CA   sing N N 13  
ARG N   H    sing N N 14  
ARG N   H2   sing N N 15  
ARG CA  C    sing N N 16  
ARG CA  CB   sing N N 17  
ARG CA  HA   sing N N 18  
ARG C   O    doub N N 19  
ARG C   OXT  sing N N 20  
ARG CB  CG   sing N N 21  
ARG CB  HB2  sing N N 22  
ARG CB  HB3  sing N N 23  
ARG CG  CD   sing N N 24  
ARG CG  HG2  sing N N 25  
ARG CG  HG3  sing N N 26  
ARG CD  NE   sing N N 27  
ARG CD  HD2  sing N N 28  
ARG CD  HD3  sing N N 29  
ARG NE  CZ   sing N N 30  
ARG NE  HE   sing N N 31  
ARG CZ  NH1  sing N N 32  
ARG CZ  NH2  doub N N 33  
ARG NH1 HH11 sing N N 34  
ARG NH1 HH12 sing N N 35  
ARG NH2 HH21 sing N N 36  
ARG NH2 HH22 sing N N 37  
ARG OXT HXT  sing N N 38  
ASN N   CA   sing N N 39  
ASN N   H    sing N N 40  
ASN N   H2   sing N N 41  
ASN CA  C    sing N N 42  
ASN CA  CB   sing N N 43  
ASN CA  HA   sing N N 44  
ASN C   O    doub N N 45  
ASN C   OXT  sing N N 46  
ASN CB  CG   sing N N 47  
ASN CB  HB2  sing N N 48  
ASN CB  HB3  sing N N 49  
ASN CG  OD1  doub N N 50  
ASN CG  ND2  sing N N 51  
ASN ND2 HD21 sing N N 52  
ASN ND2 HD22 sing N N 53  
ASN OXT HXT  sing N N 54  
ASP N   CA   sing N N 55  
ASP N   H    sing N N 56  
ASP N   H2   sing N N 57  
ASP CA  C    sing N N 58  
ASP CA  CB   sing N N 59  
ASP CA  HA   sing N N 60  
ASP C   O    doub N N 61  
ASP C   OXT  sing N N 62  
ASP CB  CG   sing N N 63  
ASP CB  HB2  sing N N 64  
ASP CB  HB3  sing N N 65  
ASP CG  OD1  doub N N 66  
ASP CG  OD2  sing N N 67  
ASP OD2 HD2  sing N N 68  
ASP OXT HXT  sing N N 69  
CYS N   CA   sing N N 70  
CYS N   H    sing N N 71  
CYS N   H2   sing N N 72  
CYS CA  C    sing N N 73  
CYS CA  CB   sing N N 74  
CYS CA  HA   sing N N 75  
CYS C   O    doub N N 76  
CYS C   OXT  sing N N 77  
CYS CB  SG   sing N N 78  
CYS CB  HB2  sing N N 79  
CYS CB  HB3  sing N N 80  
CYS SG  HG   sing N N 81  
CYS OXT HXT  sing N N 82  
GLN N   CA   sing N N 83  
GLN N   H    sing N N 84  
GLN N   H2   sing N N 85  
GLN CA  C    sing N N 86  
GLN CA  CB   sing N N 87  
GLN CA  HA   sing N N 88  
GLN C   O    doub N N 89  
GLN C   OXT  sing N N 90  
GLN CB  CG   sing N N 91  
GLN CB  HB2  sing N N 92  
GLN CB  HB3  sing N N 93  
GLN CG  CD   sing N N 94  
GLN CG  HG2  sing N N 95  
GLN CG  HG3  sing N N 96  
GLN CD  OE1  doub N N 97  
GLN CD  NE2  sing N N 98  
GLN NE2 HE21 sing N N 99  
GLN NE2 HE22 sing N N 100 
GLN OXT HXT  sing N N 101 
GLU N   CA   sing N N 102 
GLU N   H    sing N N 103 
GLU N   H2   sing N N 104 
GLU CA  C    sing N N 105 
GLU CA  CB   sing N N 106 
GLU CA  HA   sing N N 107 
GLU C   O    doub N N 108 
GLU C   OXT  sing N N 109 
GLU CB  CG   sing N N 110 
GLU CB  HB2  sing N N 111 
GLU CB  HB3  sing N N 112 
GLU CG  CD   sing N N 113 
GLU CG  HG2  sing N N 114 
GLU CG  HG3  sing N N 115 
GLU CD  OE1  doub N N 116 
GLU CD  OE2  sing N N 117 
GLU OE2 HE2  sing N N 118 
GLU OXT HXT  sing N N 119 
GLY N   CA   sing N N 120 
GLY N   H    sing N N 121 
GLY N   H2   sing N N 122 
GLY CA  C    sing N N 123 
GLY CA  HA2  sing N N 124 
GLY CA  HA3  sing N N 125 
GLY C   O    doub N N 126 
GLY C   OXT  sing N N 127 
GLY OXT HXT  sing N N 128 
HIS N   CA   sing N N 129 
HIS N   H    sing N N 130 
HIS N   H2   sing N N 131 
HIS CA  C    sing N N 132 
HIS CA  CB   sing N N 133 
HIS CA  HA   sing N N 134 
HIS C   O    doub N N 135 
HIS C   OXT  sing N N 136 
HIS CB  CG   sing N N 137 
HIS CB  HB2  sing N N 138 
HIS CB  HB3  sing N N 139 
HIS CG  ND1  sing Y N 140 
HIS CG  CD2  doub Y N 141 
HIS ND1 CE1  doub Y N 142 
HIS ND1 HD1  sing N N 143 
HIS CD2 NE2  sing Y N 144 
HIS CD2 HD2  sing N N 145 
HIS CE1 NE2  sing Y N 146 
HIS CE1 HE1  sing N N 147 
HIS NE2 HE2  sing N N 148 
HIS OXT HXT  sing N N 149 
HOH O   H1   sing N N 150 
HOH O   H2   sing N N 151 
ILE N   CA   sing N N 152 
ILE N   H    sing N N 153 
ILE N   H2   sing N N 154 
ILE CA  C    sing N N 155 
ILE CA  CB   sing N N 156 
ILE CA  HA   sing N N 157 
ILE C   O    doub N N 158 
ILE C   OXT  sing N N 159 
ILE CB  CG1  sing N N 160 
ILE CB  CG2  sing N N 161 
ILE CB  HB   sing N N 162 
ILE CG1 CD1  sing N N 163 
ILE CG1 HG12 sing N N 164 
ILE CG1 HG13 sing N N 165 
ILE CG2 HG21 sing N N 166 
ILE CG2 HG22 sing N N 167 
ILE CG2 HG23 sing N N 168 
ILE CD1 HD11 sing N N 169 
ILE CD1 HD12 sing N N 170 
ILE CD1 HD13 sing N N 171 
ILE OXT HXT  sing N N 172 
LEU N   CA   sing N N 173 
LEU N   H    sing N N 174 
LEU N   H2   sing N N 175 
LEU CA  C    sing N N 176 
LEU CA  CB   sing N N 177 
LEU CA  HA   sing N N 178 
LEU C   O    doub N N 179 
LEU C   OXT  sing N N 180 
LEU CB  CG   sing N N 181 
LEU CB  HB2  sing N N 182 
LEU CB  HB3  sing N N 183 
LEU CG  CD1  sing N N 184 
LEU CG  CD2  sing N N 185 
LEU CG  HG   sing N N 186 
LEU CD1 HD11 sing N N 187 
LEU CD1 HD12 sing N N 188 
LEU CD1 HD13 sing N N 189 
LEU CD2 HD21 sing N N 190 
LEU CD2 HD22 sing N N 191 
LEU CD2 HD23 sing N N 192 
LEU OXT HXT  sing N N 193 
LYS N   CA   sing N N 194 
LYS N   H    sing N N 195 
LYS N   H2   sing N N 196 
LYS CA  C    sing N N 197 
LYS CA  CB   sing N N 198 
LYS CA  HA   sing N N 199 
LYS C   O    doub N N 200 
LYS C   OXT  sing N N 201 
LYS CB  CG   sing N N 202 
LYS CB  HB2  sing N N 203 
LYS CB  HB3  sing N N 204 
LYS CG  CD   sing N N 205 
LYS CG  HG2  sing N N 206 
LYS CG  HG3  sing N N 207 
LYS CD  CE   sing N N 208 
LYS CD  HD2  sing N N 209 
LYS CD  HD3  sing N N 210 
LYS CE  NZ   sing N N 211 
LYS CE  HE2  sing N N 212 
LYS CE  HE3  sing N N 213 
LYS NZ  HZ1  sing N N 214 
LYS NZ  HZ2  sing N N 215 
LYS NZ  HZ3  sing N N 216 
LYS OXT HXT  sing N N 217 
MET N   CA   sing N N 218 
MET N   H    sing N N 219 
MET N   H2   sing N N 220 
MET CA  C    sing N N 221 
MET CA  CB   sing N N 222 
MET CA  HA   sing N N 223 
MET C   O    doub N N 224 
MET C   OXT  sing N N 225 
MET CB  CG   sing N N 226 
MET CB  HB2  sing N N 227 
MET CB  HB3  sing N N 228 
MET CG  SD   sing N N 229 
MET CG  HG2  sing N N 230 
MET CG  HG3  sing N N 231 
MET SD  CE   sing N N 232 
MET CE  HE1  sing N N 233 
MET CE  HE2  sing N N 234 
MET CE  HE3  sing N N 235 
MET OXT HXT  sing N N 236 
PHE N   CA   sing N N 237 
PHE N   H    sing N N 238 
PHE N   H2   sing N N 239 
PHE CA  C    sing N N 240 
PHE CA  CB   sing N N 241 
PHE CA  HA   sing N N 242 
PHE C   O    doub N N 243 
PHE C   OXT  sing N N 244 
PHE CB  CG   sing N N 245 
PHE CB  HB2  sing N N 246 
PHE CB  HB3  sing N N 247 
PHE CG  CD1  doub Y N 248 
PHE CG  CD2  sing Y N 249 
PHE CD1 CE1  sing Y N 250 
PHE CD1 HD1  sing N N 251 
PHE CD2 CE2  doub Y N 252 
PHE CD2 HD2  sing N N 253 
PHE CE1 CZ   doub Y N 254 
PHE CE1 HE1  sing N N 255 
PHE CE2 CZ   sing Y N 256 
PHE CE2 HE2  sing N N 257 
PHE CZ  HZ   sing N N 258 
PHE OXT HXT  sing N N 259 
PRO N   CA   sing N N 260 
PRO N   CD   sing N N 261 
PRO N   H    sing N N 262 
PRO CA  C    sing N N 263 
PRO CA  CB   sing N N 264 
PRO CA  HA   sing N N 265 
PRO C   O    doub N N 266 
PRO C   OXT  sing N N 267 
PRO CB  CG   sing N N 268 
PRO CB  HB2  sing N N 269 
PRO CB  HB3  sing N N 270 
PRO CG  CD   sing N N 271 
PRO CG  HG2  sing N N 272 
PRO CG  HG3  sing N N 273 
PRO CD  HD2  sing N N 274 
PRO CD  HD3  sing N N 275 
PRO OXT HXT  sing N N 276 
SER N   CA   sing N N 277 
SER N   H    sing N N 278 
SER N   H2   sing N N 279 
SER CA  C    sing N N 280 
SER CA  CB   sing N N 281 
SER CA  HA   sing N N 282 
SER C   O    doub N N 283 
SER C   OXT  sing N N 284 
SER CB  OG   sing N N 285 
SER CB  HB2  sing N N 286 
SER CB  HB3  sing N N 287 
SER OG  HG   sing N N 288 
SER OXT HXT  sing N N 289 
THR N   CA   sing N N 290 
THR N   H    sing N N 291 
THR N   H2   sing N N 292 
THR CA  C    sing N N 293 
THR CA  CB   sing N N 294 
THR CA  HA   sing N N 295 
THR C   O    doub N N 296 
THR C   OXT  sing N N 297 
THR CB  OG1  sing N N 298 
THR CB  CG2  sing N N 299 
THR CB  HB   sing N N 300 
THR OG1 HG1  sing N N 301 
THR CG2 HG21 sing N N 302 
THR CG2 HG22 sing N N 303 
THR CG2 HG23 sing N N 304 
THR OXT HXT  sing N N 305 
TYR N   CA   sing N N 306 
TYR N   H    sing N N 307 
TYR N   H2   sing N N 308 
TYR CA  C    sing N N 309 
TYR CA  CB   sing N N 310 
TYR CA  HA   sing N N 311 
TYR C   O    doub N N 312 
TYR C   OXT  sing N N 313 
TYR CB  CG   sing N N 314 
TYR CB  HB2  sing N N 315 
TYR CB  HB3  sing N N 316 
TYR CG  CD1  doub Y N 317 
TYR CG  CD2  sing Y N 318 
TYR CD1 CE1  sing Y N 319 
TYR CD1 HD1  sing N N 320 
TYR CD2 CE2  doub Y N 321 
TYR CD2 HD2  sing N N 322 
TYR CE1 CZ   doub Y N 323 
TYR CE1 HE1  sing N N 324 
TYR CE2 CZ   sing Y N 325 
TYR CE2 HE2  sing N N 326 
TYR CZ  OH   sing N N 327 
TYR OH  HH   sing N N 328 
TYR OXT HXT  sing N N 329 
VAL N   CA   sing N N 330 
VAL N   H    sing N N 331 
VAL N   H2   sing N N 332 
VAL CA  C    sing N N 333 
VAL CA  CB   sing N N 334 
VAL CA  HA   sing N N 335 
VAL C   O    doub N N 336 
VAL C   OXT  sing N N 337 
VAL CB  CG1  sing N N 338 
VAL CB  CG2  sing N N 339 
VAL CB  HB   sing N N 340 
VAL CG1 HG11 sing N N 341 
VAL CG1 HG12 sing N N 342 
VAL CG1 HG13 sing N N 343 
VAL CG2 HG21 sing N N 344 
VAL CG2 HG22 sing N N 345 
VAL CG2 HG23 sing N N 346 
VAL OXT HXT  sing N N 347 
# 
_pdbx_entity_nonpoly.entity_id   2 
_pdbx_entity_nonpoly.name        water 
_pdbx_entity_nonpoly.comp_id     HOH 
# 
_pdbx_initial_refinement_model.id               1 
_pdbx_initial_refinement_model.entity_id_list   ? 
_pdbx_initial_refinement_model.type             'experimental model' 
_pdbx_initial_refinement_model.source_name      PDB 
_pdbx_initial_refinement_model.accession_code   4W98 
_pdbx_initial_refinement_model.details          ? 
# 
